data_7CS7
#
_entry.id   7CS7
#
_cell.length_a   243.609
_cell.length_b   243.609
_cell.length_c   76.027
_cell.angle_alpha   90.000
_cell.angle_beta   90.000
_cell.angle_gamma   120.000
#
_symmetry.space_group_name_H-M   'P 61'
#
loop_
_entity.id
_entity.type
_entity.pdbx_description
1 polymer 'Pinoresinol-lariciresinol reductase'
2 non-polymer (2S,3S)-2,3-bis[(3-methoxy-4-oxidanyl-phenyl)methyl]butane-1,4-diol
3 non-polymer 'NADPH DIHYDRO-NICOTINAMIDE-ADENINE-DINUCLEOTIDE PHOSPHATE'
4 water water
#
_entity_poly.entity_id   1
_entity_poly.type   'polypeptide(L)'
_entity_poly.pdbx_seq_one_letter_code
;MRENNSGEKTRVLVVGGTGTMGRRIVRACLAEGHETYVLQQPETRVDIEKVQLLYSYKRLGARLIEASFSDHQSLVSAVK
QVDIVVAAMSGVHFRSHSILVQLKLVEAIKEAGNIKRFLPSEFGMDPSRMGHAMPPGRETFDQKLEVRNAIEAAGIPHTY
VVGACFAAYFAGNLSQMGTLIPPKKKVNIYGDGNVKVVYVDEDDIAEYTAKTLDDPRTINKTVYVRPTENVLTQMELVQI
WEKLTGKELEKTNISANDFLADIEDKEIPHQAGLGHFYHIFYEGCLTDHEVGDDEEASKLYPDVKYTRMDEYLKIFL
;
_entity_poly.pdbx_strand_id   A,B,C,D,E,F
#
loop_
_chem_comp.id
_chem_comp.type
_chem_comp.name
_chem_comp.formula
GNU non-polymer (2S,3S)-2,3-bis[(3-methoxy-4-oxidanyl-phenyl)methyl]butane-1,4-diol 'C20 H26 O6'
NDP non-polymer 'NADPH DIHYDRO-NICOTINAMIDE-ADENINE-DINUCLEOTIDE PHOSPHATE' 'C21 H30 N7 O17 P3'
#
# COMPACT_ATOMS: atom_id res chain seq x y z
N SER A 6 -34.76 9.29 2.99
CA SER A 6 -34.25 8.16 3.76
C SER A 6 -33.92 8.60 5.21
N GLY A 7 -32.71 9.11 5.42
CA GLY A 7 -32.31 9.71 6.67
C GLY A 7 -32.58 11.20 6.73
N GLU A 8 -33.23 11.75 5.71
CA GLU A 8 -33.60 13.15 5.71
C GLU A 8 -34.73 13.46 6.68
N LYS A 9 -35.47 12.43 7.12
CA LYS A 9 -36.75 12.68 7.75
C LYS A 9 -36.58 13.31 9.12
N THR A 10 -37.49 14.24 9.44
CA THR A 10 -37.72 14.62 10.83
C THR A 10 -38.33 13.43 11.56
N ARG A 11 -37.80 13.07 12.74
CA ARG A 11 -38.40 12.03 13.57
C ARG A 11 -39.32 12.68 14.61
N VAL A 12 -40.60 12.33 14.57
CA VAL A 12 -41.62 12.91 15.42
C VAL A 12 -42.21 11.84 16.32
N LEU A 13 -42.30 12.13 17.60
CA LEU A 13 -43.05 11.36 18.57
C LEU A 13 -44.39 12.05 18.82
N VAL A 14 -45.48 11.34 18.56
CA VAL A 14 -46.82 11.85 18.84
C VAL A 14 -47.30 11.23 20.15
N VAL A 15 -47.67 12.08 21.08
CA VAL A 15 -48.17 11.68 22.38
C VAL A 15 -49.66 11.93 22.39
N GLY A 16 -50.42 10.94 22.81
CA GLY A 16 -51.86 10.98 22.66
C GLY A 16 -52.34 10.59 21.29
N GLY A 17 -51.65 9.66 20.64
CA GLY A 17 -51.93 9.31 19.27
C GLY A 17 -53.18 8.48 19.02
N THR A 18 -53.87 8.00 20.04
CA THR A 18 -55.17 7.36 19.82
C THR A 18 -56.34 8.31 20.07
N GLY A 19 -56.08 9.60 20.31
CA GLY A 19 -57.14 10.56 20.50
C GLY A 19 -57.72 11.06 19.20
N THR A 20 -58.83 11.79 19.33
CA THR A 20 -59.50 12.38 18.19
C THR A 20 -58.52 13.15 17.31
N MET A 21 -57.74 14.03 17.94
CA MET A 21 -56.80 14.86 17.22
C MET A 21 -55.45 14.17 17.06
N GLY A 22 -55.06 13.35 18.04
CA GLY A 22 -53.79 12.65 17.96
C GLY A 22 -53.71 11.71 16.77
N ARG A 23 -54.76 10.92 16.53
CA ARG A 23 -54.70 9.96 15.42
C ARG A 23 -54.56 10.70 14.09
N ARG A 24 -55.24 11.85 13.97
CA ARG A 24 -55.10 12.65 12.76
C ARG A 24 -53.68 13.15 12.59
N ILE A 25 -53.03 13.53 13.69
CA ILE A 25 -51.66 14.03 13.61
C ILE A 25 -50.70 12.90 13.26
N VAL A 26 -50.90 11.71 13.84
CA VAL A 26 -50.13 10.53 13.43
C VAL A 26 -50.18 10.38 11.90
N ARG A 27 -51.39 10.34 11.35
CA ARG A 27 -51.52 10.12 9.91
C ARG A 27 -50.94 11.29 9.14
N ALA A 28 -51.20 12.52 9.61
CA ALA A 28 -50.67 13.67 8.91
C ALA A 28 -49.15 13.65 8.91
N CYS A 29 -48.54 13.22 10.01
CA CYS A 29 -47.09 13.15 10.06
C CYS A 29 -46.55 12.10 9.09
N LEU A 30 -47.17 10.92 9.04
CA LEU A 30 -46.76 9.94 8.05
C LEU A 30 -46.93 10.49 6.65
N ALA A 31 -48.07 11.13 6.40
CA ALA A 31 -48.37 11.62 5.07
C ALA A 31 -47.42 12.73 4.63
N GLU A 32 -46.95 13.56 5.58
CA GLU A 32 -45.90 14.53 5.29
C GLU A 32 -44.57 13.90 4.96
N GLY A 33 -44.36 12.63 5.32
CA GLY A 33 -43.08 12.00 5.14
C GLY A 33 -42.20 11.95 6.37
N HIS A 34 -42.74 12.23 7.56
CA HIS A 34 -41.93 12.21 8.75
C HIS A 34 -41.79 10.77 9.24
N GLU A 35 -40.64 10.47 9.81
CA GLU A 35 -40.49 9.19 10.50
C GLU A 35 -41.27 9.29 11.81
N THR A 36 -42.38 8.57 11.91
CA THR A 36 -43.40 8.83 12.90
C THR A 36 -43.37 7.75 13.99
N TYR A 37 -43.22 8.19 15.23
CA TYR A 37 -43.27 7.35 16.41
C TYR A 37 -44.49 7.73 17.23
N VAL A 38 -45.12 6.74 17.84
CA VAL A 38 -46.32 6.94 18.64
C VAL A 38 -46.06 6.33 20.00
N LEU A 39 -46.32 7.11 21.05
CA LEU A 39 -46.20 6.63 22.41
C LEU A 39 -47.30 5.62 22.71
N GLN A 40 -46.91 4.43 23.14
CA GLN A 40 -47.84 3.37 23.51
C GLN A 40 -47.87 3.27 25.03
N GLN A 41 -48.95 3.65 25.61
CA GLN A 41 -49.08 3.61 27.06
C GLN A 41 -49.64 2.26 27.52
N PRO A 42 -49.29 1.83 28.73
CA PRO A 42 -49.72 0.51 29.22
C PRO A 42 -51.19 0.19 28.98
N GLU A 43 -52.04 1.23 28.96
CA GLU A 43 -53.46 1.20 28.59
C GLU A 43 -53.91 0.10 27.61
N THR A 44 -53.62 -1.18 27.89
CA THR A 44 -54.28 -2.21 27.08
C THR A 44 -55.70 -2.50 27.55
N ARG A 45 -55.96 -2.38 28.85
CA ARG A 45 -57.17 -2.81 29.57
C ARG A 45 -58.32 -3.16 28.65
N VAL A 46 -58.20 -4.25 27.91
CA VAL A 46 -59.20 -4.65 26.92
C VAL A 46 -59.83 -3.40 26.32
N ASP A 47 -58.99 -2.46 25.86
CA ASP A 47 -59.47 -1.38 25.01
C ASP A 47 -59.12 -1.78 23.58
N ILE A 48 -60.09 -2.40 22.93
CA ILE A 48 -59.87 -2.95 21.61
C ILE A 48 -59.71 -1.84 20.59
N GLU A 49 -60.34 -0.69 20.82
CA GLU A 49 -60.23 0.44 19.89
C GLU A 49 -58.83 1.04 19.91
N LYS A 50 -58.30 1.34 21.10
CA LYS A 50 -56.95 1.88 21.19
C LYS A 50 -55.93 0.93 20.57
N VAL A 51 -55.99 -0.35 20.96
CA VAL A 51 -54.99 -1.32 20.51
C VAL A 51 -54.96 -1.39 18.99
N GLN A 52 -56.11 -1.55 18.37
CA GLN A 52 -56.09 -1.77 16.93
C GLN A 52 -55.75 -0.50 16.19
N LEU A 53 -56.14 0.64 16.73
CA LEU A 53 -55.70 1.91 16.18
C LEU A 53 -54.17 2.02 16.21
N LEU A 54 -53.57 1.82 17.39
CA LEU A 54 -52.11 1.85 17.50
C LEU A 54 -51.44 0.92 16.50
N TYR A 55 -51.88 -0.35 16.46
CA TYR A 55 -51.18 -1.29 15.58
C TYR A 55 -51.51 -1.05 14.11
N SER A 56 -52.64 -0.42 13.80
CA SER A 56 -52.86 0.02 12.43
C SER A 56 -51.81 1.03 11.97
N TYR A 57 -51.20 1.79 12.88
CA TYR A 57 -50.19 2.75 12.47
C TYR A 57 -48.93 2.07 11.96
N LYS A 58 -48.54 0.94 12.56
CA LYS A 58 -47.36 0.21 12.11
C LYS A 58 -47.49 -0.24 10.68
N ARG A 59 -48.69 -0.65 10.27
CA ARG A 59 -48.91 -1.04 8.89
C ARG A 59 -48.61 0.11 7.94
N LEU A 60 -48.85 1.35 8.39
CA LEU A 60 -48.53 2.53 7.60
C LEU A 60 -47.08 2.96 7.77
N GLY A 61 -46.31 2.31 8.63
CA GLY A 61 -44.91 2.62 8.75
C GLY A 61 -44.50 3.37 10.00
N ALA A 62 -45.43 3.68 10.89
CA ALA A 62 -45.04 4.25 12.17
C ALA A 62 -44.39 3.17 13.05
N ARG A 63 -43.80 3.63 14.15
CA ARG A 63 -43.26 2.75 15.17
C ARG A 63 -43.87 3.08 16.51
N LEU A 64 -43.98 2.07 17.37
CA LEU A 64 -44.53 2.26 18.69
C LEU A 64 -43.41 2.25 19.71
N ILE A 65 -43.52 3.14 20.69
CA ILE A 65 -42.58 3.23 21.79
C ILE A 65 -43.37 3.10 23.06
N GLU A 66 -43.09 2.06 23.82
CA GLU A 66 -43.76 1.88 25.10
C GLU A 66 -43.15 2.82 26.13
N ALA A 67 -44.00 3.52 26.85
CA ALA A 67 -43.57 4.31 27.98
C ALA A 67 -44.81 4.59 28.82
N SER A 68 -44.57 5.07 30.02
CA SER A 68 -45.62 5.35 30.97
C SER A 68 -45.37 6.73 31.58
N PHE A 69 -46.43 7.51 31.73
CA PHE A 69 -46.28 8.82 32.33
C PHE A 69 -45.87 8.75 33.79
N SER A 70 -46.08 7.63 34.47
CA SER A 70 -45.65 7.48 35.85
C SER A 70 -44.22 6.95 35.97
N ASP A 71 -43.55 6.72 34.84
CA ASP A 71 -42.21 6.15 34.80
C ASP A 71 -41.31 7.18 34.09
N HIS A 72 -40.73 8.08 34.88
CA HIS A 72 -39.97 9.20 34.33
C HIS A 72 -38.87 8.74 33.38
N GLN A 73 -38.13 7.71 33.74
CA GLN A 73 -37.03 7.31 32.86
C GLN A 73 -37.51 6.68 31.56
N SER A 74 -38.74 6.14 31.52
CA SER A 74 -39.23 5.59 30.25
C SER A 74 -39.69 6.71 29.31
N LEU A 75 -40.16 7.83 29.85
CA LEU A 75 -40.40 8.99 29.00
C LEU A 75 -39.10 9.57 28.46
N VAL A 76 -38.10 9.68 29.33
CA VAL A 76 -36.79 10.12 28.88
C VAL A 76 -36.30 9.20 27.76
N SER A 77 -36.41 7.91 27.98
CA SER A 77 -35.93 6.95 26.99
C SER A 77 -36.65 7.09 25.66
N ALA A 78 -37.96 7.40 25.72
CA ALA A 78 -38.74 7.54 24.49
C ALA A 78 -38.37 8.81 23.73
N VAL A 79 -38.25 9.95 24.42
CA VAL A 79 -37.97 11.17 23.64
C VAL A 79 -36.56 11.18 23.09
N LYS A 80 -35.65 10.41 23.67
CA LYS A 80 -34.31 10.35 23.10
C LYS A 80 -34.27 9.70 21.74
N GLN A 81 -35.35 9.07 21.30
CA GLN A 81 -35.34 8.45 19.99
C GLN A 81 -35.86 9.36 18.88
N VAL A 82 -36.37 10.54 19.21
CA VAL A 82 -36.95 11.38 18.16
C VAL A 82 -36.28 12.74 18.14
N ASP A 83 -36.68 13.57 17.19
CA ASP A 83 -36.25 14.95 17.12
C ASP A 83 -37.32 15.93 17.59
N ILE A 84 -38.59 15.57 17.45
CA ILE A 84 -39.70 16.49 17.70
C ILE A 84 -40.82 15.73 18.40
N VAL A 85 -41.46 16.39 19.36
CA VAL A 85 -42.56 15.83 20.14
C VAL A 85 -43.80 16.68 19.91
N VAL A 86 -44.90 16.03 19.55
CA VAL A 86 -46.22 16.64 19.50
C VAL A 86 -47.10 15.90 20.49
N ALA A 87 -47.81 16.66 21.32
CA ALA A 87 -48.78 16.10 22.25
C ALA A 87 -50.17 16.62 21.91
N ALA A 88 -51.16 15.74 22.01
CA ALA A 88 -52.56 16.10 21.80
C ALA A 88 -53.38 15.31 22.81
N MET A 89 -53.41 15.80 24.04
CA MET A 89 -54.08 15.17 25.17
C MET A 89 -55.56 15.54 25.20
N SER A 90 -56.33 14.78 25.97
CA SER A 90 -57.69 15.21 26.31
C SER A 90 -57.68 16.64 26.87
N GLY A 91 -58.61 17.46 26.38
CA GLY A 91 -58.63 18.87 26.76
C GLY A 91 -60.01 19.46 26.91
N HIS A 97 -55.02 14.49 35.52
CA HIS A 97 -55.79 15.28 34.57
C HIS A 97 -54.92 15.77 33.38
N SER A 98 -55.42 15.47 32.18
CA SER A 98 -54.55 15.14 31.05
C SER A 98 -53.64 16.29 30.63
N ILE A 99 -54.17 17.52 30.51
CA ILE A 99 -53.33 18.61 30.06
C ILE A 99 -52.07 18.71 30.91
N LEU A 100 -52.23 18.71 32.24
CA LEU A 100 -51.08 18.87 33.13
C LEU A 100 -50.14 17.67 33.12
N VAL A 101 -50.60 16.51 32.62
CA VAL A 101 -49.72 15.36 32.42
C VAL A 101 -48.51 15.73 31.56
N GLN A 102 -48.66 16.72 30.69
CA GLN A 102 -47.57 17.17 29.83
C GLN A 102 -46.40 17.74 30.62
N LEU A 103 -46.61 18.15 31.88
CA LEU A 103 -45.47 18.63 32.67
C LEU A 103 -44.43 17.54 32.87
N LYS A 104 -44.86 16.30 33.11
CA LYS A 104 -43.92 15.19 33.17
C LYS A 104 -43.18 15.04 31.85
N LEU A 105 -43.91 15.18 30.74
CA LEU A 105 -43.28 15.14 29.42
C LEU A 105 -42.20 16.22 29.29
N VAL A 106 -42.47 17.42 29.79
CA VAL A 106 -41.49 18.50 29.70
C VAL A 106 -40.24 18.18 30.53
N GLU A 107 -40.43 17.63 31.73
CA GLU A 107 -39.28 17.23 32.53
C GLU A 107 -38.43 16.18 31.80
N ALA A 108 -39.06 15.27 31.06
CA ALA A 108 -38.29 14.27 30.35
C ALA A 108 -37.53 14.88 29.17
N ILE A 109 -38.19 15.73 28.39
CA ILE A 109 -37.53 16.42 27.29
C ILE A 109 -36.35 17.23 27.81
N LYS A 110 -36.53 17.90 28.94
CA LYS A 110 -35.47 18.73 29.50
C LYS A 110 -34.27 17.88 29.87
N GLU A 111 -34.50 16.74 30.52
CA GLU A 111 -33.36 15.90 30.86
C GLU A 111 -32.75 15.27 29.61
N ALA A 112 -33.59 14.91 28.64
CA ALA A 112 -33.08 14.27 27.42
C ALA A 112 -32.08 15.17 26.70
N GLY A 113 -32.47 16.43 26.46
CA GLY A 113 -31.57 17.39 25.85
C GLY A 113 -31.53 17.38 24.34
N ASN A 114 -32.06 16.35 23.68
CA ASN A 114 -31.90 16.18 22.24
C ASN A 114 -33.05 16.75 21.41
N ILE A 115 -34.12 17.21 22.03
CA ILE A 115 -35.35 17.52 21.32
C ILE A 115 -35.27 18.91 20.69
N LYS A 116 -35.63 19.00 19.42
CA LYS A 116 -35.51 20.27 18.72
C LYS A 116 -36.77 21.14 18.79
N ARG A 117 -37.93 20.54 19.00
CA ARG A 117 -39.15 21.31 19.12
C ARG A 117 -40.22 20.50 19.83
N PHE A 118 -40.99 21.18 20.68
CA PHE A 118 -42.15 20.62 21.35
C PHE A 118 -43.38 21.42 20.95
N LEU A 119 -44.39 20.73 20.44
CA LEU A 119 -45.71 21.29 20.19
C LEU A 119 -46.67 20.71 21.23
N PRO A 120 -47.01 21.46 22.26
CA PRO A 120 -47.91 20.94 23.30
C PRO A 120 -49.35 20.92 22.82
N SER A 121 -50.23 20.42 23.68
CA SER A 121 -51.61 20.17 23.32
C SER A 121 -52.37 21.49 23.38
N GLU A 122 -52.50 22.15 22.23
CA GLU A 122 -53.19 23.43 22.16
C GLU A 122 -54.40 23.26 21.25
N PHE A 123 -54.32 23.67 19.98
CA PHE A 123 -55.37 23.42 18.98
C PHE A 123 -56.73 23.96 19.41
N GLY A 124 -56.77 25.23 19.77
CA GLY A 124 -58.02 25.80 20.22
C GLY A 124 -57.82 27.23 20.62
N MET A 125 -58.73 27.74 21.45
CA MET A 125 -58.60 29.10 21.97
C MET A 125 -57.19 29.34 22.45
N ASP A 126 -56.64 30.50 22.09
CA ASP A 126 -55.34 30.88 22.62
C ASP A 126 -55.47 31.06 24.12
N PRO A 127 -54.85 30.20 24.92
CA PRO A 127 -54.98 30.35 26.38
C PRO A 127 -54.27 31.58 26.91
N SER A 128 -53.36 32.19 26.15
CA SER A 128 -52.68 33.39 26.62
C SER A 128 -53.59 34.58 26.64
N ARG A 129 -54.90 34.33 26.50
CA ARG A 129 -55.91 35.34 26.75
C ARG A 129 -57.01 34.71 27.60
N ASP A 142 -55.10 28.44 34.72
CA ASP A 142 -55.34 27.66 33.50
C ASP A 142 -54.18 26.72 33.17
N GLN A 143 -54.52 25.50 32.78
CA GLN A 143 -53.52 24.45 32.72
C GLN A 143 -52.67 24.52 31.45
N LYS A 144 -53.21 25.02 30.34
CA LYS A 144 -52.37 25.15 29.16
C LYS A 144 -51.24 26.16 29.39
N LEU A 145 -51.55 27.31 29.99
CA LEU A 145 -50.53 28.31 30.30
C LEU A 145 -49.47 27.75 31.24
N GLU A 146 -49.86 26.87 32.15
CA GLU A 146 -48.88 26.32 33.06
C GLU A 146 -47.88 25.44 32.31
N VAL A 147 -48.33 24.80 31.23
CA VAL A 147 -47.45 23.98 30.42
C VAL A 147 -46.57 24.86 29.55
N ARG A 148 -47.11 25.95 29.01
CA ARG A 148 -46.26 26.90 28.29
C ARG A 148 -45.13 27.41 29.19
N ASN A 149 -45.47 27.85 30.41
CA ASN A 149 -44.44 28.39 31.29
C ASN A 149 -43.36 27.36 31.57
N ALA A 150 -43.75 26.10 31.75
CA ALA A 150 -42.77 25.04 31.98
C ALA A 150 -41.89 24.84 30.75
N ILE A 151 -42.49 24.85 29.56
CA ILE A 151 -41.71 24.71 28.33
C ILE A 151 -40.69 25.83 28.22
N GLU A 152 -41.14 27.06 28.40
CA GLU A 152 -40.27 28.21 28.24
C GLU A 152 -39.26 28.29 29.37
N ALA A 153 -39.66 27.89 30.58
CA ALA A 153 -38.71 27.86 31.70
C ALA A 153 -37.55 26.92 31.38
N ALA A 154 -37.86 25.73 30.85
CA ALA A 154 -36.85 24.74 30.48
C ALA A 154 -36.10 25.09 29.21
N GLY A 155 -36.45 26.17 28.53
CA GLY A 155 -35.75 26.54 27.32
C GLY A 155 -35.97 25.61 26.15
N ILE A 156 -37.15 25.01 26.05
CA ILE A 156 -37.44 24.03 25.00
C ILE A 156 -38.10 24.76 23.83
N PRO A 157 -37.52 24.73 22.64
CA PRO A 157 -38.16 25.40 21.51
C PRO A 157 -39.54 24.83 21.27
N HIS A 158 -40.46 25.70 20.86
CA HIS A 158 -41.87 25.34 20.82
C HIS A 158 -42.53 25.93 19.60
N THR A 159 -43.71 25.41 19.31
CA THR A 159 -44.68 26.02 18.41
C THR A 159 -46.05 25.79 19.00
N TYR A 160 -46.84 26.85 19.12
CA TYR A 160 -48.20 26.78 19.65
C TYR A 160 -49.18 26.92 18.50
N VAL A 161 -49.97 25.88 18.25
CA VAL A 161 -50.94 25.87 17.16
C VAL A 161 -52.32 26.12 17.74
N VAL A 162 -52.94 27.25 17.36
CA VAL A 162 -54.11 27.77 18.05
C VAL A 162 -55.08 28.36 17.04
N GLY A 163 -56.26 28.72 17.54
CA GLY A 163 -57.14 29.64 16.85
C GLY A 163 -58.34 29.06 16.14
N ALA A 164 -58.58 27.75 16.26
CA ALA A 164 -59.60 27.08 15.47
C ALA A 164 -60.69 26.48 16.34
N CYS A 165 -61.90 26.48 15.81
CA CYS A 165 -63.01 25.66 16.26
C CYS A 165 -63.02 24.35 15.49
N PHE A 166 -62.97 23.22 16.19
CA PHE A 166 -63.04 21.94 15.51
C PHE A 166 -64.37 21.78 14.80
N ALA A 167 -64.31 21.47 13.50
CA ALA A 167 -65.53 21.34 12.70
C ALA A 167 -66.49 20.31 13.31
N ALA A 168 -65.96 19.21 13.84
CA ALA A 168 -66.85 18.16 14.30
C ALA A 168 -67.64 18.60 15.53
N TYR A 169 -67.02 19.39 16.40
CA TYR A 169 -67.71 19.82 17.60
C TYR A 169 -68.52 21.10 17.42
N PHE A 170 -68.35 21.82 16.32
CA PHE A 170 -68.99 23.13 16.19
C PHE A 170 -69.61 23.38 14.83
N ALA A 171 -69.11 22.77 13.76
CA ALA A 171 -69.72 23.01 12.48
C ALA A 171 -70.78 21.97 12.15
N GLY A 172 -70.49 20.69 12.41
CA GLY A 172 -71.40 19.63 12.00
C GLY A 172 -72.75 19.70 12.69
N ASN A 173 -72.77 20.20 13.92
CA ASN A 173 -73.98 20.46 14.68
C ASN A 173 -74.47 21.91 14.57
N LEU A 174 -73.92 22.71 13.65
CA LEU A 174 -74.34 24.11 13.52
C LEU A 174 -74.22 24.85 14.86
N SER A 175 -73.21 24.46 15.63
CA SER A 175 -72.86 25.06 16.91
C SER A 175 -73.94 24.86 17.98
N GLN A 176 -74.83 23.90 17.76
CA GLN A 176 -75.73 23.41 18.80
C GLN A 176 -74.98 22.50 19.76
N MET A 177 -75.54 22.35 20.96
CA MET A 177 -74.92 21.57 22.01
C MET A 177 -75.64 20.23 22.18
N GLY A 178 -74.90 19.24 22.66
CA GLY A 178 -75.48 17.94 22.91
C GLY A 178 -75.80 17.13 21.69
N THR A 179 -75.31 17.51 20.51
CA THR A 179 -75.38 16.66 19.33
C THR A 179 -74.24 17.02 18.41
N LEU A 180 -73.93 16.11 17.49
CA LEU A 180 -72.86 16.32 16.53
C LEU A 180 -73.35 16.33 15.11
N ILE A 181 -74.66 16.39 14.89
CA ILE A 181 -75.18 16.42 13.53
C ILE A 181 -76.17 17.56 13.40
N PRO A 182 -76.47 17.95 12.17
CA PRO A 182 -77.37 19.07 11.94
C PRO A 182 -78.73 18.84 12.57
N PRO A 183 -79.31 19.87 13.18
CA PRO A 183 -80.69 19.76 13.63
C PRO A 183 -81.63 19.71 12.43
N LYS A 184 -82.79 19.08 12.64
CA LYS A 184 -83.73 18.92 11.54
C LYS A 184 -84.70 20.09 11.40
N LYS A 185 -85.10 20.73 12.49
CA LYS A 185 -86.10 21.80 12.32
C LYS A 185 -85.69 23.13 12.94
N LYS A 186 -85.07 23.12 14.11
CA LYS A 186 -84.86 24.30 14.94
C LYS A 186 -83.38 24.50 15.26
N VAL A 187 -82.99 25.75 15.45
CA VAL A 187 -81.62 26.05 15.82
C VAL A 187 -81.59 27.25 16.77
N ASN A 188 -80.74 27.15 17.78
CA ASN A 188 -80.43 28.28 18.65
C ASN A 188 -79.32 29.13 18.03
N ILE A 189 -79.54 30.45 17.96
CA ILE A 189 -78.56 31.42 17.48
C ILE A 189 -78.07 32.21 18.68
N TYR A 190 -76.75 32.36 18.82
CA TYR A 190 -76.16 33.01 19.99
C TYR A 190 -76.02 34.49 19.71
N GLY A 191 -76.68 35.31 20.54
CA GLY A 191 -76.84 36.70 20.21
C GLY A 191 -77.58 36.83 18.89
N ASP A 192 -77.08 37.68 18.01
CA ASP A 192 -77.61 37.76 16.67
C ASP A 192 -76.92 36.83 15.69
N GLY A 193 -75.96 36.03 16.17
CA GLY A 193 -75.21 35.16 15.29
C GLY A 193 -74.35 35.88 14.28
N ASN A 194 -73.89 37.10 14.60
CA ASN A 194 -73.04 37.86 13.69
C ASN A 194 -71.61 38.04 14.24
N VAL A 195 -71.21 37.19 15.18
CA VAL A 195 -69.86 37.18 15.70
C VAL A 195 -69.03 36.18 14.90
N LYS A 196 -67.87 36.62 14.41
CA LYS A 196 -67.05 35.78 13.54
C LYS A 196 -66.34 34.70 14.33
N VAL A 197 -66.34 33.49 13.74
CA VAL A 197 -65.82 32.26 14.31
C VAL A 197 -64.94 31.58 13.25
N VAL A 198 -64.04 30.71 13.70
CA VAL A 198 -63.14 29.98 12.79
C VAL A 198 -63.46 28.48 12.85
N TYR A 199 -64.10 27.97 11.82
CA TYR A 199 -64.48 26.56 11.74
C TYR A 199 -63.47 25.81 10.88
N VAL A 200 -62.77 24.86 11.47
CA VAL A 200 -61.71 24.17 10.73
C VAL A 200 -61.87 22.66 10.91
N ASP A 201 -61.92 21.97 9.78
CA ASP A 201 -61.82 20.53 9.74
C ASP A 201 -60.55 20.08 10.46
N GLU A 202 -60.72 19.20 11.44
CA GLU A 202 -59.61 18.71 12.25
C GLU A 202 -58.50 18.08 11.42
N ASP A 203 -58.83 17.48 10.27
CA ASP A 203 -57.79 16.96 9.39
C ASP A 203 -56.85 18.07 8.92
N ASP A 204 -57.40 19.24 8.57
CA ASP A 204 -56.54 20.35 8.16
C ASP A 204 -55.69 20.83 9.31
N ILE A 205 -56.25 20.89 10.51
CA ILE A 205 -55.44 21.24 11.67
C ILE A 205 -54.26 20.29 11.78
N ALA A 206 -54.49 19.00 11.59
CA ALA A 206 -53.41 18.03 11.71
C ALA A 206 -52.37 18.22 10.61
N GLU A 207 -52.79 18.49 9.38
CA GLU A 207 -51.81 18.72 8.31
C GLU A 207 -51.00 20.00 8.54
N TYR A 208 -51.65 21.10 8.94
CA TYR A 208 -50.88 22.31 9.28
C TYR A 208 -49.87 22.01 10.38
N THR A 209 -50.28 21.22 11.37
CA THR A 209 -49.37 20.85 12.45
C THR A 209 -48.17 20.09 11.92
N ALA A 210 -48.41 19.08 11.06
CA ALA A 210 -47.32 18.32 10.47
C ALA A 210 -46.42 19.18 9.59
N LYS A 211 -46.98 20.17 8.90
CA LYS A 211 -46.16 21.04 8.07
C LYS A 211 -45.34 22.03 8.89
N THR A 212 -45.86 22.49 10.02
CA THR A 212 -45.22 23.56 10.76
C THR A 212 -44.19 23.06 11.77
N LEU A 213 -44.20 21.77 12.12
CA LEU A 213 -43.40 21.34 13.25
C LEU A 213 -41.90 21.31 12.98
N ASP A 214 -41.47 21.29 11.71
CA ASP A 214 -40.06 21.48 11.38
C ASP A 214 -39.83 22.72 10.52
N ASP A 215 -40.81 23.62 10.45
CA ASP A 215 -40.68 24.83 9.67
C ASP A 215 -39.83 25.83 10.45
N PRO A 216 -38.66 26.23 9.95
CA PRO A 216 -37.87 27.24 10.67
C PRO A 216 -38.63 28.54 10.89
N ARG A 217 -39.55 28.90 10.00
CA ARG A 217 -40.31 30.13 10.16
C ARG A 217 -41.15 30.16 11.42
N THR A 218 -41.49 29.01 12.01
CA THR A 218 -42.46 29.01 13.10
C THR A 218 -41.86 28.52 14.40
N ILE A 219 -40.54 28.41 14.48
CA ILE A 219 -39.91 28.04 15.73
C ILE A 219 -40.14 29.14 16.76
N ASN A 220 -40.64 28.76 17.94
CA ASN A 220 -40.92 29.69 19.04
C ASN A 220 -42.02 30.70 18.68
N LYS A 221 -42.92 30.32 17.80
CA LYS A 221 -44.01 31.19 17.43
C LYS A 221 -45.34 30.54 17.75
N THR A 222 -46.36 31.38 17.79
CA THR A 222 -47.74 30.93 17.76
C THR A 222 -48.19 30.91 16.32
N VAL A 223 -48.76 29.79 15.89
CA VAL A 223 -49.30 29.67 14.56
C VAL A 223 -50.81 29.66 14.70
N TYR A 224 -51.47 30.62 14.07
CA TYR A 224 -52.92 30.72 14.09
C TYR A 224 -53.47 29.97 12.88
N VAL A 225 -54.42 29.08 13.14
CA VAL A 225 -55.08 28.34 12.08
C VAL A 225 -56.36 29.12 11.76
N ARG A 226 -56.28 30.00 10.77
CA ARG A 226 -57.40 30.85 10.37
C ARG A 226 -57.53 30.85 8.86
N PRO A 227 -57.98 29.76 8.27
CA PRO A 227 -58.18 29.73 6.82
C PRO A 227 -59.27 30.70 6.43
N THR A 228 -58.95 31.60 5.50
CA THR A 228 -59.74 32.81 5.29
C THR A 228 -61.19 32.49 5.02
N GLU A 229 -61.47 31.55 4.13
CA GLU A 229 -62.86 31.35 3.77
C GLU A 229 -63.66 30.66 4.86
N ASN A 230 -63.01 30.18 5.91
CA ASN A 230 -63.71 29.50 7.00
C ASN A 230 -63.94 30.42 8.20
N VAL A 231 -63.64 31.70 8.06
CA VAL A 231 -63.99 32.71 9.08
C VAL A 231 -65.44 33.11 8.82
N LEU A 232 -66.35 32.67 9.69
CA LEU A 232 -67.77 32.75 9.42
C LEU A 232 -68.52 33.04 10.70
N THR A 233 -69.61 33.79 10.59
CA THR A 233 -70.52 33.90 11.72
C THR A 233 -71.32 32.62 11.86
N GLN A 234 -71.92 32.42 13.02
CA GLN A 234 -72.82 31.28 13.17
C GLN A 234 -73.94 31.32 12.14
N MET A 235 -74.55 32.49 11.98
CA MET A 235 -75.62 32.63 11.00
C MET A 235 -75.13 32.33 9.60
N GLU A 236 -73.88 32.69 9.29
CA GLU A 236 -73.32 32.30 8.00
C GLU A 236 -73.18 30.79 7.87
N LEU A 237 -72.76 30.12 8.95
CA LEU A 237 -72.70 28.67 8.94
C LEU A 237 -74.08 28.06 8.76
N VAL A 238 -75.07 28.58 9.49
CA VAL A 238 -76.44 28.07 9.35
C VAL A 238 -76.94 28.31 7.94
N GLN A 239 -76.64 29.47 7.35
CA GLN A 239 -77.10 29.77 6.01
C GLN A 239 -76.43 28.89 4.96
N ILE A 240 -75.19 28.48 5.21
CA ILE A 240 -74.58 27.48 4.34
C ILE A 240 -75.39 26.20 4.35
N TRP A 241 -75.82 25.77 5.53
CA TRP A 241 -76.61 24.55 5.62
C TRP A 241 -77.95 24.70 4.92
N GLU A 242 -78.65 25.83 5.16
CA GLU A 242 -79.96 26.01 4.56
C GLU A 242 -79.88 26.04 3.04
N LYS A 243 -78.80 26.59 2.50
CA LYS A 243 -78.65 26.55 1.05
C LYS A 243 -78.37 25.13 0.55
N LEU A 244 -77.77 24.28 1.37
CA LEU A 244 -77.53 22.90 0.95
C LEU A 244 -78.81 22.08 1.00
N THR A 245 -79.60 22.23 2.06
CA THR A 245 -80.83 21.47 2.19
C THR A 245 -82.02 22.15 1.54
N GLY A 246 -81.94 23.45 1.30
CA GLY A 246 -83.11 24.19 0.85
C GLY A 246 -84.22 24.29 1.86
N LYS A 247 -83.92 24.16 3.15
CA LYS A 247 -84.90 24.26 4.23
C LYS A 247 -84.47 25.35 5.18
N GLU A 248 -85.39 26.27 5.49
CA GLU A 248 -85.15 27.28 6.50
C GLU A 248 -85.35 26.68 7.88
N LEU A 249 -84.38 26.82 8.75
CA LEU A 249 -84.55 26.41 10.14
C LEU A 249 -85.21 27.51 10.96
N GLU A 250 -85.96 27.10 11.99
CA GLU A 250 -86.62 28.06 12.86
C GLU A 250 -85.62 28.53 13.91
N LYS A 251 -85.32 29.82 13.90
CA LYS A 251 -84.24 30.36 14.72
C LYS A 251 -84.77 30.97 16.01
N THR A 252 -84.09 30.64 17.11
CA THR A 252 -84.35 31.26 18.40
C THR A 252 -83.07 31.93 18.87
N ASN A 253 -83.09 33.25 18.99
CA ASN A 253 -81.91 33.99 19.43
C ASN A 253 -81.77 33.95 20.95
N ILE A 254 -80.58 33.63 21.41
CA ILE A 254 -80.28 33.53 22.83
C ILE A 254 -79.33 34.65 23.19
N SER A 255 -79.75 35.53 24.09
CA SER A 255 -78.97 36.69 24.47
C SER A 255 -77.84 36.31 25.41
N ALA A 256 -76.85 37.19 25.48
CA ALA A 256 -75.72 36.98 26.37
C ALA A 256 -76.16 36.68 27.80
N ASN A 257 -77.23 37.33 28.27
CA ASN A 257 -77.61 37.15 29.68
C ASN A 257 -78.38 35.85 29.90
N ASP A 258 -79.27 35.50 28.98
CA ASP A 258 -79.92 34.19 29.05
C ASP A 258 -78.89 33.07 29.11
N PHE A 259 -77.80 33.21 28.35
CA PHE A 259 -76.60 32.38 28.50
C PHE A 259 -76.00 32.71 29.87
N LEU A 260 -76.64 32.17 30.91
CA LEU A 260 -76.46 32.63 32.29
C LEU A 260 -75.10 33.23 32.57
N GLN A 271 -70.37 23.59 32.53
CA GLN A 271 -70.27 24.81 33.32
C GLN A 271 -69.13 25.71 32.80
N ALA A 272 -67.91 25.20 32.76
CA ALA A 272 -66.82 25.85 32.02
C ALA A 272 -66.60 24.99 30.79
N GLY A 273 -66.98 25.51 29.63
CA GLY A 273 -67.31 24.70 28.47
C GLY A 273 -68.50 25.37 27.81
N LEU A 274 -69.53 25.63 28.61
CA LEU A 274 -70.39 26.77 28.31
C LEU A 274 -69.61 28.07 28.39
N GLY A 275 -68.61 28.15 29.27
CA GLY A 275 -67.76 29.31 29.31
C GLY A 275 -66.89 29.44 28.07
N HIS A 276 -66.31 28.32 27.63
CA HIS A 276 -65.60 28.33 26.36
C HIS A 276 -66.50 28.85 25.25
N PHE A 277 -67.70 28.29 25.17
CA PHE A 277 -68.68 28.69 24.17
C PHE A 277 -68.96 30.18 24.21
N TYR A 278 -69.12 30.74 25.40
CA TYR A 278 -69.43 32.15 25.50
C TYR A 278 -68.29 33.01 24.94
N HIS A 279 -67.05 32.62 25.23
CA HIS A 279 -65.92 33.40 24.72
C HIS A 279 -65.82 33.34 23.19
N ILE A 280 -66.19 32.21 22.59
CA ILE A 280 -66.08 32.09 21.14
C ILE A 280 -67.20 32.86 20.46
N PHE A 281 -68.42 32.63 20.91
CA PHE A 281 -69.61 33.03 20.16
C PHE A 281 -70.19 34.37 20.60
N TYR A 282 -69.93 34.79 21.84
CA TYR A 282 -70.40 36.10 22.26
C TYR A 282 -69.30 37.14 22.22
N GLU A 283 -68.10 36.81 22.65
CA GLU A 283 -66.99 37.77 22.66
C GLU A 283 -66.13 37.75 21.39
N GLY A 284 -66.32 36.77 20.50
CA GLY A 284 -65.55 36.76 19.25
C GLY A 284 -64.06 36.54 19.45
N CYS A 285 -63.70 35.70 20.41
CA CYS A 285 -62.32 35.63 20.84
C CYS A 285 -61.39 34.98 19.80
N LEU A 286 -61.94 34.24 18.82
CA LEU A 286 -61.09 33.65 17.81
C LEU A 286 -60.78 34.61 16.67
N THR A 287 -61.53 35.70 16.53
CA THR A 287 -61.39 36.58 15.38
C THR A 287 -61.15 38.04 15.73
N ASP A 288 -61.02 38.41 17.00
CA ASP A 288 -61.00 39.81 17.34
C ASP A 288 -59.63 40.45 17.20
N HIS A 289 -58.58 39.67 16.94
CA HIS A 289 -57.25 40.20 16.64
C HIS A 289 -56.83 39.73 15.28
N GLU A 290 -56.39 40.66 14.43
CA GLU A 290 -55.85 40.26 13.15
C GLU A 290 -54.54 39.51 13.35
N VAL A 291 -54.18 38.70 12.36
CA VAL A 291 -52.98 37.87 12.39
C VAL A 291 -52.23 38.12 11.09
N GLY A 292 -50.90 38.17 11.17
CA GLY A 292 -50.11 38.36 9.98
C GLY A 292 -49.96 37.10 9.14
N ASP A 293 -49.66 37.29 7.85
CA ASP A 293 -49.40 36.16 6.96
C ASP A 293 -48.23 35.31 7.44
N ASP A 294 -47.23 35.93 8.05
CA ASP A 294 -46.11 35.16 8.58
C ASP A 294 -46.47 34.33 9.80
N GLU A 295 -47.74 34.32 10.22
CA GLU A 295 -48.12 33.60 11.43
C GLU A 295 -49.48 32.92 11.29
N GLU A 296 -50.04 32.86 10.10
CA GLU A 296 -51.33 32.23 9.87
C GLU A 296 -51.14 31.02 8.96
N ALA A 297 -51.66 29.87 9.41
CA ALA A 297 -51.35 28.58 8.78
C ALA A 297 -51.65 28.56 7.28
N SER A 298 -52.79 29.10 6.86
CA SER A 298 -53.12 28.94 5.44
C SER A 298 -52.25 29.81 4.54
N LYS A 299 -51.70 30.90 5.06
CA LYS A 299 -50.73 31.68 4.31
C LYS A 299 -49.34 31.05 4.35
N LEU A 300 -48.97 30.45 5.48
CA LEU A 300 -47.68 29.76 5.57
C LEU A 300 -47.64 28.54 4.67
N TYR A 301 -48.75 27.80 4.58
CA TYR A 301 -48.81 26.55 3.83
C TYR A 301 -49.98 26.65 2.87
N PRO A 302 -49.81 27.41 1.80
CA PRO A 302 -50.93 27.66 0.87
C PRO A 302 -51.27 26.46 0.03
N ASP A 303 -50.43 25.44 0.03
CA ASP A 303 -50.69 24.21 -0.70
C ASP A 303 -51.75 23.33 -0.02
N VAL A 304 -52.01 23.51 1.27
CA VAL A 304 -53.08 22.76 1.93
C VAL A 304 -54.42 23.30 1.43
N LYS A 305 -55.15 22.48 0.68
CA LYS A 305 -56.46 22.92 0.17
C LYS A 305 -57.48 22.58 1.25
N TYR A 306 -57.62 23.49 2.20
CA TYR A 306 -58.42 23.22 3.38
C TYR A 306 -59.88 23.05 3.00
N THR A 307 -60.59 22.27 3.80
CA THR A 307 -61.98 21.97 3.54
C THR A 307 -62.84 23.18 3.91
N ARG A 308 -63.54 23.73 2.93
CA ARG A 308 -64.55 24.75 3.18
C ARG A 308 -65.77 24.12 3.85
N MET A 309 -66.54 24.93 4.58
CA MET A 309 -67.62 24.37 5.37
C MET A 309 -68.81 23.94 4.52
N ASP A 310 -69.00 24.49 3.32
CA ASP A 310 -70.02 23.91 2.47
C ASP A 310 -69.64 22.48 2.08
N GLU A 311 -68.36 22.26 1.76
CA GLU A 311 -67.92 20.91 1.50
C GLU A 311 -68.03 20.03 2.75
N TYR A 312 -67.53 20.52 3.88
CA TYR A 312 -67.60 19.73 5.11
C TYR A 312 -69.02 19.27 5.43
N LEU A 313 -70.01 20.15 5.22
CA LEU A 313 -71.35 19.83 5.63
C LEU A 313 -72.07 18.87 4.68
N LYS A 314 -71.52 18.62 3.48
CA LYS A 314 -72.25 17.80 2.53
C LYS A 314 -72.43 16.37 3.03
N ILE A 315 -71.49 15.87 3.83
CA ILE A 315 -71.58 14.49 4.27
C ILE A 315 -72.83 14.26 5.11
N PHE A 316 -73.40 15.31 5.69
CA PHE A 316 -74.59 15.12 6.52
C PHE A 316 -75.89 15.20 5.72
N LEU A 317 -75.83 15.50 4.44
CA LEU A 317 -77.04 15.72 3.67
C LEU A 317 -77.91 14.46 3.58
N SER B 6 48.85 -40.80 -17.00
CA SER B 6 48.83 -39.46 -17.59
C SER B 6 47.53 -39.22 -18.37
N GLY B 7 47.25 -40.13 -19.32
CA GLY B 7 46.05 -40.03 -20.14
C GLY B 7 45.34 -41.36 -20.30
N GLU B 8 45.61 -42.30 -19.39
CA GLU B 8 44.92 -43.58 -19.32
C GLU B 8 43.96 -43.66 -18.14
N LYS B 9 43.75 -42.54 -17.43
CA LYS B 9 42.87 -42.53 -16.27
C LYS B 9 41.41 -42.52 -16.72
N THR B 10 40.60 -43.30 -16.02
CA THR B 10 39.16 -43.09 -16.12
C THR B 10 38.83 -41.66 -15.70
N ARG B 11 38.00 -40.98 -16.49
CA ARG B 11 37.45 -39.69 -16.07
C ARG B 11 36.10 -39.92 -15.40
N VAL B 12 35.94 -39.36 -14.20
CA VAL B 12 34.79 -39.64 -13.35
C VAL B 12 34.11 -38.34 -12.96
N LEU B 13 32.80 -38.28 -13.16
CA LEU B 13 31.95 -37.19 -12.72
C LEU B 13 31.21 -37.63 -11.45
N VAL B 14 31.37 -36.86 -10.38
CA VAL B 14 30.70 -37.08 -9.11
C VAL B 14 29.58 -36.07 -8.97
N VAL B 15 28.37 -36.53 -8.70
CA VAL B 15 27.19 -35.67 -8.57
C VAL B 15 26.72 -35.79 -7.14
N GLY B 16 26.37 -34.65 -6.53
CA GLY B 16 26.21 -34.60 -5.08
C GLY B 16 27.51 -34.64 -4.32
N GLY B 17 28.58 -34.06 -4.88
CA GLY B 17 29.91 -34.16 -4.31
C GLY B 17 30.14 -33.38 -3.03
N THR B 18 29.21 -32.52 -2.60
CA THR B 18 29.37 -31.91 -1.28
C THR B 18 28.52 -32.62 -0.23
N GLY B 19 27.88 -33.74 -0.60
CA GLY B 19 27.18 -34.54 0.37
C GLY B 19 28.13 -35.34 1.22
N THR B 20 27.53 -36.04 2.19
CA THR B 20 28.32 -36.81 3.14
C THR B 20 29.08 -37.92 2.43
N MET B 21 28.40 -38.68 1.56
CA MET B 21 29.09 -39.73 0.81
C MET B 21 29.77 -39.17 -0.43
N GLY B 22 29.14 -38.17 -1.07
CA GLY B 22 29.75 -37.57 -2.24
C GLY B 22 31.15 -37.05 -2.00
N ARG B 23 31.34 -36.30 -0.90
CA ARG B 23 32.67 -35.72 -0.66
C ARG B 23 33.72 -36.82 -0.54
N ARG B 24 33.39 -37.91 0.15
CA ARG B 24 34.35 -39.00 0.33
C ARG B 24 34.63 -39.69 -0.99
N ILE B 25 33.60 -39.83 -1.84
CA ILE B 25 33.77 -40.40 -3.17
C ILE B 25 34.69 -39.54 -4.02
N VAL B 26 34.49 -38.21 -3.97
CA VAL B 26 35.40 -37.30 -4.70
C VAL B 26 36.83 -37.57 -4.28
N ARG B 27 37.08 -37.61 -2.98
CA ARG B 27 38.45 -37.78 -2.51
C ARG B 27 38.94 -39.18 -2.84
N ALA B 28 38.09 -40.20 -2.65
CA ALA B 28 38.48 -41.57 -2.98
C ALA B 28 38.83 -41.72 -4.46
N CYS B 29 38.07 -41.09 -5.34
CA CYS B 29 38.40 -41.15 -6.77
C CYS B 29 39.75 -40.50 -7.05
N LEU B 30 40.04 -39.39 -6.38
CA LEU B 30 41.32 -38.71 -6.55
C LEU B 30 42.47 -39.56 -6.06
N ALA B 31 42.32 -40.20 -4.89
CA ALA B 31 43.36 -41.09 -4.41
C ALA B 31 43.49 -42.34 -5.27
N GLU B 32 42.45 -42.72 -5.98
CA GLU B 32 42.54 -43.82 -6.93
C GLU B 32 43.29 -43.43 -8.18
N GLY B 33 43.55 -42.15 -8.41
CA GLY B 33 44.20 -41.69 -9.61
C GLY B 33 43.27 -41.40 -10.77
N HIS B 34 41.97 -41.37 -10.54
CA HIS B 34 41.04 -40.99 -11.60
C HIS B 34 41.09 -39.47 -11.78
N GLU B 35 40.92 -39.04 -13.02
CA GLU B 35 40.75 -37.63 -13.33
C GLU B 35 39.32 -37.26 -12.94
N THR B 36 39.17 -36.47 -11.89
CA THR B 36 37.91 -36.39 -11.17
C THR B 36 37.25 -35.04 -11.44
N TYR B 37 35.99 -35.09 -11.87
CA TYR B 37 35.15 -33.92 -12.06
C TYR B 37 34.00 -33.96 -11.05
N VAL B 38 33.60 -32.78 -10.57
CA VAL B 38 32.55 -32.61 -9.57
C VAL B 38 31.50 -31.66 -10.14
N LEU B 39 30.24 -32.05 -10.06
CA LEU B 39 29.17 -31.21 -10.56
C LEU B 39 28.92 -30.06 -9.59
N GLN B 40 28.92 -28.84 -10.13
CA GLN B 40 28.74 -27.61 -9.34
C GLN B 40 27.42 -26.97 -9.76
N GLN B 41 26.41 -27.13 -8.93
CA GLN B 41 25.09 -26.56 -9.15
C GLN B 41 25.08 -25.07 -8.77
N PRO B 42 24.28 -24.27 -9.46
CA PRO B 42 24.14 -22.86 -9.08
C PRO B 42 23.82 -22.71 -7.61
N GLU B 43 24.40 -21.69 -6.99
CA GLU B 43 24.18 -21.48 -5.56
C GLU B 43 22.70 -21.29 -5.28
N THR B 44 22.23 -21.94 -4.22
CA THR B 44 20.85 -21.80 -3.75
C THR B 44 20.70 -20.72 -2.69
N ARG B 45 21.79 -20.33 -2.04
CA ARG B 45 21.86 -19.31 -1.02
C ARG B 45 23.32 -18.91 -0.87
N VAL B 46 23.60 -18.09 0.14
CA VAL B 46 24.97 -17.89 0.58
C VAL B 46 25.30 -19.08 1.47
N ASP B 47 26.18 -19.97 0.98
CA ASP B 47 26.48 -21.25 1.64
C ASP B 47 28.00 -21.41 1.66
N ILE B 48 28.63 -20.87 2.71
CA ILE B 48 30.08 -20.84 2.81
C ILE B 48 30.65 -22.25 2.86
N GLU B 49 29.95 -23.17 3.53
CA GLU B 49 30.43 -24.54 3.66
C GLU B 49 30.50 -25.21 2.29
N LYS B 50 29.40 -25.14 1.54
CA LYS B 50 29.34 -25.81 0.25
C LYS B 50 30.36 -25.23 -0.71
N VAL B 51 30.47 -23.90 -0.77
CA VAL B 51 31.38 -23.28 -1.71
C VAL B 51 32.82 -23.64 -1.37
N GLN B 52 33.19 -23.56 -0.10
CA GLN B 52 34.59 -23.81 0.23
C GLN B 52 34.94 -25.28 0.08
N LEU B 53 33.99 -26.15 0.39
CA LEU B 53 34.20 -27.57 0.13
C LEU B 53 34.42 -27.82 -1.36
N LEU B 54 33.53 -27.29 -2.20
CA LEU B 54 33.67 -27.42 -3.65
C LEU B 54 35.06 -27.00 -4.12
N TYR B 55 35.46 -25.78 -3.79
CA TYR B 55 36.73 -25.27 -4.28
C TYR B 55 37.91 -25.96 -3.62
N SER B 56 37.75 -26.53 -2.42
CA SER B 56 38.84 -27.33 -1.86
C SER B 56 39.18 -28.52 -2.76
N TYR B 57 38.22 -29.07 -3.50
CA TYR B 57 38.53 -30.20 -4.37
C TYR B 57 39.50 -29.81 -5.49
N LYS B 58 39.42 -28.56 -5.97
CA LYS B 58 40.35 -28.11 -6.99
C LYS B 58 41.78 -28.20 -6.50
N ARG B 59 42.01 -27.85 -5.23
CA ARG B 59 43.35 -27.93 -4.64
C ARG B 59 43.87 -29.34 -4.60
N LEU B 60 42.99 -30.34 -4.62
CA LEU B 60 43.40 -31.73 -4.67
C LEU B 60 43.55 -32.27 -6.10
N GLY B 61 43.34 -31.44 -7.12
CA GLY B 61 43.45 -31.91 -8.49
C GLY B 61 42.15 -32.24 -9.19
N ALA B 62 41.01 -31.94 -8.59
CA ALA B 62 39.72 -32.14 -9.23
C ALA B 62 39.35 -30.92 -10.05
N ARG B 63 38.45 -31.13 -10.99
CA ARG B 63 37.87 -30.05 -11.79
C ARG B 63 36.38 -29.96 -11.48
N LEU B 64 35.87 -28.74 -11.47
CA LEU B 64 34.46 -28.48 -11.25
C LEU B 64 33.78 -28.23 -12.59
N ILE B 65 32.53 -28.68 -12.69
CA ILE B 65 31.73 -28.47 -13.89
C ILE B 65 30.42 -27.86 -13.46
N GLU B 66 30.16 -26.66 -13.94
CA GLU B 66 28.89 -26.00 -13.68
C GLU B 66 27.80 -26.57 -14.58
N ALA B 67 26.72 -26.99 -13.95
CA ALA B 67 25.54 -27.47 -14.63
C ALA B 67 24.39 -27.33 -13.66
N SER B 68 23.18 -27.34 -14.19
CA SER B 68 21.97 -27.26 -13.40
C SER B 68 21.03 -28.36 -13.86
N PHE B 69 20.39 -29.01 -12.90
CA PHE B 69 19.46 -30.09 -13.23
C PHE B 69 18.28 -29.61 -14.05
N SER B 70 17.91 -28.34 -13.95
CA SER B 70 16.81 -27.78 -14.76
C SER B 70 17.26 -27.28 -16.12
N ASP B 71 18.49 -27.58 -16.52
CA ASP B 71 19.03 -27.17 -17.82
C ASP B 71 19.62 -28.44 -18.42
N HIS B 72 18.80 -29.14 -19.21
CA HIS B 72 19.16 -30.44 -19.76
C HIS B 72 20.47 -30.37 -20.54
N GLN B 73 20.61 -29.35 -21.39
CA GLN B 73 21.82 -29.27 -22.21
C GLN B 73 23.08 -29.11 -21.36
N SER B 74 22.99 -28.46 -20.20
CA SER B 74 24.17 -28.37 -19.35
C SER B 74 24.50 -29.72 -18.73
N LEU B 75 23.50 -30.56 -18.45
CA LEU B 75 23.79 -31.92 -17.99
C LEU B 75 24.48 -32.71 -19.08
N VAL B 76 24.00 -32.59 -20.32
CA VAL B 76 24.58 -33.32 -21.43
C VAL B 76 26.05 -32.94 -21.60
N SER B 77 26.32 -31.64 -21.65
CA SER B 77 27.71 -31.19 -21.80
C SER B 77 28.57 -31.69 -20.65
N ALA B 78 28.04 -31.69 -19.44
CA ALA B 78 28.82 -32.18 -18.31
C ALA B 78 29.25 -33.62 -18.55
N VAL B 79 28.31 -34.50 -18.88
CA VAL B 79 28.67 -35.92 -18.96
C VAL B 79 29.49 -36.26 -20.20
N LYS B 80 29.50 -35.39 -21.21
CA LYS B 80 30.35 -35.67 -22.37
C LYS B 80 31.83 -35.51 -22.06
N GLN B 81 32.17 -34.93 -20.92
CA GLN B 81 33.57 -34.75 -20.59
C GLN B 81 34.13 -35.89 -19.76
N VAL B 82 33.34 -36.91 -19.45
CA VAL B 82 33.83 -37.97 -18.60
C VAL B 82 33.47 -39.32 -19.21
N ASP B 83 33.98 -40.37 -18.57
CA ASP B 83 33.69 -41.74 -18.94
C ASP B 83 32.73 -42.42 -17.99
N ILE B 84 32.71 -42.02 -16.72
CA ILE B 84 31.94 -42.70 -15.69
C ILE B 84 31.25 -41.65 -14.84
N VAL B 85 30.03 -41.94 -14.41
CA VAL B 85 29.28 -41.03 -13.56
C VAL B 85 28.91 -41.77 -12.28
N VAL B 86 29.16 -41.12 -11.14
CA VAL B 86 28.71 -41.56 -9.82
C VAL B 86 27.86 -40.43 -9.23
N ALA B 87 26.68 -40.77 -8.72
CA ALA B 87 25.83 -39.82 -8.04
C ALA B 87 25.60 -40.30 -6.61
N ALA B 88 25.49 -39.35 -5.70
CA ALA B 88 25.29 -39.66 -4.29
C ALA B 88 24.44 -38.55 -3.66
N MET B 89 23.23 -38.37 -4.14
CA MET B 89 22.38 -37.33 -3.60
C MET B 89 21.69 -37.79 -2.34
N SER B 90 21.22 -36.82 -1.56
CA SER B 90 20.43 -37.08 -0.37
C SER B 90 19.40 -38.16 -0.63
N GLY B 91 19.29 -39.09 0.32
CA GLY B 91 18.36 -40.18 0.21
C GLY B 91 17.24 -40.11 1.24
N VAL B 92 17.39 -39.22 2.22
CA VAL B 92 16.45 -39.08 3.35
C VAL B 92 15.00 -39.40 2.97
N PHE B 94 12.76 -43.44 1.43
CA PHE B 94 12.18 -44.30 0.41
C PHE B 94 11.56 -43.47 -0.70
N ARG B 95 11.17 -42.25 -0.33
CA ARG B 95 10.54 -41.29 -1.25
C ARG B 95 10.97 -39.86 -0.88
N HIS B 97 12.54 -36.41 -2.49
CA HIS B 97 12.43 -36.63 -3.93
C HIS B 97 13.75 -36.36 -4.68
N SER B 98 14.85 -36.16 -3.94
CA SER B 98 16.12 -35.84 -4.59
C SER B 98 16.70 -37.05 -5.30
N ILE B 99 16.41 -38.26 -4.80
CA ILE B 99 16.80 -39.49 -5.51
C ILE B 99 16.30 -39.44 -6.96
N LEU B 100 15.03 -39.05 -7.13
CA LEU B 100 14.44 -39.00 -8.47
C LEU B 100 15.03 -37.90 -9.35
N VAL B 101 15.85 -37.00 -8.82
CA VAL B 101 16.47 -36.05 -9.71
C VAL B 101 17.45 -36.75 -10.65
N GLN B 102 17.94 -37.93 -10.28
CA GLN B 102 18.79 -38.70 -11.17
C GLN B 102 18.11 -39.03 -12.49
N LEU B 103 16.78 -39.06 -12.54
CA LEU B 103 16.12 -39.33 -13.81
C LEU B 103 16.53 -38.34 -14.88
N LYS B 104 16.72 -37.08 -14.53
CA LYS B 104 17.15 -36.10 -15.52
C LYS B 104 18.59 -36.36 -15.93
N LEU B 105 19.36 -36.93 -15.03
CA LEU B 105 20.73 -37.26 -15.33
C LEU B 105 20.81 -38.51 -16.21
N VAL B 106 19.90 -39.47 -16.01
CA VAL B 106 19.84 -40.63 -16.89
C VAL B 106 19.54 -40.18 -18.32
N GLU B 107 18.58 -39.26 -18.47
CA GLU B 107 18.24 -38.77 -19.79
C GLU B 107 19.41 -38.06 -20.44
N ALA B 108 20.26 -37.40 -19.65
CA ALA B 108 21.39 -36.70 -20.24
C ALA B 108 22.49 -37.68 -20.63
N ILE B 109 22.76 -38.66 -19.76
CA ILE B 109 23.69 -39.72 -20.13
C ILE B 109 23.21 -40.44 -21.38
N LYS B 110 21.91 -40.73 -21.45
CA LYS B 110 21.40 -41.42 -22.63
C LYS B 110 21.73 -40.64 -23.89
N GLU B 111 21.43 -39.34 -23.91
CA GLU B 111 21.66 -38.55 -25.11
C GLU B 111 23.16 -38.38 -25.39
N ALA B 112 23.98 -38.25 -24.36
CA ALA B 112 25.41 -38.04 -24.62
C ALA B 112 26.03 -39.29 -25.22
N GLY B 113 25.63 -40.47 -24.76
CA GLY B 113 26.01 -41.71 -25.39
C GLY B 113 27.42 -42.20 -25.11
N ASN B 114 28.25 -41.40 -24.45
CA ASN B 114 29.66 -41.72 -24.31
C ASN B 114 30.02 -42.39 -22.99
N ILE B 115 29.05 -42.66 -22.12
CA ILE B 115 29.35 -43.03 -20.74
C ILE B 115 29.48 -44.54 -20.62
N LYS B 116 30.59 -44.99 -20.04
CA LYS B 116 30.84 -46.41 -19.89
C LYS B 116 30.18 -47.01 -18.66
N ARG B 117 29.85 -46.20 -17.66
CA ARG B 117 29.16 -46.76 -16.50
C ARG B 117 28.57 -45.64 -15.65
N PHE B 118 27.40 -45.92 -15.09
CA PHE B 118 26.71 -45.03 -14.17
C PHE B 118 26.56 -45.74 -12.83
N LEU B 119 27.05 -45.14 -11.76
CA LEU B 119 26.73 -45.64 -10.43
C LEU B 119 25.74 -44.69 -9.77
N PRO B 120 24.47 -45.08 -9.68
CA PRO B 120 23.46 -44.21 -9.06
C PRO B 120 23.61 -44.13 -7.56
N SER B 121 22.80 -43.25 -6.95
CA SER B 121 22.89 -42.99 -5.51
C SER B 121 22.25 -44.15 -4.76
N GLU B 122 23.09 -45.10 -4.32
CA GLU B 122 22.61 -46.25 -3.58
C GLU B 122 23.26 -46.22 -2.21
N PHE B 123 24.25 -47.06 -1.93
CA PHE B 123 25.06 -47.00 -0.73
C PHE B 123 24.27 -47.31 0.54
N GLY B 124 23.11 -47.94 0.42
CA GLY B 124 22.40 -48.38 1.61
C GLY B 124 21.81 -49.76 1.47
N MET B 125 20.65 -49.97 2.10
CA MET B 125 19.88 -51.18 1.89
C MET B 125 19.68 -51.43 0.40
N ASP B 126 19.64 -52.68 0.01
CA ASP B 126 19.31 -52.96 -1.38
C ASP B 126 17.83 -52.69 -1.58
N PRO B 127 17.45 -51.68 -2.37
CA PRO B 127 16.03 -51.37 -2.51
C PRO B 127 15.21 -52.50 -3.12
N SER B 128 15.84 -53.46 -3.81
CA SER B 128 15.10 -54.60 -4.35
C SER B 128 14.84 -55.68 -3.29
N ARG B 129 14.51 -55.29 -2.07
CA ARG B 129 14.00 -56.21 -1.03
C ARG B 129 12.99 -55.49 -0.11
N ASP B 142 12.03 -47.31 -2.74
CA ASP B 142 11.05 -47.15 -3.80
C ASP B 142 11.62 -46.32 -4.95
N GLN B 143 12.13 -45.12 -4.66
CA GLN B 143 12.58 -44.26 -5.74
C GLN B 143 13.86 -44.78 -6.39
N LYS B 144 14.73 -45.42 -5.63
CA LYS B 144 15.97 -45.91 -6.21
C LYS B 144 15.70 -47.02 -7.22
N LEU B 145 14.67 -47.85 -6.98
CA LEU B 145 14.29 -48.82 -7.99
C LEU B 145 13.81 -48.11 -9.24
N GLU B 146 13.03 -47.04 -9.06
CA GLU B 146 12.59 -46.29 -10.23
C GLU B 146 13.78 -45.80 -11.03
N VAL B 147 14.84 -45.36 -10.35
CA VAL B 147 16.03 -44.91 -11.07
C VAL B 147 16.70 -46.10 -11.76
N ARG B 148 16.81 -47.24 -11.07
CA ARG B 148 17.35 -48.45 -11.70
C ARG B 148 16.61 -48.76 -13.00
N ASN B 149 15.27 -48.78 -12.95
CA ASN B 149 14.51 -49.17 -14.14
C ASN B 149 14.83 -48.25 -15.31
N ALA B 150 15.04 -46.96 -15.05
CA ALA B 150 15.32 -46.01 -16.11
C ALA B 150 16.74 -46.17 -16.64
N ILE B 151 17.71 -46.37 -15.75
CA ILE B 151 19.06 -46.75 -16.17
C ILE B 151 19.00 -47.95 -17.12
N GLU B 152 18.33 -49.01 -16.68
CA GLU B 152 18.31 -50.26 -17.43
C GLU B 152 17.52 -50.14 -18.72
N ALA B 153 16.44 -49.36 -18.75
CA ALA B 153 15.70 -49.18 -19.98
C ALA B 153 16.49 -48.35 -20.99
N ALA B 154 17.38 -47.50 -20.52
CA ALA B 154 18.21 -46.69 -21.41
C ALA B 154 19.41 -47.46 -21.92
N GLY B 155 19.67 -48.65 -21.40
CA GLY B 155 20.86 -49.39 -21.78
C GLY B 155 22.16 -48.82 -21.23
N ILE B 156 22.10 -48.10 -20.13
CA ILE B 156 23.34 -47.57 -19.55
C ILE B 156 23.94 -48.63 -18.65
N PRO B 157 25.20 -49.03 -18.85
CA PRO B 157 25.82 -49.98 -17.91
C PRO B 157 25.93 -49.37 -16.52
N HIS B 158 25.83 -50.22 -15.51
CA HIS B 158 25.63 -49.76 -14.16
C HIS B 158 26.43 -50.62 -13.20
N THR B 159 26.60 -50.12 -11.99
CA THR B 159 27.00 -50.90 -10.83
C THR B 159 26.23 -50.35 -9.65
N TYR B 160 25.59 -51.22 -8.88
CA TYR B 160 24.84 -50.81 -7.70
C TYR B 160 25.65 -51.19 -6.45
N VAL B 161 26.07 -50.19 -5.67
CA VAL B 161 26.83 -50.41 -4.43
C VAL B 161 25.87 -50.34 -3.25
N VAL B 162 25.77 -51.42 -2.46
CA VAL B 162 24.69 -51.59 -1.50
C VAL B 162 25.18 -52.41 -0.31
N GLY B 163 24.31 -52.50 0.70
CA GLY B 163 24.37 -53.52 1.72
C GLY B 163 25.00 -53.19 3.05
N ALA B 164 25.21 -51.91 3.39
CA ALA B 164 25.92 -51.60 4.62
C ALA B 164 25.32 -50.42 5.35
N CYS B 165 25.41 -50.47 6.69
CA CYS B 165 25.10 -49.33 7.54
C CYS B 165 26.31 -48.41 7.67
N PHE B 166 26.10 -47.11 7.42
CA PHE B 166 27.13 -46.11 7.68
C PHE B 166 27.57 -46.17 9.14
N ALA B 167 28.88 -46.33 9.37
CA ALA B 167 29.39 -46.34 10.73
C ALA B 167 29.00 -45.09 11.51
N ALA B 168 28.92 -43.94 10.84
CA ALA B 168 28.62 -42.71 11.55
C ALA B 168 27.18 -42.69 12.04
N TYR B 169 26.26 -43.25 11.27
CA TYR B 169 24.86 -43.22 11.67
C TYR B 169 24.44 -44.39 12.54
N PHE B 170 25.26 -45.43 12.66
CA PHE B 170 24.85 -46.62 13.39
C PHE B 170 25.91 -47.19 14.31
N ALA B 171 27.19 -46.98 14.07
CA ALA B 171 28.18 -47.57 14.95
C ALA B 171 28.59 -46.60 16.07
N GLY B 172 28.89 -45.35 15.73
CA GLY B 172 29.40 -44.42 16.72
C GLY B 172 28.45 -44.14 17.88
N ASN B 173 27.14 -44.19 17.62
CA ASN B 173 26.12 -44.02 18.65
C ASN B 173 25.63 -45.37 19.20
N LEU B 174 26.37 -46.45 18.96
CA LEU B 174 25.92 -47.78 19.35
C LEU B 174 24.50 -48.05 18.86
N SER B 175 24.15 -47.50 17.70
CA SER B 175 22.85 -47.70 17.07
C SER B 175 21.71 -47.11 17.89
N GLN B 176 22.00 -46.06 18.66
CA GLN B 176 20.96 -45.27 19.31
C GLN B 176 20.53 -44.14 18.38
N MET B 177 19.29 -43.73 18.52
CA MET B 177 18.73 -42.70 17.66
C MET B 177 18.83 -41.32 18.30
N GLY B 178 18.75 -40.29 17.47
CA GLY B 178 18.84 -38.92 17.93
C GLY B 178 20.23 -38.43 18.32
N THR B 179 21.21 -39.32 18.40
CA THR B 179 22.57 -38.92 18.73
C THR B 179 23.54 -39.64 17.81
N LEU B 180 24.75 -39.10 17.69
CA LEU B 180 25.80 -39.70 16.89
C LEU B 180 27.03 -40.11 17.69
N ILE B 181 26.95 -40.11 19.02
CA ILE B 181 28.10 -40.52 19.82
C ILE B 181 27.66 -41.54 20.86
N PRO B 182 28.61 -42.28 21.43
CA PRO B 182 28.28 -43.33 22.38
C PRO B 182 27.55 -42.77 23.58
N PRO B 183 26.54 -43.49 24.08
CA PRO B 183 25.86 -43.05 25.30
C PRO B 183 26.73 -43.25 26.53
N LYS B 184 26.35 -42.54 27.59
CA LYS B 184 27.19 -42.52 28.79
C LYS B 184 26.92 -43.72 29.68
N LYS B 185 25.67 -44.05 29.93
CA LYS B 185 25.41 -45.27 30.69
C LYS B 185 24.29 -46.16 30.15
N LYS B 186 23.23 -45.63 29.56
CA LYS B 186 22.07 -46.44 29.18
C LYS B 186 21.97 -46.56 27.66
N VAL B 187 21.85 -47.79 27.18
CA VAL B 187 21.84 -48.11 25.76
C VAL B 187 20.65 -49.02 25.47
N ASN B 188 19.78 -48.57 24.56
CA ASN B 188 18.72 -49.45 24.05
C ASN B 188 19.33 -50.65 23.33
N ILE B 189 18.84 -51.84 23.64
CA ILE B 189 19.20 -53.04 22.88
C ILE B 189 17.96 -53.54 22.16
N TYR B 190 18.05 -53.61 20.84
CA TYR B 190 16.88 -53.92 20.02
C TYR B 190 16.66 -55.44 19.97
N GLY B 191 15.45 -55.86 20.31
CA GLY B 191 15.19 -57.27 20.52
C GLY B 191 16.28 -57.86 21.39
N ASP B 192 16.64 -59.10 21.09
CA ASP B 192 17.83 -59.65 21.73
C ASP B 192 19.06 -58.84 21.37
N GLY B 193 19.05 -58.19 20.21
CA GLY B 193 20.29 -57.65 19.69
C GLY B 193 21.29 -58.73 19.33
N ASN B 194 20.83 -59.85 18.79
CA ASN B 194 21.68 -60.82 18.10
C ASN B 194 21.21 -61.00 16.65
N VAL B 195 20.83 -59.91 16.01
CA VAL B 195 20.59 -59.84 14.57
C VAL B 195 21.86 -59.27 13.93
N LYS B 196 22.52 -60.07 13.10
CA LYS B 196 23.73 -59.59 12.45
C LYS B 196 23.43 -58.36 11.59
N VAL B 197 24.30 -57.36 11.69
CA VAL B 197 24.21 -56.11 10.95
C VAL B 197 25.59 -55.84 10.37
N VAL B 198 25.65 -55.03 9.31
CA VAL B 198 26.92 -54.69 8.65
C VAL B 198 27.26 -53.23 8.98
N TYR B 199 28.37 -53.04 9.69
CA TYR B 199 28.83 -51.73 10.16
C TYR B 199 30.05 -51.31 9.33
N VAL B 200 29.92 -50.30 8.49
CA VAL B 200 31.03 -49.97 7.59
C VAL B 200 31.37 -48.49 7.64
N ASP B 201 32.64 -48.20 7.87
CA ASP B 201 33.20 -46.88 7.71
C ASP B 201 32.87 -46.30 6.33
N GLU B 202 32.19 -45.16 6.32
CA GLU B 202 31.83 -44.50 5.06
C GLU B 202 33.04 -44.26 4.17
N ASP B 203 34.23 -44.09 4.75
CA ASP B 203 35.41 -43.92 3.89
C ASP B 203 35.68 -45.18 3.09
N ASP B 204 35.47 -46.34 3.69
CA ASP B 204 35.70 -47.61 2.99
C ASP B 204 34.69 -47.82 1.87
N ILE B 205 33.42 -47.50 2.13
CA ILE B 205 32.41 -47.54 1.07
C ILE B 205 32.84 -46.70 -0.12
N ALA B 206 33.27 -45.46 0.16
CA ALA B 206 33.73 -44.59 -0.91
C ALA B 206 34.94 -45.18 -1.62
N GLU B 207 35.88 -45.75 -0.86
CA GLU B 207 37.04 -46.34 -1.50
C GLU B 207 36.65 -47.57 -2.33
N TYR B 208 35.86 -48.47 -1.75
CA TYR B 208 35.31 -49.57 -2.54
C TYR B 208 34.67 -49.05 -3.80
N THR B 209 33.94 -47.93 -3.69
CA THR B 209 33.25 -47.37 -4.83
C THR B 209 34.24 -46.94 -5.90
N ALA B 210 35.29 -46.21 -5.49
CA ALA B 210 36.28 -45.74 -6.45
C ALA B 210 37.00 -46.89 -7.13
N LYS B 211 37.10 -48.04 -6.46
CA LYS B 211 37.80 -49.18 -7.04
C LYS B 211 36.88 -49.98 -7.97
N THR B 212 35.60 -50.05 -7.65
CA THR B 212 34.71 -50.86 -8.46
C THR B 212 34.33 -50.17 -9.77
N LEU B 213 34.36 -48.83 -9.82
CA LEU B 213 33.62 -48.13 -10.87
C LEU B 213 34.17 -48.38 -12.28
N ASP B 214 35.41 -48.86 -12.43
CA ASP B 214 35.88 -49.30 -13.74
C ASP B 214 36.39 -50.73 -13.71
N ASP B 215 35.98 -51.50 -12.71
CA ASP B 215 36.38 -52.89 -12.62
C ASP B 215 35.55 -53.73 -13.58
N PRO B 216 36.17 -54.44 -14.53
CA PRO B 216 35.37 -55.20 -15.50
C PRO B 216 34.50 -56.27 -14.84
N ARG B 217 34.93 -56.83 -13.71
CA ARG B 217 34.17 -57.83 -12.97
C ARG B 217 32.85 -57.33 -12.40
N THR B 218 32.59 -56.02 -12.35
CA THR B 218 31.37 -55.56 -11.71
C THR B 218 30.44 -54.78 -12.60
N ILE B 219 30.73 -54.66 -13.89
CA ILE B 219 29.82 -53.98 -14.79
C ILE B 219 28.46 -54.70 -14.78
N ASN B 220 27.38 -53.93 -14.67
CA ASN B 220 26.03 -54.46 -14.63
C ASN B 220 25.82 -55.43 -13.50
N LYS B 221 26.54 -55.21 -12.41
CA LYS B 221 26.46 -56.04 -11.22
C LYS B 221 26.00 -55.21 -10.03
N THR B 222 25.47 -55.90 -9.03
CA THR B 222 25.33 -55.35 -7.69
C THR B 222 26.53 -55.75 -6.85
N VAL B 223 27.21 -54.78 -6.26
CA VAL B 223 28.32 -55.06 -5.36
C VAL B 223 27.82 -54.86 -3.93
N TYR B 224 27.98 -55.88 -3.10
CA TYR B 224 27.66 -55.80 -1.68
C TYR B 224 28.90 -55.43 -0.89
N VAL B 225 28.77 -54.41 -0.05
CA VAL B 225 29.83 -54.01 0.86
C VAL B 225 29.56 -54.72 2.19
N ARG B 226 30.19 -55.88 2.41
CA ARG B 226 29.99 -56.63 3.65
C ARG B 226 31.32 -57.15 4.17
N PRO B 227 32.17 -56.26 4.68
CA PRO B 227 33.47 -56.70 5.19
C PRO B 227 33.29 -57.68 6.35
N THR B 228 33.98 -58.81 6.25
CA THR B 228 33.63 -59.98 7.06
C THR B 228 33.64 -59.66 8.55
N GLU B 229 34.73 -59.10 9.04
CA GLU B 229 34.83 -58.86 10.48
C GLU B 229 33.92 -57.73 10.98
N ASN B 230 33.25 -57.01 10.08
CA ASN B 230 32.32 -55.96 10.47
C ASN B 230 30.87 -56.40 10.45
N VAL B 231 30.63 -57.70 10.26
CA VAL B 231 29.31 -58.29 10.43
C VAL B 231 29.14 -58.61 11.90
N LEU B 232 28.29 -57.86 12.57
CA LEU B 232 28.24 -57.87 14.02
C LEU B 232 26.82 -57.61 14.43
N THR B 233 26.36 -58.33 15.45
CA THR B 233 25.13 -57.92 16.08
C THR B 233 25.35 -56.67 16.92
N GLN B 234 24.28 -55.89 17.09
CA GLN B 234 24.37 -54.72 17.95
C GLN B 234 25.06 -55.04 19.27
N MET B 235 24.60 -56.10 19.93
CA MET B 235 25.19 -56.52 21.19
C MET B 235 26.70 -56.72 21.04
N GLU B 236 27.13 -57.32 19.93
CA GLU B 236 28.56 -57.47 19.69
C GLU B 236 29.27 -56.12 19.63
N LEU B 237 28.63 -55.14 18.99
CA LEU B 237 29.26 -53.82 18.87
C LEU B 237 29.39 -53.17 20.24
N VAL B 238 28.30 -53.18 21.01
CA VAL B 238 28.34 -52.67 22.37
C VAL B 238 29.48 -53.31 23.16
N GLN B 239 29.67 -54.62 23.03
CA GLN B 239 30.74 -55.26 23.79
C GLN B 239 32.11 -54.78 23.35
N ILE B 240 32.26 -54.46 22.06
CA ILE B 240 33.50 -53.83 21.63
C ILE B 240 33.71 -52.52 22.38
N TRP B 241 32.64 -51.74 22.55
CA TRP B 241 32.74 -50.44 23.21
C TRP B 241 32.98 -50.62 24.70
N GLU B 242 32.17 -51.45 25.36
CA GLU B 242 32.39 -51.74 26.77
C GLU B 242 33.81 -52.23 27.00
N LYS B 243 34.31 -53.08 26.11
CA LYS B 243 35.71 -53.46 26.20
C LYS B 243 36.61 -52.24 26.07
N LEU B 244 36.18 -51.23 25.32
CA LEU B 244 37.00 -50.04 25.17
C LEU B 244 36.98 -49.18 26.44
N THR B 245 35.78 -48.99 27.01
CA THR B 245 35.59 -48.16 28.20
C THR B 245 35.79 -48.93 29.50
N GLY B 246 35.64 -50.25 29.50
CA GLY B 246 35.66 -50.98 30.74
C GLY B 246 34.40 -50.87 31.56
N LYS B 247 33.37 -50.23 31.03
CA LYS B 247 32.12 -50.04 31.76
C LYS B 247 30.98 -50.69 30.99
N GLU B 248 30.11 -51.37 31.72
CA GLU B 248 28.91 -51.94 31.14
C GLU B 248 27.80 -50.92 31.19
N LEU B 249 26.88 -51.01 30.24
CA LEU B 249 25.82 -50.04 30.08
C LEU B 249 24.47 -50.64 30.46
N GLU B 250 23.49 -49.76 30.69
CA GLU B 250 22.18 -50.15 31.20
C GLU B 250 21.24 -50.43 30.02
N LYS B 251 20.97 -51.71 29.78
CA LYS B 251 20.37 -52.18 28.53
C LYS B 251 18.87 -52.38 28.70
N THR B 252 18.08 -51.75 27.83
CA THR B 252 16.62 -51.75 27.89
C THR B 252 16.09 -52.34 26.59
N ASN B 253 15.88 -53.67 26.59
CA ASN B 253 15.49 -54.38 25.39
C ASN B 253 14.13 -53.89 24.89
N ILE B 254 14.07 -53.60 23.60
CA ILE B 254 12.82 -53.28 22.92
C ILE B 254 12.45 -54.45 22.02
N SER B 255 11.16 -54.73 21.92
CA SER B 255 10.62 -55.80 21.09
C SER B 255 9.96 -55.19 19.85
N ALA B 256 9.60 -56.06 18.92
CA ALA B 256 9.22 -55.59 17.59
C ALA B 256 7.97 -54.71 17.62
N ASN B 257 7.03 -54.98 18.52
CA ASN B 257 5.81 -54.16 18.54
C ASN B 257 5.97 -52.91 19.41
N ASP B 258 6.81 -52.98 20.46
CA ASP B 258 7.27 -51.74 21.09
C ASP B 258 7.64 -50.76 19.97
N PHE B 259 8.54 -51.20 19.09
CA PHE B 259 8.68 -50.57 17.79
C PHE B 259 7.32 -50.48 17.11
N LEU B 260 6.71 -49.30 17.13
CA LEU B 260 5.38 -49.13 16.56
C LEU B 260 5.40 -49.40 15.06
N ALA B 272 11.81 -39.66 11.55
CA ALA B 272 13.13 -40.25 11.33
C ALA B 272 13.09 -41.37 10.30
N GLY B 273 13.86 -42.43 10.56
CA GLY B 273 13.91 -43.61 9.70
C GLY B 273 13.61 -44.88 10.45
N LEU B 274 12.58 -44.85 11.30
CA LEU B 274 12.22 -46.03 12.06
C LEU B 274 11.87 -47.19 11.15
N GLY B 275 11.42 -46.89 9.93
CA GLY B 275 11.24 -47.92 8.92
C GLY B 275 12.50 -48.73 8.72
N HIS B 276 13.58 -48.05 8.29
CA HIS B 276 14.83 -48.75 8.05
C HIS B 276 15.25 -49.56 9.27
N PHE B 277 15.20 -48.95 10.45
CA PHE B 277 15.70 -49.58 11.67
C PHE B 277 15.11 -50.97 11.85
N TYR B 278 13.79 -51.07 11.69
CA TYR B 278 13.13 -52.35 11.89
C TYR B 278 13.74 -53.42 11.00
N HIS B 279 13.76 -53.15 9.68
CA HIS B 279 14.35 -54.08 8.72
C HIS B 279 15.74 -54.52 9.16
N ILE B 280 16.56 -53.56 9.58
CA ILE B 280 17.97 -53.85 9.82
C ILE B 280 18.15 -54.68 11.09
N PHE B 281 17.63 -54.17 12.22
CA PHE B 281 17.99 -54.76 13.49
C PHE B 281 17.02 -55.83 13.97
N TYR B 282 15.80 -55.86 13.45
CA TYR B 282 14.90 -56.96 13.75
C TYR B 282 14.81 -57.96 12.60
N GLU B 283 14.48 -57.50 11.39
CA GLU B 283 14.37 -58.43 10.27
C GLU B 283 15.74 -58.94 9.82
N GLY B 284 16.79 -58.13 9.96
CA GLY B 284 18.12 -58.59 9.59
C GLY B 284 18.41 -58.52 8.11
N CYS B 285 17.68 -57.67 7.37
CA CYS B 285 17.75 -57.62 5.92
C CYS B 285 19.16 -57.53 5.36
N LEU B 286 20.11 -56.99 6.11
CA LEU B 286 21.46 -56.88 5.59
C LEU B 286 22.23 -58.18 5.72
N THR B 287 21.64 -59.21 6.33
CA THR B 287 22.38 -60.44 6.55
C THR B 287 21.58 -61.71 6.33
N ASP B 288 20.30 -61.63 5.94
CA ASP B 288 19.48 -62.82 5.78
C ASP B 288 19.72 -63.54 4.43
N HIS B 289 20.83 -63.26 3.76
CA HIS B 289 21.11 -63.82 2.44
C HIS B 289 22.61 -63.88 2.25
N GLU B 290 23.08 -64.99 1.70
CA GLU B 290 24.50 -65.09 1.39
C GLU B 290 24.84 -64.13 0.27
N VAL B 291 26.12 -63.77 0.20
CA VAL B 291 26.64 -62.96 -0.89
C VAL B 291 27.93 -63.62 -1.33
N GLY B 292 28.14 -63.71 -2.64
CA GLY B 292 29.30 -64.41 -3.14
C GLY B 292 30.55 -63.56 -3.19
N ASP B 293 31.70 -64.21 -3.09
CA ASP B 293 32.97 -63.50 -3.17
C ASP B 293 33.08 -62.66 -4.44
N ASP B 294 32.52 -63.10 -5.56
CA ASP B 294 32.68 -62.31 -6.77
C ASP B 294 31.75 -61.10 -6.82
N GLU B 295 31.00 -60.84 -5.74
CA GLU B 295 30.10 -59.70 -5.64
C GLU B 295 30.17 -59.01 -4.26
N GLU B 296 31.20 -59.29 -3.46
CA GLU B 296 31.34 -58.69 -2.13
C GLU B 296 32.61 -57.85 -2.09
N ALA B 297 32.45 -56.58 -1.66
CA ALA B 297 33.50 -55.58 -1.84
C ALA B 297 34.83 -56.00 -1.23
N SER B 298 34.82 -56.56 -0.02
CA SER B 298 36.08 -56.87 0.62
C SER B 298 36.77 -58.08 0.00
N LYS B 299 36.04 -58.94 -0.72
CA LYS B 299 36.67 -60.01 -1.48
C LYS B 299 37.18 -59.51 -2.83
N LEU B 300 36.45 -58.58 -3.46
CA LEU B 300 36.90 -58.02 -4.73
C LEU B 300 38.13 -57.16 -4.56
N TYR B 301 38.21 -56.40 -3.47
CA TYR B 301 39.29 -55.44 -3.24
C TYR B 301 39.92 -55.74 -1.89
N PRO B 302 40.67 -56.85 -1.80
CA PRO B 302 41.21 -57.28 -0.50
C PRO B 302 42.28 -56.35 0.03
N ASP B 303 42.90 -55.56 -0.82
CA ASP B 303 43.92 -54.61 -0.39
C ASP B 303 43.33 -53.42 0.36
N VAL B 304 42.01 -53.30 0.45
CA VAL B 304 41.41 -52.23 1.25
C VAL B 304 41.36 -52.72 2.70
N LYS B 305 42.22 -52.15 3.53
CA LYS B 305 42.30 -52.52 4.95
C LYS B 305 41.19 -51.78 5.69
N TYR B 306 39.99 -52.36 5.68
CA TYR B 306 38.84 -51.63 6.17
C TYR B 306 38.91 -51.44 7.67
N THR B 307 38.20 -50.42 8.14
CA THR B 307 38.20 -50.06 9.55
C THR B 307 37.29 -51.01 10.30
N ARG B 308 37.85 -51.78 11.23
CA ARG B 308 37.00 -52.58 12.09
C ARG B 308 36.39 -51.67 13.15
N MET B 309 35.26 -52.09 13.69
CA MET B 309 34.54 -51.18 14.57
C MET B 309 35.30 -50.89 15.86
N ASP B 310 36.20 -51.77 16.29
CA ASP B 310 37.01 -51.44 17.45
C ASP B 310 37.90 -50.24 17.17
N GLU B 311 38.57 -50.22 16.02
CA GLU B 311 39.32 -49.04 15.64
C GLU B 311 38.39 -47.85 15.43
N TYR B 312 37.28 -48.05 14.71
CA TYR B 312 36.36 -46.94 14.46
C TYR B 312 35.93 -46.24 15.74
N LEU B 313 35.79 -46.98 16.83
CA LEU B 313 35.20 -46.40 18.02
C LEU B 313 36.21 -45.66 18.88
N LYS B 314 37.51 -45.89 18.68
CA LYS B 314 38.52 -45.32 19.56
C LYS B 314 38.49 -43.80 19.58
N ILE B 315 37.99 -43.15 18.52
CA ILE B 315 37.99 -41.70 18.49
C ILE B 315 37.01 -41.11 19.50
N PHE B 316 36.02 -41.86 19.93
CA PHE B 316 35.08 -41.32 20.89
C PHE B 316 35.54 -41.49 22.33
N LEU B 317 36.60 -42.27 22.57
CA LEU B 317 37.05 -42.52 23.92
C LEU B 317 37.52 -41.24 24.63
N SER C 6 -8.76 16.64 -21.31
CA SER C 6 -8.29 17.32 -20.11
C SER C 6 -6.83 16.94 -19.78
N GLY C 7 -6.65 15.77 -19.17
CA GLY C 7 -5.34 15.28 -18.75
C GLY C 7 -5.12 13.82 -19.09
N GLU C 8 -5.92 13.28 -19.99
CA GLU C 8 -5.68 11.97 -20.59
C GLU C 8 -4.88 12.07 -21.88
N LYS C 9 -4.48 13.29 -22.26
CA LYS C 9 -3.69 13.49 -23.46
C LYS C 9 -2.25 13.06 -23.25
N THR C 10 -1.66 12.48 -24.28
CA THR C 10 -0.23 12.30 -24.29
C THR C 10 0.45 13.66 -24.38
N ARG C 11 1.46 13.89 -23.53
CA ARG C 11 2.27 15.08 -23.63
C ARG C 11 3.49 14.79 -24.52
N VAL C 12 3.70 15.64 -25.52
CA VAL C 12 4.74 15.42 -26.51
C VAL C 12 5.68 16.62 -26.56
N LEU C 13 6.97 16.35 -26.54
CA LEU C 13 8.01 17.37 -26.75
C LEU C 13 8.60 17.20 -28.14
N VAL C 14 8.54 18.26 -28.93
CA VAL C 14 9.09 18.28 -30.28
C VAL C 14 10.40 19.05 -30.25
N VAL C 15 11.45 18.40 -30.70
CA VAL C 15 12.80 18.94 -30.83
C VAL C 15 13.03 19.23 -32.31
N GLY C 16 13.48 20.44 -32.61
CA GLY C 16 13.59 20.87 -34.00
C GLY C 16 12.32 21.44 -34.54
N GLY C 17 11.52 22.08 -33.68
CA GLY C 17 10.16 22.46 -34.04
C GLY C 17 10.05 23.56 -35.09
N THR C 18 11.11 24.31 -35.36
CA THR C 18 11.03 25.34 -36.39
C THR C 18 11.56 24.89 -37.74
N GLY C 19 11.97 23.63 -37.87
CA GLY C 19 12.39 23.15 -39.17
C GLY C 19 11.22 22.71 -40.02
N THR C 20 11.56 22.37 -41.27
CA THR C 20 10.55 22.02 -42.28
C THR C 20 9.58 20.96 -41.77
N MET C 21 10.11 19.84 -41.28
CA MET C 21 9.27 18.77 -40.75
C MET C 21 8.78 19.10 -39.35
N GLY C 22 9.69 19.61 -38.51
CA GLY C 22 9.34 19.86 -37.12
C GLY C 22 8.12 20.75 -36.96
N ARG C 23 8.06 21.81 -37.75
CA ARG C 23 6.91 22.70 -37.64
C ARG C 23 5.64 21.96 -38.01
N ARG C 24 5.70 21.14 -39.07
CA ARG C 24 4.56 20.29 -39.41
C ARG C 24 4.22 19.33 -38.28
N ILE C 25 5.22 18.76 -37.63
CA ILE C 25 4.91 17.82 -36.56
C ILE C 25 4.27 18.56 -35.38
N VAL C 26 4.74 19.78 -35.07
CA VAL C 26 4.13 20.54 -33.98
C VAL C 26 2.64 20.72 -34.23
N ARG C 27 2.27 21.21 -35.42
CA ARG C 27 0.85 21.41 -35.72
C ARG C 27 0.08 20.09 -35.72
N ALA C 28 0.68 19.01 -36.23
CA ALA C 28 -0.06 17.75 -36.29
C ALA C 28 -0.31 17.20 -34.91
N CYS C 29 0.66 17.36 -34.01
CA CYS C 29 0.42 16.99 -32.61
C CYS C 29 -0.68 17.83 -32.01
N LEU C 30 -0.64 19.15 -32.21
CA LEU C 30 -1.73 19.98 -31.71
C LEU C 30 -3.07 19.50 -32.29
N ALA C 31 -3.11 19.21 -33.59
CA ALA C 31 -4.38 18.82 -34.21
C ALA C 31 -4.88 17.47 -33.73
N GLU C 32 -3.96 16.59 -33.30
CA GLU C 32 -4.33 15.30 -32.77
C GLU C 32 -4.80 15.37 -31.33
N GLY C 33 -4.70 16.53 -30.69
CA GLY C 33 -5.11 16.71 -29.31
C GLY C 33 -4.04 16.49 -28.27
N HIS C 34 -2.79 16.30 -28.68
CA HIS C 34 -1.72 16.13 -27.71
C HIS C 34 -1.38 17.46 -27.06
N GLU C 35 -1.18 17.43 -25.75
CA GLU C 35 -0.56 18.55 -25.06
C GLU C 35 0.86 18.70 -25.61
N THR C 36 1.14 19.74 -26.37
CA THR C 36 2.37 19.82 -27.17
C THR C 36 3.35 20.86 -26.65
N TYR C 37 4.60 20.43 -26.49
CA TYR C 37 5.70 21.24 -26.02
C TYR C 37 6.74 21.30 -27.13
N VAL C 38 7.40 22.45 -27.26
CA VAL C 38 8.40 22.70 -28.30
C VAL C 38 9.67 23.18 -27.63
N LEU C 39 10.79 22.53 -27.93
CA LEU C 39 12.06 22.96 -27.41
C LEU C 39 12.44 24.31 -27.99
N GLN C 40 12.68 25.28 -27.11
CA GLN C 40 13.14 26.61 -27.49
C GLN C 40 14.61 26.71 -27.10
N GLN C 41 15.48 26.72 -28.09
CA GLN C 41 16.92 26.82 -28.03
C GLN C 41 17.37 28.28 -28.04
N PRO C 42 18.48 28.59 -27.37
CA PRO C 42 18.92 29.99 -27.30
C PRO C 42 19.21 30.63 -28.65
N GLU C 43 19.94 29.97 -29.54
CA GLU C 43 20.30 30.63 -30.80
C GLU C 43 19.07 31.03 -31.60
N THR C 44 17.90 30.55 -31.19
CA THR C 44 16.63 31.02 -31.73
C THR C 44 16.43 32.53 -31.53
N ARG C 45 17.08 33.14 -30.53
CA ARG C 45 16.76 34.50 -30.09
C ARG C 45 17.06 35.57 -31.13
N VAL C 46 17.92 35.27 -32.10
CA VAL C 46 18.49 36.23 -33.04
C VAL C 46 17.90 36.09 -34.44
N ASP C 47 16.87 35.28 -34.59
CA ASP C 47 16.34 34.85 -35.89
C ASP C 47 14.84 35.12 -35.88
N ILE C 48 14.39 36.10 -36.67
CA ILE C 48 13.00 36.49 -36.51
C ILE C 48 12.05 35.46 -37.11
N GLU C 49 12.48 34.75 -38.17
CA GLU C 49 11.71 33.63 -38.70
C GLU C 49 11.45 32.60 -37.63
N LYS C 50 12.51 32.21 -36.93
CA LYS C 50 12.41 31.20 -35.88
C LYS C 50 11.49 31.68 -34.76
N VAL C 51 11.70 32.92 -34.32
CA VAL C 51 10.99 33.46 -33.17
C VAL C 51 9.51 33.58 -33.46
N GLN C 52 9.15 34.16 -34.60
CA GLN C 52 7.74 34.28 -34.93
C GLN C 52 7.10 32.88 -35.04
N LEU C 53 7.84 31.91 -35.57
CA LEU C 53 7.36 30.53 -35.64
C LEU C 53 7.07 29.95 -34.25
N LEU C 54 8.09 29.93 -33.38
CA LEU C 54 7.90 29.42 -32.03
C LEU C 54 6.70 30.06 -31.34
N TYR C 55 6.65 31.39 -31.32
CA TYR C 55 5.60 32.05 -30.56
C TYR C 55 4.23 31.88 -31.21
N SER C 56 4.18 31.72 -32.53
CA SER C 56 2.91 31.36 -33.15
C SER C 56 2.42 30.01 -32.65
N TYR C 57 3.31 29.11 -32.22
CA TYR C 57 2.82 27.86 -31.67
C TYR C 57 2.05 28.09 -30.37
N LYS C 58 2.45 29.09 -29.58
CA LYS C 58 1.75 29.36 -28.33
C LYS C 58 0.31 29.76 -28.57
N ARG C 59 0.07 30.56 -29.61
CA ARG C 59 -1.30 30.97 -29.91
C ARG C 59 -2.16 29.77 -30.28
N LEU C 60 -1.56 28.70 -30.79
CA LEU C 60 -2.32 27.50 -31.11
C LEU C 60 -2.48 26.56 -29.93
N GLY C 61 -1.92 26.90 -28.76
CA GLY C 61 -2.03 26.05 -27.60
C GLY C 61 -0.80 25.25 -27.22
N ALA C 62 0.31 25.43 -27.92
CA ALA C 62 1.54 24.78 -27.54
C ALA C 62 2.24 25.57 -26.44
N ARG C 63 3.06 24.87 -25.67
CA ARG C 63 3.94 25.47 -24.70
C ARG C 63 5.37 25.42 -25.21
N LEU C 64 6.19 26.35 -24.77
CA LEU C 64 7.60 26.36 -25.10
C LEU C 64 8.41 25.98 -23.88
N ILE C 65 9.43 25.16 -24.08
CA ILE C 65 10.40 24.83 -23.04
C ILE C 65 11.77 25.28 -23.50
N GLU C 66 12.36 26.19 -22.76
CA GLU C 66 13.71 26.63 -23.03
C GLU C 66 14.70 25.61 -22.54
N ALA C 67 15.67 25.29 -23.38
CA ALA C 67 16.71 24.34 -23.04
C ALA C 67 17.80 24.50 -24.08
N SER C 68 19.00 24.04 -23.74
CA SER C 68 20.13 24.09 -24.64
C SER C 68 20.78 22.72 -24.67
N PHE C 69 21.24 22.32 -25.86
CA PHE C 69 21.85 20.99 -26.02
C PHE C 69 23.17 20.88 -25.28
N SER C 70 23.87 22.00 -25.09
CA SER C 70 25.10 21.99 -24.32
C SER C 70 24.87 22.04 -22.82
N ASP C 71 23.62 22.02 -22.39
CA ASP C 71 23.27 22.09 -20.97
C ASP C 71 22.47 20.84 -20.64
N HIS C 72 23.15 19.80 -20.19
CA HIS C 72 22.50 18.53 -19.91
C HIS C 72 21.31 18.68 -18.99
N GLN C 73 21.48 19.47 -17.91
CA GLN C 73 20.40 19.57 -16.92
C GLN C 73 19.15 20.22 -17.50
N SER C 74 19.31 21.16 -18.44
CA SER C 74 18.11 21.73 -19.05
C SER C 74 17.41 20.71 -19.94
N LEU C 75 18.15 19.87 -20.65
CA LEU C 75 17.53 18.79 -21.41
C LEU C 75 16.76 17.86 -20.49
N VAL C 76 17.40 17.42 -19.41
CA VAL C 76 16.72 16.54 -18.45
C VAL C 76 15.43 17.18 -17.97
N SER C 77 15.51 18.46 -17.59
CA SER C 77 14.32 19.13 -17.07
C SER C 77 13.23 19.22 -18.12
N ALA C 78 13.61 19.41 -19.38
CA ALA C 78 12.61 19.49 -20.45
C ALA C 78 11.88 18.15 -20.60
N VAL C 79 12.63 17.04 -20.71
CA VAL C 79 11.97 15.77 -21.00
C VAL C 79 11.15 15.25 -19.81
N LYS C 80 11.40 15.73 -18.59
CA LYS C 80 10.58 15.29 -17.46
C LYS C 80 9.18 15.89 -17.50
N GLN C 81 8.91 16.83 -18.39
CA GLN C 81 7.59 17.44 -18.46
C GLN C 81 6.67 16.75 -19.46
N VAL C 82 7.13 15.71 -20.16
CA VAL C 82 6.33 15.10 -21.22
C VAL C 82 6.35 13.58 -21.07
N ASP C 83 5.58 12.93 -21.94
CA ASP C 83 5.58 11.48 -22.05
C ASP C 83 6.26 10.97 -23.31
N ILE C 84 6.23 11.72 -24.40
CA ILE C 84 6.87 11.29 -25.63
C ILE C 84 7.71 12.42 -26.21
N VAL C 85 8.80 12.05 -26.87
CA VAL C 85 9.68 13.01 -27.51
C VAL C 85 9.80 12.67 -28.99
N VAL C 86 9.63 13.68 -29.83
CA VAL C 86 9.86 13.57 -31.27
C VAL C 86 10.92 14.60 -31.66
N ALA C 87 11.91 14.17 -32.43
CA ALA C 87 12.97 15.02 -32.92
C ALA C 87 12.97 15.03 -34.44
N ALA C 88 13.21 16.21 -35.03
CA ALA C 88 13.17 16.40 -36.48
C ALA C 88 14.19 17.48 -36.86
N MET C 89 15.43 17.07 -37.05
CA MET C 89 16.59 17.95 -37.16
C MET C 89 17.02 18.09 -38.61
N SER C 90 17.88 19.06 -38.84
CA SER C 90 18.68 19.12 -40.06
C SER C 90 17.82 19.19 -41.32
N SER C 98 24.21 17.54 -37.14
CA SER C 98 23.15 17.82 -36.18
C SER C 98 22.24 16.61 -35.94
N ILE C 99 22.37 15.55 -36.74
CA ILE C 99 21.76 14.28 -36.34
C ILE C 99 22.38 13.81 -35.03
N LEU C 100 23.71 13.88 -34.93
CA LEU C 100 24.39 13.40 -33.73
C LEU C 100 24.04 14.19 -32.49
N VAL C 101 23.57 15.42 -32.65
CA VAL C 101 23.04 16.18 -31.52
C VAL C 101 22.05 15.35 -30.72
N GLN C 102 21.37 14.42 -31.36
CA GLN C 102 20.39 13.60 -30.65
C GLN C 102 21.02 12.69 -29.60
N LEU C 103 22.33 12.44 -29.67
CA LEU C 103 22.99 11.67 -28.62
C LEU C 103 22.82 12.34 -27.27
N LYS C 104 23.00 13.67 -27.21
CA LYS C 104 22.79 14.38 -25.95
C LYS C 104 21.34 14.23 -25.51
N LEU C 105 20.43 14.24 -26.47
CA LEU C 105 19.02 14.06 -26.15
C LEU C 105 18.80 12.70 -25.50
N VAL C 106 19.51 11.68 -25.97
CA VAL C 106 19.26 10.32 -25.47
C VAL C 106 19.74 10.18 -24.04
N GLU C 107 20.94 10.70 -23.73
CA GLU C 107 21.42 10.65 -22.35
C GLU C 107 20.45 11.35 -21.42
N ALA C 108 19.92 12.50 -21.85
CA ALA C 108 18.90 13.20 -21.07
C ALA C 108 17.67 12.32 -20.87
N ILE C 109 17.14 11.77 -21.96
CA ILE C 109 15.99 10.87 -21.83
C ILE C 109 16.33 9.72 -20.89
N LYS C 110 17.53 9.14 -21.05
CA LYS C 110 17.95 8.04 -20.19
C LYS C 110 17.91 8.45 -18.72
N GLU C 111 18.52 9.59 -18.38
CA GLU C 111 18.57 9.98 -16.98
C GLU C 111 17.17 10.23 -16.41
N ALA C 112 16.29 10.87 -17.18
CA ALA C 112 15.00 11.27 -16.64
C ALA C 112 14.12 10.05 -16.35
N GLY C 113 14.11 9.06 -17.24
CA GLY C 113 13.44 7.81 -16.95
C GLY C 113 11.95 7.77 -17.20
N ASN C 114 11.32 8.90 -17.52
CA ASN C 114 9.87 8.94 -17.60
C ASN C 114 9.35 8.81 -19.03
N ILE C 115 10.22 8.74 -20.04
CA ILE C 115 9.76 8.82 -21.42
C ILE C 115 9.24 7.47 -21.88
N LYS C 116 7.98 7.44 -22.32
CA LYS C 116 7.38 6.23 -22.86
C LYS C 116 7.81 5.95 -24.29
N ARG C 117 8.20 6.95 -25.06
CA ARG C 117 8.65 6.67 -26.41
C ARG C 117 9.41 7.87 -26.97
N PHE C 118 10.43 7.58 -27.76
CA PHE C 118 11.23 8.58 -28.46
C PHE C 118 11.16 8.26 -29.95
N LEU C 119 10.74 9.24 -30.75
CA LEU C 119 10.80 9.12 -32.20
C LEU C 119 11.96 9.96 -32.72
N PRO C 120 13.05 9.34 -33.11
CA PRO C 120 14.22 10.11 -33.57
C PRO C 120 14.01 10.68 -34.96
N SER C 121 14.97 11.47 -35.41
CA SER C 121 14.85 12.21 -36.66
C SER C 121 15.13 11.26 -37.82
N GLU C 122 14.06 10.72 -38.38
CA GLU C 122 14.18 9.74 -39.46
C GLU C 122 13.56 10.34 -40.72
N PHE C 123 12.33 9.98 -41.08
CA PHE C 123 11.55 10.66 -42.10
C PHE C 123 12.23 10.70 -43.46
N GLY C 124 12.96 9.66 -43.82
CA GLY C 124 13.59 9.57 -45.13
C GLY C 124 13.85 8.10 -45.45
N MET C 125 14.86 7.86 -46.29
CA MET C 125 15.29 6.50 -46.54
C MET C 125 15.60 5.82 -45.21
N ASP C 126 15.18 4.56 -45.09
CA ASP C 126 15.59 3.74 -43.96
C ASP C 126 17.10 3.62 -43.98
N PRO C 127 17.80 4.27 -43.05
CA PRO C 127 19.26 4.16 -43.04
C PRO C 127 19.76 2.74 -42.86
N SER C 128 19.00 1.88 -42.16
CA SER C 128 19.49 0.54 -41.90
C SER C 128 19.59 -0.35 -43.21
N ARG C 129 19.40 0.21 -44.40
CA ARG C 129 19.75 -0.46 -45.64
C ARG C 129 20.96 0.21 -46.26
N MET C 130 20.74 1.31 -46.97
CA MET C 130 21.81 2.17 -47.45
C MET C 130 23.11 1.48 -47.80
N ASP C 142 23.37 6.31 -41.36
CA ASP C 142 24.69 6.11 -40.76
C ASP C 142 24.85 6.88 -39.45
N GLN C 143 24.82 8.22 -39.51
CA GLN C 143 24.68 8.98 -38.28
C GLN C 143 23.35 8.71 -37.60
N LYS C 144 22.31 8.41 -38.39
CA LYS C 144 21.03 7.98 -37.83
C LYS C 144 21.14 6.62 -37.15
N LEU C 145 21.93 5.71 -37.72
CA LEU C 145 22.16 4.41 -37.11
C LEU C 145 22.86 4.55 -35.77
N GLU C 146 23.92 5.37 -35.72
CA GLU C 146 24.54 5.69 -34.44
C GLU C 146 23.50 6.12 -33.40
N VAL C 147 22.58 7.01 -33.79
CA VAL C 147 21.50 7.43 -32.89
C VAL C 147 20.62 6.24 -32.51
N ARG C 148 20.26 5.41 -33.49
CA ARG C 148 19.44 4.24 -33.17
C ARG C 148 20.15 3.31 -32.21
N ASN C 149 21.43 3.06 -32.43
CA ASN C 149 22.18 2.23 -31.50
C ASN C 149 22.08 2.80 -30.09
N ALA C 150 22.28 4.12 -29.94
CA ALA C 150 22.19 4.75 -28.63
C ALA C 150 20.78 4.64 -28.04
N ILE C 151 19.76 4.93 -28.85
CA ILE C 151 18.39 4.72 -28.38
C ILE C 151 18.24 3.32 -27.80
N GLU C 152 18.60 2.32 -28.59
CA GLU C 152 18.32 0.95 -28.19
C GLU C 152 19.23 0.50 -27.04
N ALA C 153 20.50 0.93 -27.05
CA ALA C 153 21.39 0.59 -25.94
C ALA C 153 20.88 1.13 -24.61
N ALA C 154 20.19 2.26 -24.61
CA ALA C 154 19.66 2.84 -23.38
C ALA C 154 18.31 2.26 -23.00
N GLY C 155 17.76 1.37 -23.80
CA GLY C 155 16.47 0.80 -23.48
C GLY C 155 15.31 1.73 -23.67
N ILE C 156 15.46 2.77 -24.48
CA ILE C 156 14.38 3.74 -24.66
C ILE C 156 13.43 3.19 -25.72
N PRO C 157 12.15 3.00 -25.42
CA PRO C 157 11.21 2.58 -26.45
C PRO C 157 11.14 3.61 -27.56
N HIS C 158 10.88 3.14 -28.78
CA HIS C 158 11.13 3.96 -29.96
C HIS C 158 10.11 3.65 -31.05
N THR C 159 10.11 4.50 -32.08
CA THR C 159 9.42 4.23 -33.32
C THR C 159 10.18 4.99 -34.40
N TYR C 160 10.52 4.28 -35.47
CA TYR C 160 11.28 4.82 -36.60
C TYR C 160 10.31 5.06 -37.75
N VAL C 161 10.10 6.33 -38.10
CA VAL C 161 9.20 6.70 -39.20
C VAL C 161 10.07 6.93 -40.45
N VAL C 162 9.94 6.05 -41.45
CA VAL C 162 10.80 6.08 -42.63
C VAL C 162 9.97 5.87 -43.90
N GLY C 163 10.64 5.99 -45.05
CA GLY C 163 10.20 5.36 -46.26
C GLY C 163 9.69 6.27 -47.36
N ALA C 164 9.72 7.60 -47.18
CA ALA C 164 9.07 8.51 -48.11
C ALA C 164 10.06 9.51 -48.73
N CYS C 165 9.71 9.94 -49.94
CA CYS C 165 10.29 11.11 -50.59
C CYS C 165 9.41 12.30 -50.27
N PHE C 166 9.99 13.36 -49.71
CA PHE C 166 9.21 14.56 -49.43
C PHE C 166 8.68 15.14 -50.74
N ALA C 167 7.37 15.35 -50.80
CA ALA C 167 6.77 15.88 -52.02
C ALA C 167 7.37 17.22 -52.42
N ALA C 168 7.78 18.04 -51.46
CA ALA C 168 8.27 19.36 -51.84
C ALA C 168 9.63 19.27 -52.53
N TYR C 169 10.43 18.30 -52.14
CA TYR C 169 11.77 18.18 -52.71
C TYR C 169 11.84 17.31 -53.95
N PHE C 170 10.83 16.48 -54.23
CA PHE C 170 10.90 15.54 -55.34
C PHE C 170 9.67 15.53 -56.25
N ALA C 171 8.50 15.89 -55.76
CA ALA C 171 7.30 15.83 -56.59
C ALA C 171 7.01 17.17 -57.26
N GLY C 172 7.03 18.26 -56.48
CA GLY C 172 6.69 19.58 -57.01
C GLY C 172 7.60 20.05 -58.12
N ASN C 173 8.83 19.54 -58.16
CA ASN C 173 9.79 19.83 -59.22
C ASN C 173 9.88 18.69 -60.23
N LEU C 174 8.96 17.73 -60.17
CA LEU C 174 8.99 16.58 -61.07
C LEU C 174 10.32 15.86 -60.98
N SER C 175 10.93 15.92 -59.79
CA SER C 175 12.18 15.24 -59.50
C SER C 175 13.36 15.85 -60.24
N GLN C 176 13.17 17.03 -60.82
CA GLN C 176 14.29 17.79 -61.35
C GLN C 176 15.07 18.43 -60.21
N MET C 177 16.32 18.77 -60.48
CA MET C 177 17.19 19.27 -59.43
C MET C 177 17.40 20.76 -59.58
N GLY C 178 17.80 21.41 -58.49
CA GLY C 178 18.03 22.83 -58.53
C GLY C 178 16.79 23.70 -58.61
N THR C 179 15.59 23.12 -58.57
CA THR C 179 14.38 23.91 -58.53
C THR C 179 13.33 23.14 -57.73
N LEU C 180 12.35 23.87 -57.21
CA LEU C 180 11.29 23.25 -56.45
C LEU C 180 9.93 23.36 -57.12
N ILE C 181 9.87 23.87 -58.35
CA ILE C 181 8.60 24.04 -59.03
C ILE C 181 8.67 23.32 -60.37
N PRO C 182 7.53 23.05 -60.99
CA PRO C 182 7.52 22.28 -62.23
C PRO C 182 8.21 23.03 -63.35
N PRO C 183 8.96 22.32 -64.19
CA PRO C 183 9.66 22.97 -65.30
C PRO C 183 8.68 23.36 -66.41
N LYS C 184 9.14 24.27 -67.26
CA LYS C 184 8.22 24.76 -68.29
C LYS C 184 8.29 23.96 -69.58
N LYS C 185 9.49 23.48 -69.97
CA LYS C 185 9.61 22.78 -71.25
C LYS C 185 10.37 21.47 -71.18
N LYS C 186 11.62 21.49 -70.71
CA LYS C 186 12.47 20.30 -70.63
C LYS C 186 12.22 19.56 -69.32
N VAL C 187 12.53 18.26 -69.33
CA VAL C 187 12.56 17.48 -68.09
C VAL C 187 13.49 16.28 -68.22
N ASN C 188 14.36 16.09 -67.24
CA ASN C 188 15.25 14.94 -67.24
C ASN C 188 14.53 13.73 -66.66
N ILE C 189 14.47 12.65 -67.43
CA ILE C 189 13.96 11.37 -66.95
C ILE C 189 15.15 10.51 -66.57
N TYR C 190 15.09 9.88 -65.41
CA TYR C 190 16.19 9.10 -64.89
C TYR C 190 16.02 7.63 -65.28
N GLY C 191 17.05 7.07 -65.92
CA GLY C 191 16.89 5.78 -66.56
C GLY C 191 15.71 5.86 -67.50
N ASP C 192 14.84 4.86 -67.43
CA ASP C 192 13.60 4.89 -68.20
C ASP C 192 12.45 5.55 -67.44
N GLY C 193 12.73 6.16 -66.29
CA GLY C 193 11.65 6.65 -65.44
C GLY C 193 10.65 5.59 -65.09
N ASN C 194 11.12 4.34 -64.96
CA ASN C 194 10.25 3.19 -64.70
C ASN C 194 10.44 2.62 -63.30
N VAL C 195 11.23 3.26 -62.46
CA VAL C 195 11.50 2.77 -61.11
C VAL C 195 10.52 3.44 -60.15
N LYS C 196 9.88 2.63 -59.30
CA LYS C 196 8.87 3.12 -58.38
C LYS C 196 9.48 3.92 -57.23
N VAL C 197 8.91 5.10 -56.98
CA VAL C 197 9.33 6.02 -55.94
C VAL C 197 8.13 6.32 -55.06
N VAL C 198 8.36 6.74 -53.82
CA VAL C 198 7.28 7.05 -52.88
C VAL C 198 7.26 8.56 -52.62
N TYR C 199 6.25 9.24 -53.16
CA TYR C 199 6.10 10.68 -53.07
C TYR C 199 5.04 11.02 -52.02
N VAL C 200 5.42 11.73 -50.96
CA VAL C 200 4.49 11.97 -49.86
C VAL C 200 4.52 13.42 -49.42
N ASP C 201 3.35 14.04 -49.43
CA ASP C 201 3.13 15.34 -48.80
C ASP C 201 3.69 15.30 -47.38
N GLU C 202 4.60 16.23 -47.08
CA GLU C 202 5.18 16.27 -45.75
C GLU C 202 4.12 16.43 -44.66
N ASP C 203 2.99 17.09 -44.97
CA ASP C 203 1.91 17.18 -43.98
C ASP C 203 1.42 15.80 -43.57
N ASP C 204 1.35 14.86 -44.53
CA ASP C 204 0.87 13.51 -44.22
C ASP C 204 1.90 12.75 -43.40
N ILE C 205 3.17 12.90 -43.71
CA ILE C 205 4.21 12.34 -42.85
C ILE C 205 4.01 12.81 -41.41
N ALA C 206 3.80 14.12 -41.22
CA ALA C 206 3.66 14.65 -39.87
C ALA C 206 2.43 14.08 -39.18
N GLU C 207 1.30 14.05 -39.87
CA GLU C 207 0.09 13.51 -39.26
C GLU C 207 0.27 12.03 -38.95
N TYR C 208 0.88 11.28 -39.85
CA TYR C 208 1.17 9.88 -39.55
C TYR C 208 2.03 9.78 -38.29
N THR C 209 3.04 10.65 -38.17
CA THR C 209 3.87 10.68 -36.98
C THR C 209 3.03 11.01 -35.74
N ALA C 210 2.18 12.03 -35.84
CA ALA C 210 1.36 12.41 -34.69
C ALA C 210 0.43 11.29 -34.27
N LYS C 211 -0.02 10.47 -35.23
CA LYS C 211 -0.95 9.37 -34.91
C LYS C 211 -0.24 8.13 -34.39
N THR C 212 0.99 7.90 -34.83
CA THR C 212 1.69 6.68 -34.44
C THR C 212 2.38 6.79 -33.09
N LEU C 213 2.67 8.00 -32.61
CA LEU C 213 3.65 8.16 -31.52
C LEU C 213 3.16 7.60 -30.20
N ASP C 214 1.85 7.46 -29.98
CA ASP C 214 1.33 6.80 -28.79
C ASP C 214 0.49 5.58 -29.13
N ASP C 215 0.74 4.96 -30.28
CA ASP C 215 -0.07 3.85 -30.75
C ASP C 215 0.56 2.54 -30.33
N PRO C 216 -0.12 1.70 -29.56
CA PRO C 216 0.54 0.48 -29.05
C PRO C 216 1.02 -0.45 -30.16
N ARG C 217 0.39 -0.45 -31.33
CA ARG C 217 0.84 -1.33 -32.41
C ARG C 217 2.22 -0.98 -32.93
N THR C 218 2.69 0.26 -32.74
CA THR C 218 3.94 0.66 -33.36
C THR C 218 5.10 0.83 -32.38
N ILE C 219 4.90 0.53 -31.11
CA ILE C 219 6.01 0.64 -30.16
C ILE C 219 7.14 -0.28 -30.57
N ASN C 220 8.35 0.26 -30.61
CA ASN C 220 9.55 -0.48 -30.96
C ASN C 220 9.48 -1.09 -32.36
N LYS C 221 8.80 -0.42 -33.27
CA LYS C 221 8.68 -0.85 -34.66
C LYS C 221 9.17 0.25 -35.58
N THR C 222 9.44 -0.13 -36.82
CA THR C 222 9.59 0.81 -37.92
C THR C 222 8.23 0.98 -38.59
N VAL C 223 7.79 2.21 -38.78
CA VAL C 223 6.58 2.50 -39.54
C VAL C 223 6.99 3.00 -40.90
N TYR C 224 6.53 2.32 -41.94
CA TYR C 224 6.80 2.73 -43.31
C TYR C 224 5.65 3.60 -43.78
N VAL C 225 6.00 4.79 -44.27
CA VAL C 225 5.04 5.74 -44.82
C VAL C 225 5.05 5.50 -46.32
N ARG C 226 4.11 4.69 -46.80
CA ARG C 226 4.07 4.29 -48.21
C ARG C 226 2.62 4.22 -48.65
N PRO C 227 1.94 5.37 -48.73
CA PRO C 227 0.55 5.34 -49.19
C PRO C 227 0.46 4.81 -50.61
N THR C 228 -0.48 3.89 -50.81
CA THR C 228 -0.47 3.01 -51.97
C THR C 228 -0.60 3.81 -53.26
N GLU C 229 -1.55 4.73 -53.32
CA GLU C 229 -1.73 5.46 -54.56
C GLU C 229 -0.56 6.38 -54.88
N ASN C 230 0.38 6.58 -53.96
CA ASN C 230 1.50 7.50 -54.21
C ASN C 230 2.79 6.77 -54.53
N VAL C 231 2.73 5.46 -54.74
CA VAL C 231 3.87 4.69 -55.23
C VAL C 231 3.86 4.85 -56.75
N LEU C 232 4.74 5.70 -57.26
CA LEU C 232 4.71 6.13 -58.65
C LEU C 232 6.12 6.09 -59.21
N THR C 233 6.24 5.70 -60.48
CA THR C 233 7.49 5.94 -61.17
C THR C 233 7.57 7.42 -61.54
N GLN C 234 8.80 7.90 -61.78
CA GLN C 234 8.95 9.30 -62.18
C GLN C 234 8.14 9.58 -63.42
N MET C 235 8.08 8.62 -64.35
CA MET C 235 7.34 8.84 -65.58
C MET C 235 5.86 8.96 -65.31
N GLU C 236 5.36 8.17 -64.35
CA GLU C 236 3.98 8.34 -63.92
C GLU C 236 3.76 9.73 -63.32
N LEU C 237 4.72 10.22 -62.52
CA LEU C 237 4.58 11.55 -61.94
C LEU C 237 4.54 12.61 -63.03
N VAL C 238 5.46 12.52 -63.99
CA VAL C 238 5.47 13.48 -65.09
C VAL C 238 4.15 13.45 -65.84
N GLN C 239 3.62 12.24 -66.08
CA GLN C 239 2.37 12.15 -66.82
C GLN C 239 1.21 12.72 -66.02
N ILE C 240 1.25 12.64 -64.69
CA ILE C 240 0.25 13.32 -63.90
C ILE C 240 0.27 14.81 -64.19
N TRP C 241 1.47 15.39 -64.33
CA TRP C 241 1.56 16.82 -64.60
C TRP C 241 1.10 17.14 -66.01
N GLU C 242 1.51 16.33 -66.99
CA GLU C 242 1.09 16.56 -68.37
C GLU C 242 -0.42 16.50 -68.49
N LYS C 243 -1.05 15.55 -67.80
CA LYS C 243 -2.51 15.54 -67.83
C LYS C 243 -3.10 16.78 -67.19
N LEU C 244 -2.36 17.48 -66.32
CA LEU C 244 -2.87 18.68 -65.67
C LEU C 244 -2.68 19.91 -66.54
N THR C 245 -1.54 20.01 -67.24
CA THR C 245 -1.28 21.17 -68.09
C THR C 245 -1.85 21.01 -69.50
N GLY C 246 -2.07 19.79 -69.96
CA GLY C 246 -2.42 19.53 -71.33
C GLY C 246 -1.24 19.60 -72.28
N LYS C 247 -0.03 19.70 -71.77
CA LYS C 247 1.19 19.83 -72.56
C LYS C 247 2.12 18.69 -72.22
N GLU C 248 2.80 18.17 -73.24
CA GLU C 248 3.90 17.25 -73.03
C GLU C 248 5.20 18.03 -72.91
N LEU C 249 6.15 17.44 -72.18
CA LEU C 249 7.46 18.04 -71.99
C LEU C 249 8.51 17.27 -72.79
N GLU C 250 9.60 17.95 -73.09
CA GLU C 250 10.76 17.33 -73.72
C GLU C 250 11.50 16.49 -72.70
N LYS C 251 11.58 15.18 -72.94
CA LYS C 251 12.23 14.27 -72.02
C LYS C 251 13.63 13.91 -72.51
N THR C 252 14.61 14.06 -71.63
CA THR C 252 15.97 13.59 -71.86
C THR C 252 16.28 12.51 -70.83
N ASN C 253 16.53 11.29 -71.28
CA ASN C 253 16.86 10.19 -70.38
C ASN C 253 18.33 10.21 -70.01
N ILE C 254 18.63 9.93 -68.75
CA ILE C 254 19.99 9.90 -68.24
C ILE C 254 20.28 8.49 -67.75
N SER C 255 21.32 7.87 -68.30
CA SER C 255 21.73 6.53 -67.89
C SER C 255 22.30 6.56 -66.48
N ALA C 256 22.30 5.39 -65.84
CA ALA C 256 22.94 5.27 -64.55
C ALA C 256 24.36 5.80 -64.58
N ASN C 257 25.06 5.61 -65.70
CA ASN C 257 26.48 5.91 -65.75
C ASN C 257 26.75 7.40 -65.88
N ASP C 258 25.94 8.10 -66.68
CA ASP C 258 26.01 9.55 -66.67
C ASP C 258 25.82 10.09 -65.26
N PHE C 259 24.87 9.54 -64.51
CA PHE C 259 24.91 9.73 -63.07
C PHE C 259 26.25 9.22 -62.59
N LEU C 260 27.26 10.10 -62.63
CA LEU C 260 28.64 9.74 -62.38
C LEU C 260 28.78 8.83 -61.18
N GLN C 271 28.50 15.84 -54.88
CA GLN C 271 27.28 15.82 -54.08
C GLN C 271 26.94 14.41 -53.59
N ALA C 272 26.65 14.29 -52.29
CA ALA C 272 26.07 13.06 -51.76
C ALA C 272 24.55 13.13 -51.73
N GLY C 273 23.97 14.28 -52.08
CA GLY C 273 22.55 14.30 -52.41
C GLY C 273 22.28 13.58 -53.72
N LEU C 274 23.24 13.64 -54.65
CA LEU C 274 23.13 12.88 -55.88
C LEU C 274 23.21 11.38 -55.64
N GLY C 275 23.89 10.97 -54.57
CA GLY C 275 23.87 9.57 -54.18
C GLY C 275 22.50 9.15 -53.68
N HIS C 276 21.92 9.95 -52.77
CA HIS C 276 20.53 9.74 -52.38
C HIS C 276 19.64 9.58 -53.60
N PHE C 277 19.78 10.51 -54.55
CA PHE C 277 18.97 10.47 -55.76
C PHE C 277 19.20 9.19 -56.54
N TYR C 278 20.45 8.74 -56.63
CA TYR C 278 20.72 7.51 -57.37
C TYR C 278 20.04 6.32 -56.71
N HIS C 279 20.15 6.22 -55.38
CA HIS C 279 19.48 5.13 -54.70
C HIS C 279 17.98 5.14 -54.98
N ILE C 280 17.37 6.32 -54.93
CA ILE C 280 15.92 6.42 -55.07
C ILE C 280 15.49 6.08 -56.50
N PHE C 281 16.04 6.77 -57.49
CA PHE C 281 15.49 6.69 -58.85
C PHE C 281 16.16 5.65 -59.74
N TYR C 282 17.30 5.08 -59.35
CA TYR C 282 17.90 3.99 -60.11
C TYR C 282 17.79 2.66 -59.39
N GLU C 283 18.22 2.58 -58.14
CA GLU C 283 18.13 1.32 -57.43
C GLU C 283 16.73 1.04 -56.91
N GLY C 284 15.86 2.05 -56.84
CA GLY C 284 14.52 1.85 -56.33
C GLY C 284 14.48 1.51 -54.86
N CYS C 285 15.38 2.08 -54.07
CA CYS C 285 15.55 1.62 -52.70
C CYS C 285 14.37 1.96 -51.80
N LEU C 286 13.45 2.81 -52.24
CA LEU C 286 12.26 3.03 -51.45
C LEU C 286 11.20 1.94 -51.67
N THR C 287 11.35 1.12 -52.71
CA THR C 287 10.29 0.20 -53.10
C THR C 287 10.75 -1.22 -53.41
N ASP C 288 12.01 -1.54 -53.25
CA ASP C 288 12.51 -2.87 -53.61
C ASP C 288 12.21 -3.93 -52.55
N HIS C 289 11.37 -3.62 -51.57
CA HIS C 289 11.08 -4.51 -50.46
C HIS C 289 9.63 -4.30 -50.07
N GLU C 290 8.91 -5.37 -49.81
CA GLU C 290 7.52 -5.23 -49.41
C GLU C 290 7.45 -4.74 -47.97
N VAL C 291 6.29 -4.18 -47.60
CA VAL C 291 6.03 -3.82 -46.22
C VAL C 291 4.62 -4.27 -45.88
N GLY C 292 4.46 -4.82 -44.68
CA GLY C 292 3.18 -5.32 -44.25
C GLY C 292 2.25 -4.24 -43.77
N ASP C 293 0.95 -4.56 -43.83
CA ASP C 293 -0.10 -3.66 -43.36
C ASP C 293 0.07 -3.28 -41.90
N ASP C 294 0.64 -4.17 -41.09
CA ASP C 294 0.85 -3.88 -39.67
C ASP C 294 1.98 -2.89 -39.45
N GLU C 295 2.69 -2.51 -40.50
CA GLU C 295 3.82 -1.60 -40.39
C GLU C 295 3.80 -0.51 -41.45
N GLU C 296 2.68 -0.29 -42.13
CA GLU C 296 2.60 0.75 -43.15
C GLU C 296 1.56 1.78 -42.73
N ALA C 297 1.97 3.05 -42.77
CA ALA C 297 1.20 4.11 -42.14
C ALA C 297 -0.22 4.23 -42.71
N SER C 298 -0.36 4.17 -44.05
CA SER C 298 -1.70 4.35 -44.61
C SER C 298 -2.62 3.17 -44.32
N LYS C 299 -2.08 2.01 -43.98
CA LYS C 299 -2.96 0.95 -43.48
C LYS C 299 -3.20 1.07 -41.99
N LEU C 300 -2.18 1.48 -41.23
CA LEU C 300 -2.38 1.72 -39.80
C LEU C 300 -3.39 2.83 -39.56
N TYR C 301 -3.35 3.88 -40.37
CA TYR C 301 -4.12 5.08 -40.13
C TYR C 301 -4.90 5.39 -41.39
N PRO C 302 -5.93 4.58 -41.69
CA PRO C 302 -6.64 4.73 -42.97
C PRO C 302 -7.54 5.95 -43.03
N ASP C 303 -7.83 6.60 -41.90
CA ASP C 303 -8.61 7.81 -41.90
C ASP C 303 -7.81 9.02 -42.35
N VAL C 304 -6.49 8.90 -42.48
CA VAL C 304 -5.68 9.95 -43.07
C VAL C 304 -5.93 9.94 -44.57
N LYS C 305 -6.61 10.96 -45.08
CA LYS C 305 -6.87 11.07 -46.51
C LYS C 305 -5.64 11.72 -47.14
N TYR C 306 -4.60 10.91 -47.32
CA TYR C 306 -3.32 11.47 -47.74
C TYR C 306 -3.47 12.13 -49.10
N THR C 307 -2.61 13.12 -49.33
CA THR C 307 -2.70 13.91 -50.55
C THR C 307 -2.11 13.13 -51.71
N ARG C 308 -2.93 12.86 -52.74
CA ARG C 308 -2.42 12.26 -53.96
C ARG C 308 -1.67 13.31 -54.76
N MET C 309 -0.75 12.83 -55.60
CA MET C 309 0.14 13.76 -56.28
C MET C 309 -0.57 14.64 -57.31
N ASP C 310 -1.71 14.19 -57.86
CA ASP C 310 -2.44 15.05 -58.78
C ASP C 310 -3.04 16.24 -58.03
N GLU C 311 -3.53 16.01 -56.82
CA GLU C 311 -3.95 17.13 -55.99
C GLU C 311 -2.76 17.99 -55.59
N TYR C 312 -1.64 17.36 -55.22
CA TYR C 312 -0.49 18.10 -54.72
C TYR C 312 0.06 19.04 -55.77
N LEU C 313 0.03 18.64 -57.03
CA LEU C 313 0.63 19.46 -58.08
C LEU C 313 -0.27 20.60 -58.53
N LYS C 314 -1.57 20.51 -58.26
CA LYS C 314 -2.50 21.54 -58.72
C LYS C 314 -2.04 22.94 -58.36
N ILE C 315 -1.50 23.11 -57.15
CA ILE C 315 -1.10 24.44 -56.67
C ILE C 315 -0.15 25.13 -57.63
N PHE C 316 0.54 24.38 -58.49
CA PHE C 316 1.49 24.98 -59.41
C PHE C 316 0.87 25.37 -60.75
N LEU C 317 -0.36 24.95 -61.03
CA LEU C 317 -0.99 25.28 -62.30
C LEU C 317 -1.13 26.79 -62.46
N SER D 6 -38.55 3.19 2.13
CA SER D 6 -38.94 4.20 3.10
C SER D 6 -38.72 3.69 4.54
N GLY D 7 -39.55 2.74 4.95
CA GLY D 7 -39.60 2.30 6.34
C GLY D 7 -39.35 0.83 6.58
N GLU D 8 -39.07 0.08 5.52
CA GLU D 8 -38.56 -1.28 5.66
C GLU D 8 -37.05 -1.33 5.51
N LYS D 9 -36.39 -0.18 5.57
CA LYS D 9 -34.94 -0.14 5.69
C LYS D 9 -34.52 -0.79 7.00
N THR D 10 -33.53 -1.67 6.92
CA THR D 10 -32.76 -1.98 8.12
C THR D 10 -32.09 -0.69 8.61
N ARG D 11 -32.12 -0.48 9.92
CA ARG D 11 -31.41 0.63 10.54
C ARG D 11 -30.13 0.11 11.15
N VAL D 12 -29.01 0.74 10.80
CA VAL D 12 -27.69 0.26 11.15
C VAL D 12 -26.94 1.36 11.88
N LEU D 13 -26.36 1.02 13.02
CA LEU D 13 -25.46 1.89 13.75
C LEU D 13 -24.02 1.45 13.50
N VAL D 14 -23.19 2.37 13.01
CA VAL D 14 -21.78 2.10 12.79
C VAL D 14 -20.98 2.72 13.92
N VAL D 15 -20.12 1.93 14.53
CA VAL D 15 -19.28 2.32 15.64
C VAL D 15 -17.84 2.32 15.14
N GLY D 16 -17.10 3.37 15.45
CA GLY D 16 -15.80 3.54 14.80
C GLY D 16 -15.93 4.05 13.39
N GLY D 17 -16.94 4.87 13.12
CA GLY D 17 -17.28 5.30 11.77
C GLY D 17 -16.27 6.24 11.12
N THR D 18 -15.29 6.75 11.86
CA THR D 18 -14.27 7.59 11.23
C THR D 18 -12.95 6.85 11.03
N GLY D 19 -12.88 5.58 11.40
CA GLY D 19 -11.73 4.76 11.07
C GLY D 19 -11.64 4.45 9.59
N THR D 20 -10.54 3.79 9.24
CA THR D 20 -10.26 3.42 7.85
C THR D 20 -11.36 2.53 7.28
N MET D 21 -11.74 1.50 8.04
CA MET D 21 -12.82 0.62 7.64
C MET D 21 -14.17 1.24 7.95
N GLY D 22 -14.30 1.84 9.13
CA GLY D 22 -15.56 2.46 9.52
C GLY D 22 -16.12 3.38 8.45
N ARG D 23 -15.30 4.33 7.97
CA ARG D 23 -15.85 5.29 7.02
C ARG D 23 -16.35 4.59 5.77
N ARG D 24 -15.65 3.54 5.32
CA ARG D 24 -16.13 2.81 4.15
C ARG D 24 -17.42 2.07 4.44
N ILE D 25 -17.59 1.61 5.68
CA ILE D 25 -18.79 0.90 6.07
C ILE D 25 -19.97 1.86 6.21
N VAL D 26 -19.73 3.08 6.72
CA VAL D 26 -20.77 4.10 6.69
C VAL D 26 -21.25 4.31 5.27
N ARG D 27 -20.35 4.55 4.34
CA ARG D 27 -20.79 4.85 2.98
C ARG D 27 -21.42 3.62 2.32
N ALA D 28 -20.91 2.42 2.62
CA ALA D 28 -21.48 1.22 2.02
C ALA D 28 -22.90 0.97 2.50
N CYS D 29 -23.16 1.24 3.78
CA CYS D 29 -24.54 1.12 4.29
C CYS D 29 -25.47 2.14 3.64
N LEU D 30 -25.02 3.39 3.50
CA LEU D 30 -25.85 4.35 2.77
C LEU D 30 -26.13 3.89 1.35
N ALA D 31 -25.11 3.36 0.66
CA ALA D 31 -25.31 2.93 -0.72
C ALA D 31 -26.28 1.74 -0.82
N GLU D 32 -26.37 0.91 0.22
CA GLU D 32 -27.31 -0.20 0.21
C GLU D 32 -28.73 0.20 0.54
N GLY D 33 -28.98 1.46 0.89
CA GLY D 33 -30.30 1.86 1.30
C GLY D 33 -30.59 1.69 2.77
N HIS D 34 -29.61 1.35 3.58
CA HIS D 34 -29.86 1.27 5.01
C HIS D 34 -30.04 2.65 5.61
N GLU D 35 -30.92 2.74 6.60
CA GLU D 35 -30.99 3.95 7.41
C GLU D 35 -29.79 3.89 8.35
N THR D 36 -28.82 4.74 8.10
CA THR D 36 -27.48 4.59 8.65
C THR D 36 -27.21 5.61 9.74
N TYR D 37 -26.78 5.12 10.89
CA TYR D 37 -26.49 5.91 12.05
C TYR D 37 -25.02 5.72 12.40
N VAL D 38 -24.37 6.79 12.86
CA VAL D 38 -22.96 6.77 13.24
C VAL D 38 -22.81 7.26 14.67
N LEU D 39 -22.08 6.50 15.47
CA LEU D 39 -21.78 6.91 16.83
C LEU D 39 -20.81 8.08 16.80
N GLN D 40 -21.15 9.14 17.54
CA GLN D 40 -20.34 10.35 17.63
C GLN D 40 -19.86 10.43 19.08
N GLN D 41 -18.60 10.08 19.32
CA GLN D 41 -18.05 10.17 20.65
C GLN D 41 -17.61 11.60 20.95
N PRO D 42 -17.55 11.97 22.22
CA PRO D 42 -17.11 13.33 22.55
C PRO D 42 -15.73 13.60 21.97
N GLU D 43 -15.54 14.82 21.50
CA GLU D 43 -14.25 15.21 20.96
C GLU D 43 -13.16 14.98 22.00
N THR D 44 -12.09 14.31 21.57
CA THR D 44 -10.92 14.12 22.41
C THR D 44 -9.89 15.21 22.22
N ARG D 45 -10.01 15.97 21.13
CA ARG D 45 -9.16 17.12 20.86
C ARG D 45 -9.86 17.99 19.83
N VAL D 46 -9.20 19.07 19.46
CA VAL D 46 -9.51 19.74 18.22
C VAL D 46 -9.02 18.80 17.12
N ASP D 47 -9.94 18.04 16.52
CA ASP D 47 -9.60 17.11 15.45
C ASP D 47 -10.46 17.42 14.22
N ILE D 48 -9.95 18.25 13.33
CA ILE D 48 -10.80 18.77 12.28
C ILE D 48 -11.19 17.69 11.28
N GLU D 49 -10.26 16.78 10.97
CA GLU D 49 -10.56 15.75 9.98
C GLU D 49 -11.64 14.82 10.50
N LYS D 50 -11.51 14.40 11.76
CA LYS D 50 -12.51 13.57 12.39
C LYS D 50 -13.88 14.22 12.34
N VAL D 51 -13.96 15.49 12.73
CA VAL D 51 -15.23 16.18 12.79
C VAL D 51 -15.83 16.33 11.40
N GLN D 52 -15.01 16.74 10.43
CA GLN D 52 -15.56 16.96 9.10
C GLN D 52 -15.96 15.64 8.44
N LEU D 53 -15.24 14.56 8.73
CA LEU D 53 -15.70 13.25 8.28
C LEU D 53 -17.09 12.94 8.84
N LEU D 54 -17.27 13.08 10.15
CA LEU D 54 -18.56 12.79 10.75
C LEU D 54 -19.68 13.61 10.11
N TYR D 55 -19.50 14.92 10.02
CA TYR D 55 -20.58 15.75 9.52
C TYR D 55 -20.79 15.58 8.02
N SER D 56 -19.77 15.14 7.28
CA SER D 56 -20.02 14.81 5.88
C SER D 56 -20.95 13.60 5.71
N TYR D 57 -21.06 12.73 6.71
CA TYR D 57 -22.03 11.65 6.57
C TYR D 57 -23.46 12.16 6.57
N LYS D 58 -23.72 13.24 7.32
CA LYS D 58 -25.06 13.85 7.34
C LYS D 58 -25.49 14.29 5.95
N ARG D 59 -24.60 14.95 5.21
CA ARG D 59 -24.95 15.40 3.87
C ARG D 59 -25.33 14.23 2.98
N LEU D 60 -24.86 13.02 3.29
CA LEU D 60 -25.20 11.83 2.53
C LEU D 60 -26.43 11.12 3.06
N GLY D 61 -27.02 11.60 4.14
CA GLY D 61 -28.22 10.99 4.65
C GLY D 61 -28.03 10.17 5.89
N ALA D 62 -26.83 10.13 6.46
CA ALA D 62 -26.64 9.46 7.73
C ALA D 62 -27.10 10.36 8.88
N ARG D 63 -27.37 9.74 10.01
CA ARG D 63 -27.62 10.46 11.25
C ARG D 63 -26.48 10.21 12.23
N LEU D 64 -26.24 11.17 13.12
CA LEU D 64 -25.22 11.05 14.14
C LEU D 64 -25.90 10.85 15.48
N ILE D 65 -25.36 9.97 16.31
CA ILE D 65 -25.87 9.75 17.65
C ILE D 65 -24.72 9.96 18.61
N GLU D 66 -24.85 10.95 19.48
CA GLU D 66 -23.83 11.20 20.47
C GLU D 66 -23.91 10.15 21.57
N ALA D 67 -22.77 9.56 21.89
CA ALA D 67 -22.69 8.60 22.99
C ALA D 67 -21.24 8.51 23.41
N SER D 68 -21.03 7.88 24.56
CA SER D 68 -19.71 7.69 25.12
C SER D 68 -19.61 6.28 25.70
N PHE D 69 -18.49 5.62 25.45
CA PHE D 69 -18.30 4.25 25.94
C PHE D 69 -18.24 4.19 27.46
N SER D 70 -17.94 5.28 28.12
CA SER D 70 -17.93 5.32 29.57
C SER D 70 -19.26 5.77 30.15
N ASP D 71 -20.29 5.89 29.31
CA ASP D 71 -21.65 6.24 29.74
C ASP D 71 -22.57 5.14 29.20
N HIS D 72 -22.71 4.08 29.98
CA HIS D 72 -23.52 2.94 29.60
C HIS D 72 -24.89 3.37 29.10
N GLN D 73 -25.55 4.26 29.83
CA GLN D 73 -26.90 4.65 29.45
C GLN D 73 -26.93 5.31 28.08
N SER D 74 -25.89 6.09 27.74
CA SER D 74 -25.85 6.67 26.40
C SER D 74 -25.71 5.60 25.33
N LEU D 75 -24.98 4.51 25.63
CA LEU D 75 -24.87 3.41 24.67
C LEU D 75 -26.20 2.69 24.49
N VAL D 76 -26.90 2.43 25.60
CA VAL D 76 -28.18 1.75 25.49
C VAL D 76 -29.13 2.57 24.64
N SER D 77 -29.17 3.88 24.88
CA SER D 77 -30.09 4.73 24.11
C SER D 77 -29.73 4.68 22.63
N ALA D 78 -28.44 4.70 22.32
CA ALA D 78 -28.02 4.69 20.92
C ALA D 78 -28.45 3.39 20.22
N VAL D 79 -28.13 2.23 20.81
CA VAL D 79 -28.45 0.99 20.12
C VAL D 79 -29.96 0.75 20.08
N LYS D 80 -30.71 1.37 20.99
CA LYS D 80 -32.16 1.21 20.98
C LYS D 80 -32.77 1.80 19.71
N GLN D 81 -32.05 2.64 18.98
CA GLN D 81 -32.62 3.30 17.82
C GLN D 81 -32.44 2.51 16.52
N VAL D 82 -31.74 1.37 16.52
CA VAL D 82 -31.41 0.67 15.29
C VAL D 82 -31.79 -0.80 15.42
N ASP D 83 -31.64 -1.52 14.31
CA ASP D 83 -31.78 -2.98 14.29
C ASP D 83 -30.46 -3.72 14.25
N ILE D 84 -29.41 -3.11 13.69
CA ILE D 84 -28.14 -3.79 13.48
C ILE D 84 -27.00 -2.87 13.89
N VAL D 85 -26.00 -3.44 14.57
CA VAL D 85 -24.83 -2.71 15.01
C VAL D 85 -23.60 -3.30 14.35
N VAL D 86 -22.75 -2.43 13.80
CA VAL D 86 -21.49 -2.83 13.21
C VAL D 86 -20.38 -2.03 13.87
N ALA D 87 -19.31 -2.71 14.26
CA ALA D 87 -18.18 -2.08 14.90
C ALA D 87 -16.94 -2.34 14.07
N ALA D 88 -16.12 -1.29 13.90
CA ALA D 88 -14.85 -1.32 13.19
C ALA D 88 -13.86 -0.45 13.98
N MET D 89 -13.27 -1.03 15.01
CA MET D 89 -12.31 -0.38 15.88
C MET D 89 -10.90 -0.66 15.39
N SER D 90 -9.95 0.18 15.79
CA SER D 90 -8.55 0.07 15.38
C SER D 90 -8.09 -1.33 14.98
N SER D 98 -8.66 -1.46 23.07
CA SER D 98 -9.46 -0.77 22.07
C SER D 98 -10.43 -1.72 21.39
N ILE D 99 -9.95 -2.92 21.04
CA ILE D 99 -10.87 -4.00 20.69
C ILE D 99 -11.79 -4.30 21.87
N LEU D 100 -11.26 -4.24 23.10
CA LEU D 100 -12.03 -4.59 24.29
C LEU D 100 -13.12 -3.58 24.63
N VAL D 101 -13.12 -2.40 24.01
CA VAL D 101 -14.19 -1.45 24.29
C VAL D 101 -15.53 -2.01 23.84
N GLN D 102 -15.54 -2.96 22.92
CA GLN D 102 -16.78 -3.57 22.46
C GLN D 102 -17.50 -4.37 23.55
N LEU D 103 -16.78 -4.84 24.57
CA LEU D 103 -17.46 -5.46 25.70
C LEU D 103 -18.52 -4.51 26.28
N LYS D 104 -18.18 -3.23 26.46
CA LYS D 104 -19.18 -2.27 26.91
C LYS D 104 -20.34 -2.19 25.93
N LEU D 105 -20.05 -2.35 24.64
CA LEU D 105 -21.08 -2.28 23.63
C LEU D 105 -21.95 -3.53 23.66
N VAL D 106 -21.35 -4.70 23.92
CA VAL D 106 -22.14 -5.91 24.10
C VAL D 106 -23.07 -5.76 25.31
N GLU D 107 -22.54 -5.25 26.43
CA GLU D 107 -23.38 -5.06 27.60
C GLU D 107 -24.60 -4.21 27.26
N ALA D 108 -24.43 -3.13 26.50
CA ALA D 108 -25.55 -2.25 26.19
C ALA D 108 -26.54 -2.90 25.25
N ILE D 109 -26.05 -3.63 24.25
CA ILE D 109 -26.94 -4.34 23.33
C ILE D 109 -27.76 -5.37 24.09
N LYS D 110 -27.12 -6.07 25.03
CA LYS D 110 -27.85 -7.05 25.85
C LYS D 110 -29.01 -6.38 26.58
N GLU D 111 -28.77 -5.21 27.16
CA GLU D 111 -29.82 -4.55 27.92
C GLU D 111 -30.89 -3.97 27.02
N ALA D 112 -30.49 -3.38 25.88
CA ALA D 112 -31.48 -2.79 24.97
C ALA D 112 -32.46 -3.84 24.46
N GLY D 113 -31.95 -5.03 24.13
CA GLY D 113 -32.77 -6.16 23.77
C GLY D 113 -33.30 -6.16 22.36
N ASN D 114 -33.15 -5.08 21.61
CA ASN D 114 -33.82 -4.95 20.32
C ASN D 114 -32.91 -5.23 19.14
N ILE D 115 -31.66 -5.62 19.35
CA ILE D 115 -30.69 -5.70 18.26
C ILE D 115 -30.81 -7.07 17.59
N LYS D 116 -31.07 -7.05 16.29
CA LYS D 116 -31.22 -8.28 15.50
C LYS D 116 -29.90 -8.89 15.07
N ARG D 117 -28.82 -8.11 14.99
CA ARG D 117 -27.50 -8.67 14.70
C ARG D 117 -26.41 -7.67 15.06
N PHE D 118 -25.31 -8.18 15.58
CA PHE D 118 -24.12 -7.39 15.90
C PHE D 118 -22.96 -7.94 15.09
N LEU D 119 -22.31 -7.07 14.31
CA LEU D 119 -21.08 -7.45 13.61
C LEU D 119 -19.90 -6.81 14.32
N PRO D 120 -19.10 -7.57 15.03
CA PRO D 120 -17.98 -7.00 15.77
C PRO D 120 -16.80 -6.71 14.86
N SER D 121 -15.81 -6.00 15.42
CA SER D 121 -14.67 -5.54 14.65
C SER D 121 -13.73 -6.69 14.32
N GLU D 122 -13.94 -7.30 13.16
CA GLU D 122 -13.18 -8.45 12.73
C GLU D 122 -12.34 -8.02 11.55
N PHE D 123 -12.76 -8.32 10.31
CA PHE D 123 -12.21 -7.75 9.08
C PHE D 123 -10.70 -8.01 8.94
N GLY D 124 -10.20 -9.08 9.51
CA GLY D 124 -8.82 -9.49 9.31
C GLY D 124 -8.77 -10.99 9.37
N MET D 125 -7.58 -11.53 9.70
CA MET D 125 -7.46 -12.98 9.92
C MET D 125 -8.50 -13.44 10.94
N ASP D 126 -9.02 -14.63 10.74
CA ASP D 126 -9.98 -15.19 11.70
C ASP D 126 -9.26 -15.48 13.01
N PRO D 127 -9.56 -14.76 14.10
CA PRO D 127 -8.84 -15.00 15.37
C PRO D 127 -9.02 -16.40 15.92
N SER D 128 -10.03 -17.15 15.47
CA SER D 128 -10.27 -18.48 16.00
C SER D 128 -9.29 -19.50 15.39
N ARG D 129 -8.06 -19.05 15.10
CA ARG D 129 -6.93 -19.90 14.77
C ARG D 129 -5.64 -19.09 14.65
N ASP D 142 -7.50 -12.66 19.65
CA ASP D 142 -7.54 -13.06 21.05
C ASP D 142 -8.36 -12.08 21.89
N GLN D 143 -8.10 -10.79 21.73
CA GLN D 143 -9.06 -9.80 22.23
C GLN D 143 -10.35 -9.87 21.43
N LYS D 144 -10.23 -10.06 20.11
CA LYS D 144 -11.41 -10.37 19.30
C LYS D 144 -12.11 -11.61 19.82
N LEU D 145 -11.34 -12.59 20.28
CA LEU D 145 -11.93 -13.84 20.78
C LEU D 145 -12.73 -13.59 22.05
N GLU D 146 -12.15 -12.86 23.00
CA GLU D 146 -12.88 -12.45 24.18
C GLU D 146 -14.21 -11.77 23.83
N VAL D 147 -14.25 -11.03 22.72
CA VAL D 147 -15.47 -10.31 22.34
C VAL D 147 -16.51 -11.26 21.74
N ARG D 148 -16.08 -12.19 20.90
CA ARG D 148 -17.00 -13.21 20.41
C ARG D 148 -17.66 -13.97 21.56
N ASN D 149 -16.88 -14.36 22.56
CA ASN D 149 -17.45 -15.06 23.70
C ASN D 149 -18.54 -14.21 24.36
N ALA D 150 -18.24 -12.94 24.63
CA ALA D 150 -19.24 -12.09 25.26
C ALA D 150 -20.48 -11.95 24.39
N ILE D 151 -20.30 -11.75 23.08
CA ILE D 151 -21.43 -11.74 22.15
C ILE D 151 -22.27 -12.99 22.32
N GLU D 152 -21.62 -14.15 22.33
CA GLU D 152 -22.36 -15.39 22.26
C GLU D 152 -23.00 -15.76 23.59
N ALA D 153 -22.28 -15.57 24.70
CA ALA D 153 -22.88 -15.69 26.02
C ALA D 153 -24.14 -14.84 26.14
N ALA D 154 -24.14 -13.64 25.58
CA ALA D 154 -25.30 -12.77 25.69
C ALA D 154 -26.42 -13.17 24.74
N GLY D 155 -26.16 -14.13 23.86
CA GLY D 155 -27.17 -14.52 22.91
C GLY D 155 -27.42 -13.52 21.80
N ILE D 156 -26.51 -12.58 21.58
CA ILE D 156 -26.70 -11.61 20.51
C ILE D 156 -26.38 -12.28 19.18
N PRO D 157 -27.29 -12.29 18.22
CA PRO D 157 -26.95 -12.86 16.91
C PRO D 157 -25.87 -12.03 16.22
N HIS D 158 -25.07 -12.71 15.41
CA HIS D 158 -23.78 -12.15 15.02
C HIS D 158 -23.41 -12.64 13.63
N THR D 159 -22.53 -11.86 12.99
CA THR D 159 -21.80 -12.31 11.81
C THR D 159 -20.36 -11.89 11.98
N TYR D 160 -19.43 -12.81 11.70
CA TYR D 160 -18.01 -12.54 11.78
C TYR D 160 -17.47 -12.47 10.35
N VAL D 161 -17.03 -11.28 9.94
CA VAL D 161 -16.53 -11.00 8.59
C VAL D 161 -15.01 -11.04 8.67
N VAL D 162 -14.39 -12.10 8.09
CA VAL D 162 -12.98 -12.40 8.28
C VAL D 162 -12.30 -12.72 6.95
N GLY D 163 -10.97 -12.81 6.99
CA GLY D 163 -10.20 -13.58 6.05
C GLY D 163 -9.49 -12.86 4.92
N ALA D 164 -9.32 -11.54 4.99
CA ALA D 164 -8.70 -10.79 3.91
C ALA D 164 -7.50 -9.96 4.37
N CYS D 165 -6.62 -9.68 3.42
CA CYS D 165 -5.58 -8.65 3.55
C CYS D 165 -6.09 -7.37 2.89
N PHE D 166 -6.23 -6.31 3.68
CA PHE D 166 -6.53 -4.98 3.14
C PHE D 166 -5.53 -4.64 2.05
N ALA D 167 -6.03 -4.29 0.87
CA ALA D 167 -5.12 -4.02 -0.22
C ALA D 167 -4.25 -2.79 0.07
N ALA D 168 -4.74 -1.88 0.91
CA ALA D 168 -3.96 -0.69 1.19
C ALA D 168 -2.70 -1.03 1.97
N TYR D 169 -2.81 -1.95 2.91
CA TYR D 169 -1.69 -2.31 3.76
C TYR D 169 -0.83 -3.45 3.22
N PHE D 170 -1.26 -4.14 2.16
CA PHE D 170 -0.55 -5.33 1.70
C PHE D 170 -0.39 -5.44 0.18
N ALA D 171 -1.22 -4.79 -0.61
CA ALA D 171 -1.14 -4.87 -2.07
C ALA D 171 -0.47 -3.64 -2.68
N GLY D 172 -0.87 -2.44 -2.22
CA GLY D 172 -0.32 -1.22 -2.79
C GLY D 172 1.18 -1.12 -2.68
N ASN D 173 1.75 -1.73 -1.63
CA ASN D 173 3.17 -1.73 -1.37
C ASN D 173 3.83 -3.05 -1.78
N LEU D 174 3.15 -3.85 -2.61
CA LEU D 174 3.63 -5.19 -2.99
C LEU D 174 4.00 -6.00 -1.76
N SER D 175 3.25 -5.79 -0.68
CA SER D 175 3.45 -6.45 0.61
C SER D 175 4.75 -6.08 1.30
N GLN D 176 5.46 -5.05 0.83
CA GLN D 176 6.63 -4.57 1.55
C GLN D 176 6.23 -3.79 2.78
N MET D 177 7.04 -3.87 3.82
CA MET D 177 6.73 -3.14 5.04
C MET D 177 7.35 -1.75 5.02
N GLY D 178 6.87 -0.90 5.92
CA GLY D 178 7.39 0.44 6.08
C GLY D 178 6.95 1.43 5.02
N THR D 179 6.00 1.07 4.18
CA THR D 179 5.59 1.95 3.11
C THR D 179 4.23 1.48 2.61
N LEU D 180 3.54 2.37 1.92
CA LEU D 180 2.22 2.11 1.39
C LEU D 180 2.16 2.18 -0.12
N ILE D 181 3.27 2.39 -0.79
CA ILE D 181 3.24 2.54 -2.24
C ILE D 181 4.23 1.57 -2.85
N PRO D 182 4.17 1.32 -4.16
CA PRO D 182 5.05 0.30 -4.72
C PRO D 182 6.49 0.71 -4.64
N PRO D 183 7.42 -0.24 -4.47
CA PRO D 183 8.84 0.10 -4.44
C PRO D 183 9.32 0.53 -5.81
N LYS D 184 10.43 1.28 -5.80
CA LYS D 184 10.96 1.75 -7.07
C LYS D 184 11.97 0.80 -7.69
N LYS D 185 12.78 0.09 -6.89
CA LYS D 185 13.76 -0.82 -7.50
C LYS D 185 13.76 -2.21 -6.87
N LYS D 186 13.76 -2.28 -5.55
CA LYS D 186 14.02 -3.50 -4.81
C LYS D 186 12.76 -3.97 -4.09
N VAL D 187 12.53 -5.28 -4.06
CA VAL D 187 11.37 -5.85 -3.38
C VAL D 187 11.81 -7.11 -2.64
N ASN D 188 11.49 -7.19 -1.35
CA ASN D 188 11.71 -8.44 -0.63
C ASN D 188 10.66 -9.45 -1.03
N ILE D 189 11.08 -10.68 -1.31
CA ILE D 189 10.17 -11.80 -1.49
C ILE D 189 10.24 -12.64 -0.22
N TYR D 190 9.08 -12.92 0.37
CA TYR D 190 9.02 -13.69 1.61
C TYR D 190 8.99 -15.18 1.27
N GLY D 191 9.97 -15.92 1.79
CA GLY D 191 10.16 -17.26 1.27
C GLY D 191 10.29 -17.23 -0.23
N ASP D 192 9.72 -18.22 -0.89
CA ASP D 192 9.75 -18.28 -2.34
C ASP D 192 8.67 -17.42 -2.98
N GLY D 193 7.89 -16.69 -2.19
CA GLY D 193 6.81 -15.89 -2.73
C GLY D 193 5.74 -16.73 -3.39
N ASN D 194 5.49 -17.93 -2.87
CA ASN D 194 4.62 -18.92 -3.50
C ASN D 194 3.52 -19.39 -2.56
N VAL D 195 3.30 -18.67 -1.48
CA VAL D 195 2.23 -18.95 -0.55
C VAL D 195 1.05 -18.06 -0.90
N LYS D 196 -0.14 -18.64 -0.98
CA LYS D 196 -1.31 -17.89 -1.40
C LYS D 196 -1.78 -16.94 -0.30
N VAL D 197 -2.05 -15.69 -0.70
CA VAL D 197 -2.53 -14.61 0.17
C VAL D 197 -3.83 -14.06 -0.45
N VAL D 198 -4.65 -13.42 0.39
CA VAL D 198 -5.94 -12.92 -0.07
C VAL D 198 -5.93 -11.39 -0.03
N TYR D 199 -5.91 -10.77 -1.20
CA TYR D 199 -5.80 -9.31 -1.30
C TYR D 199 -7.15 -8.75 -1.71
N VAL D 200 -7.73 -7.90 -0.85
CA VAL D 200 -9.06 -7.37 -1.10
C VAL D 200 -9.10 -5.87 -0.86
N ASP D 201 -9.61 -5.12 -1.85
CA ASP D 201 -9.91 -3.71 -1.69
C ASP D 201 -10.83 -3.51 -0.49
N GLU D 202 -10.41 -2.65 0.45
CA GLU D 202 -11.22 -2.37 1.62
C GLU D 202 -12.63 -1.93 1.24
N ASP D 203 -12.78 -1.27 0.09
CA ASP D 203 -14.12 -0.90 -0.38
C ASP D 203 -14.99 -2.14 -0.58
N ASP D 204 -14.40 -3.24 -1.05
CA ASP D 204 -15.20 -4.44 -1.29
C ASP D 204 -15.56 -5.13 0.01
N ILE D 205 -14.61 -5.18 0.96
CA ILE D 205 -14.92 -5.66 2.30
C ILE D 205 -16.09 -4.87 2.88
N ALA D 206 -16.03 -3.54 2.77
CA ALA D 206 -17.11 -2.70 3.28
C ALA D 206 -18.43 -3.03 2.60
N GLU D 207 -18.41 -3.15 1.27
CA GLU D 207 -19.66 -3.45 0.56
C GLU D 207 -20.15 -4.87 0.84
N TYR D 208 -19.26 -5.86 0.93
CA TYR D 208 -19.70 -7.18 1.37
C TYR D 208 -20.34 -7.12 2.77
N THR D 209 -19.72 -6.35 3.67
CA THR D 209 -20.24 -6.17 5.02
C THR D 209 -21.64 -5.56 5.00
N ALA D 210 -21.85 -4.56 4.14
CA ALA D 210 -23.14 -3.91 4.06
C ALA D 210 -24.21 -4.83 3.48
N LYS D 211 -23.81 -5.81 2.66
CA LYS D 211 -24.77 -6.74 2.08
C LYS D 211 -25.10 -7.89 3.01
N THR D 212 -24.15 -8.29 3.84
CA THR D 212 -24.34 -9.48 4.65
C THR D 212 -25.12 -9.22 5.94
N LEU D 213 -25.16 -7.95 6.41
CA LEU D 213 -25.53 -7.72 7.80
C LEU D 213 -27.00 -8.00 8.06
N ASP D 214 -27.86 -7.99 7.03
CA ASP D 214 -29.24 -8.44 7.20
C ASP D 214 -29.57 -9.63 6.28
N ASP D 215 -28.56 -10.35 5.80
CA ASP D 215 -28.82 -11.51 4.95
C ASP D 215 -29.14 -12.69 5.84
N PRO D 216 -30.33 -13.29 5.73
CA PRO D 216 -30.66 -14.43 6.59
C PRO D 216 -29.68 -15.57 6.45
N ARG D 217 -29.04 -15.71 5.29
CA ARG D 217 -28.10 -16.80 5.09
C ARG D 217 -26.89 -16.69 6.01
N THR D 218 -26.52 -15.49 6.47
CA THR D 218 -25.28 -15.35 7.23
C THR D 218 -25.48 -15.08 8.71
N ILE D 219 -26.72 -15.21 9.20
CA ILE D 219 -26.95 -15.00 10.62
C ILE D 219 -26.22 -16.07 11.43
N ASN D 220 -25.42 -15.65 12.40
CA ASN D 220 -24.69 -16.53 13.29
C ASN D 220 -23.61 -17.34 12.57
N LYS D 221 -23.02 -16.76 11.54
CA LYS D 221 -22.02 -17.43 10.72
C LYS D 221 -20.76 -16.60 10.63
N THR D 222 -19.68 -17.25 10.25
CA THR D 222 -18.51 -16.57 9.76
C THR D 222 -18.59 -16.44 8.23
N VAL D 223 -18.47 -15.22 7.74
CA VAL D 223 -18.36 -14.97 6.30
C VAL D 223 -16.90 -14.71 5.97
N TYR D 224 -16.36 -15.47 5.02
CA TYR D 224 -14.97 -15.31 4.58
C TYR D 224 -14.95 -14.46 3.33
N VAL D 225 -14.14 -13.41 3.34
CA VAL D 225 -13.98 -12.54 2.18
C VAL D 225 -12.78 -13.07 1.40
N ARG D 226 -13.04 -13.90 0.40
CA ARG D 226 -11.97 -14.56 -0.36
C ARG D 226 -12.33 -14.56 -1.83
N PRO D 227 -12.34 -13.40 -2.46
CA PRO D 227 -12.69 -13.33 -3.88
C PRO D 227 -11.70 -14.11 -4.72
N THR D 228 -12.24 -14.99 -5.57
CA THR D 228 -11.42 -16.02 -6.22
C THR D 228 -10.24 -15.44 -6.99
N GLU D 229 -10.49 -14.41 -7.79
CA GLU D 229 -9.41 -13.92 -8.63
C GLU D 229 -8.36 -13.14 -7.84
N ASN D 230 -8.60 -12.86 -6.56
CA ASN D 230 -7.66 -12.12 -5.74
C ASN D 230 -6.89 -13.02 -4.79
N VAL D 231 -6.99 -14.33 -4.97
CA VAL D 231 -6.18 -15.28 -4.23
C VAL D 231 -4.90 -15.44 -5.02
N LEU D 232 -3.82 -14.85 -4.51
CA LEU D 232 -2.59 -14.64 -5.25
C LEU D 232 -1.43 -14.84 -4.30
N THR D 233 -0.34 -15.39 -4.81
CA THR D 233 0.91 -15.41 -4.08
C THR D 233 1.58 -14.04 -4.19
N GLN D 234 2.52 -13.77 -3.30
CA GLN D 234 3.22 -12.49 -3.38
C GLN D 234 3.90 -12.33 -4.72
N MET D 235 4.49 -13.40 -5.24
CA MET D 235 5.14 -13.31 -6.55
C MET D 235 4.13 -13.01 -7.64
N GLU D 236 2.93 -13.58 -7.55
CA GLU D 236 1.89 -13.25 -8.52
C GLU D 236 1.51 -11.77 -8.44
N LEU D 237 1.39 -11.24 -7.22
CA LEU D 237 1.14 -9.81 -7.07
C LEU D 237 2.28 -9.00 -7.67
N VAL D 238 3.53 -9.34 -7.34
CA VAL D 238 4.67 -8.63 -7.90
C VAL D 238 4.61 -8.65 -9.41
N GLN D 239 4.23 -9.77 -9.99
CA GLN D 239 4.24 -9.89 -11.44
C GLN D 239 3.10 -9.13 -12.09
N ILE D 240 1.98 -8.93 -11.39
CA ILE D 240 0.98 -7.99 -11.89
C ILE D 240 1.61 -6.61 -12.05
N TRP D 241 2.39 -6.18 -11.07
CA TRP D 241 2.95 -4.83 -11.12
C TRP D 241 4.02 -4.72 -12.21
N GLU D 242 4.92 -5.71 -12.27
CA GLU D 242 5.94 -5.71 -13.32
C GLU D 242 5.32 -5.67 -14.70
N LYS D 243 4.18 -6.32 -14.87
CA LYS D 243 3.46 -6.25 -16.15
C LYS D 243 2.80 -4.90 -16.37
N LEU D 244 2.45 -4.20 -15.28
CA LEU D 244 1.92 -2.85 -15.45
C LEU D 244 3.02 -1.86 -15.81
N THR D 245 4.18 -1.97 -15.18
CA THR D 245 5.28 -1.05 -15.48
C THR D 245 6.10 -1.49 -16.70
N GLY D 246 6.14 -2.79 -16.99
CA GLY D 246 7.08 -3.31 -17.97
C GLY D 246 8.49 -3.40 -17.47
N LYS D 247 8.69 -3.32 -16.16
CA LYS D 247 9.99 -3.34 -15.53
C LYS D 247 10.01 -4.50 -14.55
N GLU D 248 11.10 -5.27 -14.57
CA GLU D 248 11.32 -6.26 -13.53
C GLU D 248 12.06 -5.61 -12.37
N LEU D 249 11.67 -5.98 -11.15
CA LEU D 249 12.32 -5.47 -9.95
C LEU D 249 13.36 -6.46 -9.46
N GLU D 250 14.30 -5.96 -8.65
CA GLU D 250 15.27 -6.81 -7.97
C GLU D 250 14.62 -7.49 -6.77
N LYS D 251 14.72 -8.82 -6.71
CA LYS D 251 14.01 -9.60 -5.72
C LYS D 251 14.97 -10.28 -4.77
N THR D 252 14.67 -10.20 -3.47
CA THR D 252 15.51 -10.75 -2.42
C THR D 252 14.66 -11.65 -1.53
N ASN D 253 14.97 -12.94 -1.50
CA ASN D 253 14.21 -13.88 -0.69
C ASN D 253 14.63 -13.79 0.78
N ILE D 254 13.65 -13.84 1.67
CA ILE D 254 13.88 -13.92 3.11
C ILE D 254 13.34 -15.25 3.60
N SER D 255 14.20 -16.05 4.22
CA SER D 255 13.79 -17.31 4.82
C SER D 255 12.99 -17.07 6.10
N ALA D 256 12.45 -18.16 6.65
CA ALA D 256 11.52 -18.06 7.77
C ALA D 256 12.20 -17.57 9.05
N ASN D 257 13.40 -18.07 9.35
CA ASN D 257 14.01 -17.70 10.63
C ASN D 257 14.83 -16.41 10.56
N ASP D 258 15.24 -15.97 9.37
CA ASP D 258 15.68 -14.59 9.23
C ASP D 258 14.54 -13.66 9.61
N PHE D 259 13.31 -14.03 9.26
CA PHE D 259 12.13 -13.51 9.91
C PHE D 259 12.20 -13.94 11.38
N LEU D 260 12.84 -13.11 12.21
CA LEU D 260 13.21 -13.53 13.55
C LEU D 260 12.06 -14.17 14.32
N GLN D 271 6.63 -4.60 15.77
CA GLN D 271 6.55 -5.58 16.84
C GLN D 271 5.94 -6.88 16.33
N ALA D 272 4.81 -7.26 16.93
CA ALA D 272 4.03 -8.42 16.53
C ALA D 272 3.24 -8.21 15.24
N GLY D 273 3.38 -7.06 14.59
CA GLY D 273 2.94 -6.96 13.20
C GLY D 273 3.72 -7.89 12.31
N LEU D 274 4.95 -8.24 12.72
CA LEU D 274 5.71 -9.27 12.05
C LEU D 274 5.17 -10.66 12.35
N GLY D 275 4.59 -10.86 13.54
CA GLY D 275 3.89 -12.10 13.81
C GLY D 275 2.78 -12.34 12.82
N HIS D 276 1.88 -11.36 12.70
CA HIS D 276 0.80 -11.46 11.73
C HIS D 276 1.35 -11.70 10.32
N PHE D 277 2.40 -10.96 9.97
CA PHE D 277 3.00 -11.10 8.65
C PHE D 277 3.51 -12.50 8.43
N TYR D 278 4.12 -13.10 9.44
CA TYR D 278 4.65 -14.44 9.26
C TYR D 278 3.53 -15.44 9.01
N HIS D 279 2.46 -15.36 9.81
CA HIS D 279 1.34 -16.27 9.60
C HIS D 279 0.80 -16.17 8.20
N ILE D 280 0.72 -14.95 7.67
CA ILE D 280 0.09 -14.72 6.38
C ILE D 280 0.96 -15.23 5.25
N PHE D 281 2.21 -14.77 5.17
CA PHE D 281 3.03 -15.01 4.00
C PHE D 281 3.91 -16.25 4.12
N TYR D 282 4.15 -16.73 5.33
CA TYR D 282 4.93 -17.94 5.48
C TYR D 282 4.05 -19.16 5.73
N GLU D 283 3.10 -19.07 6.67
CA GLU D 283 2.25 -20.21 6.97
C GLU D 283 1.01 -20.29 6.09
N GLY D 284 0.70 -19.23 5.33
CA GLY D 284 -0.48 -19.22 4.49
C GLY D 284 -1.80 -19.31 5.22
N CYS D 285 -1.87 -18.81 6.45
CA CYS D 285 -3.04 -19.04 7.29
C CYS D 285 -4.31 -18.45 6.69
N LEU D 286 -4.21 -17.48 5.77
CA LEU D 286 -5.42 -17.00 5.10
C LEU D 286 -5.96 -17.98 4.07
N THR D 287 -5.15 -18.96 3.63
CA THR D 287 -5.56 -19.82 2.53
C THR D 287 -5.35 -21.30 2.77
N ASP D 288 -5.07 -21.75 4.00
CA ASP D 288 -4.76 -23.16 4.23
C ASP D 288 -6.00 -23.97 4.61
N HIS D 289 -7.15 -23.67 3.99
CA HIS D 289 -8.39 -24.30 4.40
C HIS D 289 -9.48 -23.87 3.43
N GLU D 290 -10.28 -24.81 2.95
CA GLU D 290 -11.35 -24.45 2.03
C GLU D 290 -12.45 -23.72 2.79
N VAL D 291 -13.15 -22.83 2.09
CA VAL D 291 -14.38 -22.26 2.61
C VAL D 291 -15.45 -22.47 1.55
N GLY D 292 -16.64 -22.87 2.00
CA GLY D 292 -17.71 -23.15 1.08
C GLY D 292 -18.32 -21.90 0.48
N ASP D 293 -18.95 -22.09 -0.66
CA ASP D 293 -19.63 -20.97 -1.32
C ASP D 293 -20.70 -20.35 -0.44
N ASP D 294 -21.36 -21.14 0.40
CA ASP D 294 -22.43 -20.57 1.24
C ASP D 294 -21.89 -19.73 2.38
N GLU D 295 -20.57 -19.58 2.47
CA GLU D 295 -19.91 -18.82 3.50
C GLU D 295 -18.80 -17.92 2.95
N GLU D 296 -18.75 -17.73 1.62
CA GLU D 296 -17.72 -16.94 0.97
C GLU D 296 -18.36 -15.75 0.27
N ALA D 297 -17.88 -14.57 0.60
CA ALA D 297 -18.63 -13.35 0.32
C ALA D 297 -18.85 -13.16 -1.17
N SER D 298 -17.84 -13.45 -1.99
CA SER D 298 -18.02 -13.21 -3.42
C SER D 298 -18.97 -14.21 -4.07
N LYS D 299 -19.20 -15.37 -3.45
CA LYS D 299 -20.23 -16.29 -3.94
C LYS D 299 -21.59 -15.90 -3.40
N LEU D 300 -21.63 -15.43 -2.15
CA LEU D 300 -22.87 -14.96 -1.57
C LEU D 300 -23.39 -13.73 -2.28
N TYR D 301 -22.49 -12.88 -2.75
CA TYR D 301 -22.84 -11.57 -3.31
C TYR D 301 -22.14 -11.44 -4.65
N PRO D 302 -22.56 -12.23 -5.64
CA PRO D 302 -21.87 -12.23 -6.94
C PRO D 302 -22.04 -10.94 -7.71
N ASP D 303 -22.96 -10.07 -7.31
CA ASP D 303 -23.10 -8.79 -8.01
C ASP D 303 -22.02 -7.78 -7.62
N VAL D 304 -21.24 -8.04 -6.58
CA VAL D 304 -20.14 -7.16 -6.20
C VAL D 304 -18.99 -7.45 -7.16
N LYS D 305 -18.85 -6.66 -8.21
CA LYS D 305 -17.71 -6.72 -9.13
C LYS D 305 -16.48 -6.25 -8.37
N TYR D 306 -15.90 -7.17 -7.60
CA TYR D 306 -14.82 -6.79 -6.70
C TYR D 306 -13.60 -6.33 -7.50
N THR D 307 -12.83 -5.41 -6.90
CA THR D 307 -11.69 -4.83 -7.58
C THR D 307 -10.54 -5.83 -7.65
N ARG D 308 -10.13 -6.17 -8.87
CA ARG D 308 -8.99 -7.06 -9.08
C ARG D 308 -7.69 -6.30 -8.87
N MET D 309 -6.66 -7.01 -8.44
CA MET D 309 -5.42 -6.36 -8.03
C MET D 309 -4.73 -5.68 -9.20
N ASP D 310 -4.95 -6.13 -10.43
CA ASP D 310 -4.35 -5.38 -11.53
C ASP D 310 -5.01 -4.03 -11.68
N GLU D 311 -6.31 -3.92 -11.39
CA GLU D 311 -6.95 -2.61 -11.44
C GLU D 311 -6.59 -1.77 -10.23
N TYR D 312 -6.49 -2.39 -9.05
CA TYR D 312 -6.13 -1.65 -7.85
C TYR D 312 -4.79 -0.96 -8.01
N LEU D 313 -3.82 -1.64 -8.60
CA LEU D 313 -2.46 -1.13 -8.66
C LEU D 313 -2.27 -0.02 -9.68
N LYS D 314 -3.18 0.13 -10.64
CA LYS D 314 -2.97 1.10 -11.72
C LYS D 314 -2.79 2.51 -11.16
N ILE D 315 -3.58 2.89 -10.14
CA ILE D 315 -3.52 4.25 -9.63
C ILE D 315 -2.10 4.65 -9.25
N PHE D 316 -1.21 3.68 -9.04
CA PHE D 316 0.15 3.99 -8.64
C PHE D 316 1.10 4.20 -9.81
N LEU D 317 0.69 3.93 -11.03
CA LEU D 317 1.59 4.01 -12.16
C LEU D 317 1.99 5.45 -12.45
N SER E 6 -6.74 22.84 -23.48
CA SER E 6 -5.79 21.74 -23.61
C SER E 6 -4.46 22.04 -22.91
N GLY E 7 -3.79 23.10 -23.39
CA GLY E 7 -2.49 23.47 -22.90
C GLY E 7 -2.34 24.99 -22.78
N GLU E 8 -3.47 25.69 -22.69
CA GLU E 8 -3.48 27.08 -22.24
C GLU E 8 -3.63 27.18 -20.72
N LYS E 9 -3.71 26.06 -20.02
CA LYS E 9 -3.84 26.06 -18.57
C LYS E 9 -2.59 26.61 -17.88
N THR E 10 -2.80 27.25 -16.72
CA THR E 10 -1.71 27.48 -15.79
C THR E 10 -1.33 26.15 -15.13
N ARG E 11 -0.04 25.83 -15.08
CA ARG E 11 0.41 24.66 -14.33
C ARG E 11 0.72 25.05 -12.88
N VAL E 12 -0.01 24.47 -11.92
CA VAL E 12 0.08 24.86 -10.52
C VAL E 12 0.64 23.70 -9.70
N LEU E 13 1.68 23.98 -8.90
CA LEU E 13 2.17 23.06 -7.89
C LEU E 13 1.65 23.48 -6.52
N VAL E 14 0.94 22.58 -5.85
CA VAL E 14 0.44 22.81 -4.50
C VAL E 14 1.35 22.08 -3.52
N VAL E 15 1.97 22.84 -2.61
CA VAL E 15 2.82 22.32 -1.55
C VAL E 15 1.99 22.26 -0.27
N GLY E 16 1.96 21.10 0.37
CA GLY E 16 1.09 20.90 1.51
C GLY E 16 -0.28 20.41 1.16
N GLY E 17 -0.42 19.67 0.06
CA GLY E 17 -1.70 19.32 -0.50
C GLY E 17 -2.54 18.31 0.25
N THR E 18 -2.08 17.77 1.37
CA THR E 18 -2.93 16.90 2.20
C THR E 18 -3.40 17.59 3.47
N GLY E 19 -3.09 18.86 3.64
CA GLY E 19 -3.57 19.60 4.77
C GLY E 19 -5.03 19.97 4.66
N THR E 20 -5.54 20.51 5.76
CA THR E 20 -6.90 21.06 5.77
C THR E 20 -7.11 22.00 4.60
N MET E 21 -6.26 23.01 4.48
CA MET E 21 -6.46 23.99 3.43
C MET E 21 -5.93 23.47 2.11
N GLY E 22 -4.81 22.74 2.16
CA GLY E 22 -4.16 22.29 0.93
C GLY E 22 -5.02 21.37 0.09
N ARG E 23 -5.72 20.42 0.72
CA ARG E 23 -6.57 19.51 -0.04
C ARG E 23 -7.65 20.27 -0.77
N ARG E 24 -8.20 21.31 -0.13
CA ARG E 24 -9.21 22.13 -0.77
C ARG E 24 -8.62 22.94 -1.91
N ILE E 25 -7.36 23.34 -1.79
CA ILE E 25 -6.74 24.08 -2.88
C ILE E 25 -6.45 23.18 -4.07
N VAL E 26 -5.95 21.96 -3.82
CA VAL E 26 -5.84 20.98 -4.90
C VAL E 26 -7.15 20.90 -5.68
N ARG E 27 -8.24 20.65 -4.96
CA ARG E 27 -9.52 20.40 -5.64
C ARG E 27 -10.02 21.65 -6.35
N ALA E 28 -9.89 22.84 -5.73
CA ALA E 28 -10.29 24.06 -6.39
C ALA E 28 -9.44 24.34 -7.63
N CYS E 29 -8.16 24.01 -7.59
CA CYS E 29 -7.34 24.22 -8.77
C CYS E 29 -7.81 23.34 -9.93
N LEU E 30 -8.14 22.07 -9.65
CA LEU E 30 -8.71 21.21 -10.68
C LEU E 30 -10.04 21.75 -11.16
N ALA E 31 -10.90 22.14 -10.21
CA ALA E 31 -12.22 22.65 -10.57
C ALA E 31 -12.12 23.90 -11.42
N GLU E 32 -11.04 24.65 -11.28
CA GLU E 32 -10.83 25.85 -12.06
C GLU E 32 -10.21 25.57 -13.41
N GLY E 33 -9.73 24.36 -13.64
CA GLY E 33 -9.16 23.98 -14.92
C GLY E 33 -7.66 24.10 -15.00
N HIS E 34 -6.98 24.40 -13.89
CA HIS E 34 -5.54 24.41 -13.91
C HIS E 34 -5.02 22.98 -14.05
N GLU E 35 -3.88 22.87 -14.71
CA GLU E 35 -3.13 21.63 -14.70
C GLU E 35 -2.43 21.55 -13.36
N THR E 36 -2.85 20.63 -12.51
CA THR E 36 -2.56 20.66 -11.08
C THR E 36 -1.55 19.60 -10.69
N TYR E 37 -0.48 20.02 -10.01
CA TYR E 37 0.53 19.12 -9.48
C TYR E 37 0.55 19.21 -7.96
N VAL E 38 0.84 18.08 -7.33
CA VAL E 38 0.84 17.99 -5.87
C VAL E 38 2.21 17.48 -5.46
N LEU E 39 2.81 18.16 -4.50
CA LEU E 39 4.07 17.69 -3.97
C LEU E 39 3.86 16.45 -3.10
N GLN E 40 4.55 15.37 -3.43
CA GLN E 40 4.48 14.13 -2.68
C GLN E 40 5.77 13.99 -1.88
N GLN E 41 5.70 14.21 -0.58
CA GLN E 41 6.90 14.17 0.25
C GLN E 41 7.22 12.73 0.66
N PRO E 42 8.51 12.34 0.68
CA PRO E 42 8.85 10.97 1.11
C PRO E 42 8.40 10.73 2.53
N GLU E 43 8.81 11.64 3.41
CA GLU E 43 8.19 11.93 4.70
C GLU E 43 6.91 11.12 4.83
N THR E 44 7.04 9.98 5.46
CA THR E 44 5.93 9.07 5.67
C THR E 44 4.97 9.05 4.48
N ARG E 45 5.31 8.24 3.48
CA ARG E 45 4.35 7.45 2.75
C ARG E 45 3.91 6.23 3.55
N VAL E 46 4.04 6.33 4.87
CA VAL E 46 3.49 5.37 5.83
C VAL E 46 2.23 5.92 6.50
N ASP E 47 1.75 7.06 6.02
CA ASP E 47 0.55 7.69 6.56
C ASP E 47 -0.59 7.34 5.63
N ILE E 48 -1.51 6.51 6.12
CA ILE E 48 -2.57 5.97 5.29
C ILE E 48 -3.53 7.07 4.87
N GLU E 49 -3.73 8.06 5.74
CA GLU E 49 -4.60 9.19 5.39
C GLU E 49 -4.03 9.96 4.20
N LYS E 50 -2.76 10.35 4.30
CA LYS E 50 -2.15 11.16 3.26
C LYS E 50 -2.05 10.40 1.94
N VAL E 51 -1.67 9.12 1.99
CA VAL E 51 -1.46 8.32 0.78
C VAL E 51 -2.75 8.23 -0.03
N GLN E 52 -3.86 7.93 0.64
CA GLN E 52 -5.10 7.75 -0.11
C GLN E 52 -5.61 9.05 -0.69
N LEU E 53 -5.36 10.15 0.03
CA LEU E 53 -5.71 11.48 -0.46
C LEU E 53 -4.87 11.85 -1.68
N LEU E 54 -3.55 11.69 -1.59
CA LEU E 54 -2.67 12.02 -2.71
C LEU E 54 -3.08 11.30 -3.98
N TYR E 55 -3.33 9.98 -3.88
CA TYR E 55 -3.64 9.21 -5.07
C TYR E 55 -5.09 9.43 -5.52
N SER E 56 -5.99 9.74 -4.60
CA SER E 56 -7.31 10.21 -5.01
C SER E 56 -7.23 11.47 -5.89
N TYR E 57 -6.20 12.31 -5.71
CA TYR E 57 -6.08 13.45 -6.61
C TYR E 57 -5.78 13.02 -8.04
N LYS E 58 -4.99 11.93 -8.21
CA LYS E 58 -4.69 11.46 -9.55
C LYS E 58 -5.95 11.08 -10.29
N ARG E 59 -6.91 10.47 -9.60
CA ARG E 59 -8.17 10.13 -10.25
C ARG E 59 -8.92 11.37 -10.73
N LEU E 60 -8.65 12.53 -10.16
CA LEU E 60 -9.29 13.75 -10.65
C LEU E 60 -8.48 14.45 -11.73
N GLY E 61 -7.34 13.88 -12.14
CA GLY E 61 -6.53 14.48 -13.18
C GLY E 61 -5.24 15.15 -12.71
N ALA E 62 -4.98 15.23 -11.41
CA ALA E 62 -3.75 15.84 -10.95
C ALA E 62 -2.58 14.86 -11.07
N ARG E 63 -1.37 15.41 -10.95
CA ARG E 63 -0.15 14.62 -11.01
C ARG E 63 0.64 14.79 -9.72
N LEU E 64 1.43 13.78 -9.39
CA LEU E 64 2.25 13.79 -8.20
C LEU E 64 3.69 14.03 -8.61
N ILE E 65 4.37 14.89 -7.85
CA ILE E 65 5.80 15.10 -7.99
C ILE E 65 6.44 14.80 -6.66
N GLU E 66 7.39 13.88 -6.66
CA GLU E 66 8.09 13.51 -5.44
C GLU E 66 9.27 14.44 -5.24
N ALA E 67 9.38 14.99 -4.05
CA ALA E 67 10.50 15.83 -3.68
C ALA E 67 10.55 15.85 -2.17
N SER E 68 11.69 16.26 -1.66
CA SER E 68 11.93 16.32 -0.23
C SER E 68 12.49 17.69 0.14
N PHE E 69 11.98 18.26 1.23
CA PHE E 69 12.50 19.54 1.68
C PHE E 69 13.95 19.46 2.13
N SER E 70 14.44 18.26 2.43
CA SER E 70 15.84 18.08 2.78
C SER E 70 16.74 17.90 1.57
N ASP E 71 16.17 17.79 0.37
CA ASP E 71 16.93 17.55 -0.86
C ASP E 71 16.68 18.74 -1.77
N HIS E 72 17.60 19.70 -1.75
CA HIS E 72 17.36 20.98 -2.40
C HIS E 72 17.14 20.82 -3.90
N GLN E 73 17.91 19.95 -4.53
CA GLN E 73 17.78 19.79 -5.98
C GLN E 73 16.47 19.10 -6.36
N SER E 74 15.95 18.22 -5.50
CA SER E 74 14.62 17.67 -5.79
C SER E 74 13.56 18.77 -5.75
N LEU E 75 13.76 19.80 -4.92
CA LEU E 75 12.84 20.94 -4.91
C LEU E 75 12.96 21.78 -6.17
N VAL E 76 14.19 22.06 -6.60
CA VAL E 76 14.40 22.79 -7.85
C VAL E 76 13.79 22.04 -9.02
N SER E 77 14.02 20.73 -9.05
CA SER E 77 13.50 19.89 -10.13
C SER E 77 11.97 19.89 -10.13
N ALA E 78 11.35 19.89 -8.94
CA ALA E 78 9.90 19.92 -8.86
C ALA E 78 9.33 21.22 -9.42
N VAL E 79 9.88 22.37 -9.00
CA VAL E 79 9.26 23.64 -9.40
C VAL E 79 9.54 23.99 -10.85
N LYS E 80 10.59 23.43 -11.45
CA LYS E 80 10.78 23.70 -12.87
C LYS E 80 9.73 23.05 -13.74
N GLN E 81 8.86 22.21 -13.18
CA GLN E 81 7.84 21.54 -13.95
C GLN E 81 6.53 22.30 -13.97
N VAL E 82 6.44 23.44 -13.29
CA VAL E 82 5.19 24.17 -13.17
C VAL E 82 5.44 25.65 -13.44
N ASP E 83 4.34 26.41 -13.40
CA ASP E 83 4.35 27.85 -13.60
C ASP E 83 4.07 28.64 -12.32
N ILE E 84 3.26 28.09 -11.42
CA ILE E 84 2.84 28.78 -10.21
C ILE E 84 2.89 27.81 -9.06
N VAL E 85 3.30 28.28 -7.88
CA VAL E 85 3.36 27.48 -6.68
C VAL E 85 2.45 28.09 -5.62
N VAL E 86 1.69 27.24 -4.95
CA VAL E 86 0.85 27.61 -3.81
C VAL E 86 1.25 26.73 -2.63
N ALA E 87 1.66 27.37 -1.54
CA ALA E 87 1.99 26.65 -0.32
C ALA E 87 0.85 26.78 0.69
N ALA E 88 0.52 25.66 1.35
CA ALA E 88 -0.44 25.66 2.43
C ALA E 88 0.09 24.78 3.57
N MET E 89 1.20 25.21 4.17
CA MET E 89 1.87 24.53 5.26
C MET E 89 1.17 24.83 6.59
N SER E 90 1.34 23.92 7.55
CA SER E 90 0.87 24.13 8.93
C SER E 90 1.26 25.51 9.46
N GLY E 91 0.28 26.20 10.05
CA GLY E 91 0.55 27.44 10.74
C GLY E 91 1.05 27.21 12.15
N HIS E 97 7.25 27.48 12.22
CA HIS E 97 8.32 26.48 12.24
C HIS E 97 8.31 25.69 10.92
N SER E 98 7.24 24.93 10.68
CA SER E 98 7.01 24.41 9.34
C SER E 98 6.70 25.54 8.37
N ILE E 99 6.20 26.67 8.85
CA ILE E 99 6.09 27.84 7.99
C ILE E 99 7.44 28.20 7.40
N LEU E 100 8.49 28.13 8.22
CA LEU E 100 9.81 28.51 7.75
C LEU E 100 10.38 27.52 6.75
N VAL E 101 9.89 26.28 6.74
CA VAL E 101 10.25 25.35 5.68
C VAL E 101 10.10 25.99 4.30
N GLN E 102 9.12 26.90 4.15
CA GLN E 102 8.93 27.60 2.89
C GLN E 102 10.18 28.33 2.43
N LEU E 103 11.07 28.68 3.35
CA LEU E 103 12.30 29.35 2.95
C LEU E 103 13.10 28.52 1.96
N LYS E 104 13.11 27.19 2.16
CA LYS E 104 13.77 26.31 1.20
C LYS E 104 13.06 26.32 -0.14
N LEU E 105 11.72 26.37 -0.09
CA LEU E 105 10.92 26.50 -1.31
C LEU E 105 11.29 27.76 -2.09
N VAL E 106 11.37 28.90 -1.39
CA VAL E 106 11.73 30.15 -2.05
C VAL E 106 13.12 30.07 -2.66
N GLU E 107 14.05 29.46 -1.95
CA GLU E 107 15.40 29.27 -2.48
C GLU E 107 15.40 28.40 -3.73
N ALA E 108 14.53 27.38 -3.78
CA ALA E 108 14.45 26.56 -5.01
C ALA E 108 13.78 27.34 -6.13
N ILE E 109 12.69 28.04 -5.83
CA ILE E 109 12.00 28.86 -6.82
C ILE E 109 12.98 29.87 -7.42
N LYS E 110 13.72 30.57 -6.55
CA LYS E 110 14.67 31.56 -7.06
C LYS E 110 15.70 30.91 -7.97
N GLU E 111 16.25 29.79 -7.54
CA GLU E 111 17.22 29.09 -8.40
C GLU E 111 16.56 28.62 -9.69
N ALA E 112 15.33 28.11 -9.61
CA ALA E 112 14.70 27.56 -10.82
C ALA E 112 14.51 28.63 -11.89
N GLY E 113 14.06 29.82 -11.47
CA GLY E 113 13.94 30.95 -12.37
C GLY E 113 12.71 30.99 -13.25
N ASN E 114 11.94 29.91 -13.34
CA ASN E 114 10.84 29.81 -14.29
C ASN E 114 9.48 30.16 -13.71
N ILE E 115 9.38 30.41 -12.42
CA ILE E 115 8.09 30.50 -11.74
C ILE E 115 7.48 31.88 -11.94
N LYS E 116 6.20 31.93 -12.28
CA LYS E 116 5.54 33.19 -12.59
C LYS E 116 4.86 33.82 -11.37
N ARG E 117 4.46 33.03 -10.40
CA ARG E 117 3.89 33.57 -9.18
C ARG E 117 3.99 32.52 -8.08
N PHE E 118 4.22 33.00 -6.85
CA PHE E 118 4.26 32.20 -5.64
C PHE E 118 3.26 32.79 -4.65
N LEU E 119 2.35 31.95 -4.17
CA LEU E 119 1.41 32.29 -3.11
C LEU E 119 1.86 31.53 -1.88
N PRO E 120 2.47 32.19 -0.89
CA PRO E 120 2.91 31.49 0.31
C PRO E 120 1.74 31.17 1.21
N SER E 121 2.05 30.41 2.27
CA SER E 121 1.02 29.92 3.18
C SER E 121 0.63 31.03 4.13
N GLU E 122 -0.50 31.68 3.83
CA GLU E 122 -0.95 32.83 4.58
C GLU E 122 -2.34 32.50 5.13
N PHE E 123 -3.41 32.98 4.51
CA PHE E 123 -4.77 32.48 4.76
C PHE E 123 -5.20 32.77 6.19
N GLY E 124 -4.95 33.98 6.66
CA GLY E 124 -5.34 34.39 7.99
C GLY E 124 -4.97 35.83 8.28
N MET E 125 -4.51 36.10 9.50
CA MET E 125 -4.16 37.48 9.85
C MET E 125 -3.08 38.00 8.93
N ASP E 126 -3.20 39.26 8.55
CA ASP E 126 -2.14 39.89 7.78
C ASP E 126 -0.93 40.07 8.68
N PRO E 127 0.17 39.36 8.45
CA PRO E 127 1.29 39.41 9.39
C PRO E 127 2.13 40.66 9.23
N SER E 128 1.68 41.61 8.41
CA SER E 128 2.39 42.86 8.22
C SER E 128 1.82 43.99 9.06
N ARG E 129 0.80 43.73 9.85
CA ARG E 129 0.18 44.74 10.70
C ARG E 129 0.70 44.65 12.14
N MET E 130 0.77 45.80 12.80
CA MET E 130 0.98 45.88 14.24
C MET E 130 2.37 45.53 14.72
N ASP E 142 4.72 36.58 11.96
CA ASP E 142 6.10 37.00 12.11
C ASP E 142 7.05 36.06 11.38
N GLN E 143 6.88 34.74 11.56
CA GLN E 143 7.60 33.82 10.70
C GLN E 143 7.10 33.94 9.26
N LYS E 144 5.81 34.20 9.09
CA LYS E 144 5.33 34.48 7.74
C LYS E 144 5.95 35.75 7.19
N LEU E 145 6.30 36.70 8.07
CA LEU E 145 7.00 37.89 7.62
C LEU E 145 8.37 37.55 7.07
N GLU E 146 9.08 36.62 7.70
CA GLU E 146 10.36 36.24 7.17
C GLU E 146 10.21 35.59 5.80
N VAL E 147 9.14 34.82 5.58
CA VAL E 147 8.88 34.25 4.27
C VAL E 147 8.60 35.35 3.26
N ARG E 148 7.78 36.35 3.62
CA ARG E 148 7.53 37.46 2.70
C ARG E 148 8.82 38.20 2.36
N ASN E 149 9.66 38.47 3.35
CA ASN E 149 10.93 39.14 3.07
C ASN E 149 11.79 38.33 2.11
N ALA E 150 11.82 37.01 2.27
CA ALA E 150 12.59 36.17 1.35
C ALA E 150 11.99 36.21 -0.06
N ILE E 151 10.66 36.23 -0.17
CA ILE E 151 10.00 36.29 -1.46
C ILE E 151 10.38 37.58 -2.18
N GLU E 152 10.21 38.70 -1.51
CA GLU E 152 10.51 39.99 -2.12
C GLU E 152 12.01 40.16 -2.33
N ALA E 153 12.82 39.65 -1.42
CA ALA E 153 14.27 39.69 -1.62
C ALA E 153 14.64 39.05 -2.95
N ALA E 154 14.10 37.87 -3.22
CA ALA E 154 14.37 37.12 -4.44
C ALA E 154 13.71 37.70 -5.69
N GLY E 155 12.78 38.64 -5.54
CA GLY E 155 12.09 39.17 -6.71
C GLY E 155 11.11 38.20 -7.34
N ILE E 156 10.50 37.35 -6.52
CA ILE E 156 9.52 36.37 -6.98
C ILE E 156 8.13 37.04 -6.92
N PRO E 157 7.42 37.16 -8.03
CA PRO E 157 6.07 37.70 -7.97
C PRO E 157 5.19 36.85 -7.07
N HIS E 158 4.32 37.53 -6.31
CA HIS E 158 3.61 36.90 -5.23
C HIS E 158 2.17 37.39 -5.21
N THR E 159 1.31 36.61 -4.57
CA THR E 159 0.01 37.05 -4.10
C THR E 159 -0.14 36.56 -2.67
N TYR E 160 -0.60 37.44 -1.78
CA TYR E 160 -0.83 37.11 -0.38
C TYR E 160 -2.32 37.10 -0.14
N VAL E 161 -2.85 35.94 0.27
CA VAL E 161 -4.28 35.76 0.50
C VAL E 161 -4.50 35.76 2.01
N VAL E 162 -5.23 36.75 2.51
CA VAL E 162 -5.30 37.03 3.94
C VAL E 162 -6.71 37.43 4.33
N GLY E 163 -6.95 37.51 5.64
CA GLY E 163 -8.00 38.32 6.20
C GLY E 163 -9.25 37.61 6.70
N ALA E 164 -9.27 36.28 6.79
CA ALA E 164 -10.47 35.58 7.21
C ALA E 164 -10.16 34.60 8.33
N CYS E 165 -11.16 34.34 9.17
CA CYS E 165 -11.17 33.21 10.10
C CYS E 165 -11.77 31.99 9.43
N PHE E 166 -11.05 30.89 9.42
CA PHE E 166 -11.58 29.62 8.91
C PHE E 166 -12.88 29.26 9.62
N ALA E 167 -13.93 29.00 8.85
CA ALA E 167 -15.22 28.71 9.47
C ALA E 167 -15.16 27.49 10.40
N ALA E 168 -14.43 26.44 10.01
CA ALA E 168 -14.41 25.23 10.83
C ALA E 168 -13.74 25.47 12.17
N TYR E 169 -12.83 26.43 12.24
CA TYR E 169 -12.11 26.68 13.46
C TYR E 169 -12.72 27.77 14.32
N PHE E 170 -13.59 28.61 13.75
CA PHE E 170 -14.06 29.79 14.46
C PHE E 170 -15.56 29.97 14.42
N ALA E 171 -16.22 29.47 13.38
CA ALA E 171 -17.67 29.62 13.30
C ALA E 171 -18.41 28.37 13.83
N GLY E 172 -17.96 27.18 13.45
CA GLY E 172 -18.68 25.97 13.83
C GLY E 172 -18.73 25.73 15.33
N ASN E 173 -17.74 26.22 16.05
CA ASN E 173 -17.70 26.18 17.50
C ASN E 173 -18.19 27.47 18.14
N LEU E 174 -18.73 28.40 17.35
CA LEU E 174 -19.09 29.73 17.85
C LEU E 174 -17.89 30.41 18.51
N SER E 175 -16.69 30.13 18.02
CA SER E 175 -15.46 30.78 18.45
C SER E 175 -15.07 30.38 19.86
N GLN E 176 -15.69 29.33 20.39
CA GLN E 176 -15.23 28.69 21.60
C GLN E 176 -13.95 27.92 21.33
N MET E 177 -13.25 27.55 22.40
CA MET E 177 -11.97 26.87 22.29
C MET E 177 -12.07 25.41 22.73
N GLY E 178 -11.20 24.60 22.16
CA GLY E 178 -11.19 23.19 22.51
C GLY E 178 -12.34 22.40 21.95
N THR E 179 -13.05 22.93 20.96
CA THR E 179 -14.13 22.21 20.33
C THR E 179 -14.34 22.78 18.93
N LEU E 180 -15.00 21.98 18.09
CA LEU E 180 -15.26 22.38 16.72
C LEU E 180 -16.75 22.31 16.40
N ILE E 181 -17.60 22.12 17.40
CA ILE E 181 -19.03 22.07 17.17
C ILE E 181 -19.71 22.97 18.19
N PRO E 182 -20.96 23.38 17.91
CA PRO E 182 -21.64 24.36 18.75
C PRO E 182 -21.81 23.85 20.16
N PRO E 183 -21.67 24.71 21.16
CA PRO E 183 -21.90 24.28 22.54
C PRO E 183 -23.40 24.11 22.79
N LYS E 184 -23.72 23.24 23.75
CA LYS E 184 -25.14 22.91 23.98
C LYS E 184 -25.82 23.95 24.88
N LYS E 185 -25.17 24.44 25.94
CA LYS E 185 -25.85 25.36 26.83
C LYS E 185 -25.14 26.70 27.08
N LYS E 186 -23.81 26.72 27.13
CA LYS E 186 -23.07 27.92 27.52
C LYS E 186 -22.07 28.32 26.45
N VAL E 187 -21.81 29.62 26.37
CA VAL E 187 -20.84 30.16 25.42
C VAL E 187 -20.12 31.35 26.07
N ASN E 188 -18.80 31.42 25.88
CA ASN E 188 -18.01 32.58 26.26
C ASN E 188 -18.06 33.64 25.17
N ILE E 189 -18.33 34.88 25.56
CA ILE E 189 -18.33 36.03 24.65
C ILE E 189 -17.11 36.88 24.96
N TYR E 190 -16.36 37.25 23.92
CA TYR E 190 -15.09 37.94 24.10
C TYR E 190 -15.35 39.44 24.16
N GLY E 191 -15.06 40.04 25.32
CA GLY E 191 -15.50 41.40 25.57
C GLY E 191 -17.01 41.44 25.53
N ASP E 192 -17.55 42.43 24.82
CA ASP E 192 -18.98 42.52 24.61
C ASP E 192 -19.45 41.77 23.36
N GLY E 193 -18.56 41.11 22.63
CA GLY E 193 -19.00 40.42 21.43
C GLY E 193 -19.39 41.31 20.29
N ASN E 194 -18.95 42.57 20.30
CA ASN E 194 -19.30 43.59 19.32
C ASN E 194 -18.21 43.88 18.31
N VAL E 195 -17.12 43.11 18.32
CA VAL E 195 -16.03 43.34 17.38
C VAL E 195 -16.27 42.51 16.13
N LYS E 196 -16.28 43.19 14.99
CA LYS E 196 -16.53 42.54 13.72
C LYS E 196 -15.39 41.59 13.37
N VAL E 197 -15.75 40.42 12.85
CA VAL E 197 -14.82 39.36 12.49
C VAL E 197 -15.23 38.89 11.10
N VAL E 198 -14.33 38.14 10.45
CA VAL E 198 -14.60 37.61 9.10
C VAL E 198 -14.61 36.08 9.17
N TYR E 199 -15.78 35.48 9.00
CA TYR E 199 -15.97 34.02 9.06
C TYR E 199 -16.16 33.51 7.64
N VAL E 200 -15.25 32.67 7.15
CA VAL E 200 -15.28 32.22 5.76
C VAL E 200 -15.10 30.72 5.70
N ASP E 201 -16.01 30.06 4.98
CA ASP E 201 -15.88 28.66 4.64
C ASP E 201 -14.55 28.43 3.93
N GLU E 202 -13.78 27.48 4.43
CA GLU E 202 -12.50 27.13 3.83
C GLU E 202 -12.61 26.78 2.35
N ASP E 203 -13.74 26.22 1.91
CA ASP E 203 -13.86 25.95 0.48
C ASP E 203 -13.87 27.23 -0.32
N ASP E 204 -14.55 28.27 0.18
CA ASP E 204 -14.53 29.56 -0.50
C ASP E 204 -13.14 30.16 -0.53
N ILE E 205 -12.39 30.03 0.57
CA ILE E 205 -11.02 30.53 0.57
C ILE E 205 -10.23 29.83 -0.52
N ALA E 206 -10.45 28.53 -0.69
CA ALA E 206 -9.68 27.77 -1.65
C ALA E 206 -10.06 28.15 -3.07
N GLU E 207 -11.35 28.39 -3.33
CA GLU E 207 -11.76 28.79 -4.67
C GLU E 207 -11.23 30.18 -5.02
N TYR E 208 -11.40 31.14 -4.12
CA TYR E 208 -10.79 32.47 -4.31
C TYR E 208 -9.31 32.35 -4.62
N THR E 209 -8.60 31.49 -3.88
CA THR E 209 -7.17 31.29 -4.13
C THR E 209 -6.92 30.74 -5.53
N ALA E 210 -7.72 29.75 -5.96
CA ALA E 210 -7.55 29.17 -7.29
C ALA E 210 -7.90 30.18 -8.39
N LYS E 211 -8.79 31.11 -8.10
CA LYS E 211 -9.12 32.12 -9.10
C LYS E 211 -8.11 33.26 -9.16
N THR E 212 -7.44 33.58 -8.05
CA THR E 212 -6.59 34.75 -8.06
C THR E 212 -5.16 34.44 -8.50
N LEU E 213 -4.74 33.17 -8.42
CA LEU E 213 -3.31 32.88 -8.55
C LEU E 213 -2.76 33.20 -9.93
N ASP E 214 -3.60 33.37 -10.95
CA ASP E 214 -3.12 33.77 -12.26
C ASP E 214 -3.92 34.98 -12.77
N ASP E 215 -4.62 35.64 -11.89
CA ASP E 215 -5.34 36.85 -12.22
C ASP E 215 -4.34 37.99 -12.38
N PRO E 216 -4.20 38.59 -13.57
CA PRO E 216 -3.26 39.71 -13.72
C PRO E 216 -3.51 40.85 -12.74
N ARG E 217 -4.74 41.03 -12.27
CA ARG E 217 -5.06 42.13 -11.37
C ARG E 217 -4.42 41.98 -9.99
N THR E 218 -4.02 40.77 -9.58
CA THR E 218 -3.58 40.56 -8.21
C THR E 218 -2.12 40.16 -8.10
N ILE E 219 -1.35 40.33 -9.17
CA ILE E 219 0.06 40.03 -9.08
C ILE E 219 0.73 41.07 -8.18
N ASN E 220 1.56 40.59 -7.27
CA ASN E 220 2.24 41.38 -6.26
C ASN E 220 1.26 42.14 -5.35
N LYS E 221 0.05 41.64 -5.22
CA LYS E 221 -0.92 42.28 -4.34
C LYS E 221 -1.26 41.39 -3.17
N THR E 222 -1.71 42.03 -2.11
CA THR E 222 -2.39 41.37 -1.02
C THR E 222 -3.87 41.31 -1.37
N VAL E 223 -4.45 40.12 -1.28
CA VAL E 223 -5.86 39.90 -1.61
C VAL E 223 -6.59 39.56 -0.33
N TYR E 224 -7.54 40.42 0.06
CA TYR E 224 -8.29 40.25 1.31
C TYR E 224 -9.56 39.44 1.04
N VAL E 225 -9.81 38.45 1.88
CA VAL E 225 -10.99 37.60 1.75
C VAL E 225 -12.01 38.09 2.76
N ARG E 226 -12.95 38.91 2.31
CA ARG E 226 -13.91 39.54 3.21
C ARG E 226 -15.28 39.60 2.56
N PRO E 227 -15.89 38.44 2.27
CA PRO E 227 -17.26 38.45 1.73
C PRO E 227 -18.15 39.27 2.66
N THR E 228 -18.91 40.17 2.04
CA THR E 228 -19.56 41.24 2.79
C THR E 228 -20.50 40.69 3.84
N GLU E 229 -21.29 39.69 3.51
CA GLU E 229 -22.29 39.24 4.46
C GLU E 229 -21.69 38.38 5.57
N ASN E 230 -20.42 37.99 5.46
CA ASN E 230 -19.79 37.19 6.50
C ASN E 230 -18.93 38.04 7.43
N VAL E 231 -19.02 39.36 7.34
CA VAL E 231 -18.43 40.25 8.34
C VAL E 231 -19.41 40.35 9.51
N LEU E 232 -19.09 39.69 10.62
CA LEU E 232 -20.02 39.50 11.71
C LEU E 232 -19.30 39.65 13.04
N THR E 233 -19.97 40.27 14.01
CA THR E 233 -19.46 40.18 15.36
C THR E 233 -19.67 38.78 15.90
N GLN E 234 -18.99 38.45 16.99
CA GLN E 234 -19.22 37.17 17.64
C GLN E 234 -20.67 37.03 18.08
N MET E 235 -21.23 38.09 18.67
CA MET E 235 -22.62 38.05 19.12
C MET E 235 -23.57 37.82 17.95
N GLU E 236 -23.28 38.41 16.81
CA GLU E 236 -24.10 38.15 15.64
C GLU E 236 -24.01 36.70 15.19
N LEU E 237 -22.83 36.09 15.32
CA LEU E 237 -22.68 34.68 14.96
C LEU E 237 -23.50 33.81 15.90
N VAL E 238 -23.37 34.04 17.19
CA VAL E 238 -24.17 33.33 18.17
C VAL E 238 -25.66 33.50 17.86
N GLN E 239 -26.07 34.70 17.47
CA GLN E 239 -27.49 34.91 17.24
C GLN E 239 -27.97 34.20 15.98
N ILE E 240 -27.09 33.97 15.01
CA ILE E 240 -27.47 33.14 13.88
C ILE E 240 -27.77 31.72 14.36
N TRP E 241 -26.90 31.18 15.23
CA TRP E 241 -27.12 29.86 15.80
C TRP E 241 -28.39 29.82 16.64
N GLU E 242 -28.61 30.84 17.46
CA GLU E 242 -29.78 30.85 18.33
C GLU E 242 -31.06 30.89 17.52
N LYS E 243 -31.06 31.64 16.44
CA LYS E 243 -32.24 31.64 15.60
C LYS E 243 -32.44 30.30 14.90
N LEU E 244 -31.37 29.61 14.54
CA LEU E 244 -31.53 28.31 13.89
C LEU E 244 -32.07 27.28 14.86
N THR E 245 -31.57 27.25 16.09
CA THR E 245 -31.98 26.28 17.10
C THR E 245 -33.20 26.70 17.89
N GLY E 246 -33.45 28.00 18.02
CA GLY E 246 -34.53 28.49 18.85
C GLY E 246 -34.24 28.39 20.33
N LYS E 247 -32.98 28.25 20.69
CA LYS E 247 -32.58 28.07 22.07
C LYS E 247 -31.54 29.14 22.41
N GLU E 248 -31.82 29.94 23.43
CA GLU E 248 -30.91 30.98 23.89
C GLU E 248 -29.80 30.37 24.72
N LEU E 249 -28.55 30.74 24.42
CA LEU E 249 -27.40 30.24 25.17
C LEU E 249 -27.07 31.17 26.35
N GLU E 250 -26.61 30.57 27.45
CA GLU E 250 -26.09 31.33 28.58
C GLU E 250 -24.75 31.94 28.20
N LYS E 251 -24.62 33.26 28.34
CA LYS E 251 -23.43 33.97 27.89
C LYS E 251 -22.63 34.49 29.09
N THR E 252 -21.32 34.26 29.05
CA THR E 252 -20.36 34.81 30.00
C THR E 252 -19.40 35.70 29.22
N ASN E 253 -19.30 36.96 29.61
CA ASN E 253 -18.38 37.88 28.96
C ASN E 253 -17.01 37.78 29.60
N ILE E 254 -15.98 37.84 28.77
CA ILE E 254 -14.60 37.77 29.21
C ILE E 254 -13.94 39.06 28.78
N SER E 255 -13.55 39.87 29.77
CA SER E 255 -12.95 41.17 29.50
C SER E 255 -11.57 41.00 28.88
N ALA E 256 -11.11 42.07 28.24
CA ALA E 256 -9.79 42.05 27.65
C ALA E 256 -8.73 41.68 28.68
N ASN E 257 -8.79 42.29 29.86
CA ASN E 257 -7.75 42.05 30.86
C ASN E 257 -7.80 40.62 31.40
N ASP E 258 -8.99 40.02 31.49
CA ASP E 258 -9.05 38.62 31.93
C ASP E 258 -8.49 37.68 30.87
N PHE E 259 -8.72 37.96 29.59
CA PHE E 259 -7.96 37.29 28.55
C PHE E 259 -6.50 37.57 28.86
N LEU E 260 -5.96 36.88 29.86
CA LEU E 260 -4.85 37.38 30.68
C LEU E 260 -3.83 38.19 29.91
N GLN E 271 1.97 32.46 25.11
CA GLN E 271 1.18 31.66 24.16
C GLN E 271 0.75 32.48 22.95
N ALA E 272 0.50 31.78 21.86
CA ALA E 272 -0.03 32.36 20.63
C ALA E 272 -1.07 31.41 20.07
N GLY E 273 -2.05 31.97 19.36
CA GLY E 273 -3.29 31.25 19.10
C GLY E 273 -4.31 31.80 20.08
N LEU E 274 -3.93 31.79 21.37
CA LEU E 274 -4.56 32.69 22.32
C LEU E 274 -4.25 34.13 21.97
N GLY E 275 -3.00 34.41 21.62
CA GLY E 275 -2.66 35.73 21.12
C GLY E 275 -3.34 36.02 19.79
N HIS E 276 -3.47 34.99 18.95
CA HIS E 276 -4.26 35.14 17.73
C HIS E 276 -5.68 35.57 18.05
N PHE E 277 -6.34 34.83 18.94
CA PHE E 277 -7.69 35.19 19.36
C PHE E 277 -7.77 36.66 19.72
N TYR E 278 -6.87 37.11 20.60
CA TYR E 278 -6.96 38.47 21.12
C TYR E 278 -6.96 39.51 20.01
N HIS E 279 -6.01 39.39 19.08
CA HIS E 279 -5.96 40.36 17.98
C HIS E 279 -7.24 40.35 17.18
N ILE E 280 -7.84 39.17 17.00
CA ILE E 280 -9.03 39.06 16.17
C ILE E 280 -10.26 39.60 16.90
N PHE E 281 -10.48 39.10 18.12
CA PHE E 281 -11.77 39.29 18.77
C PHE E 281 -11.80 40.49 19.71
N TYR E 282 -10.66 40.92 20.23
CA TYR E 282 -10.64 42.11 21.07
C TYR E 282 -10.17 43.33 20.29
N GLU E 283 -9.11 43.20 19.49
CA GLU E 283 -8.62 44.34 18.71
C GLU E 283 -9.28 44.50 17.36
N GLY E 284 -9.97 43.47 16.86
CA GLY E 284 -10.66 43.64 15.59
C GLY E 284 -9.72 43.80 14.42
N CYS E 285 -8.61 43.06 14.41
CA CYS E 285 -7.60 43.26 13.38
C CYS E 285 -8.04 42.80 11.99
N LEU E 286 -9.09 41.98 11.89
CA LEU E 286 -9.54 41.56 10.57
C LEU E 286 -10.48 42.57 9.93
N THR E 287 -10.99 43.55 10.67
CA THR E 287 -12.02 44.44 10.12
C THR E 287 -11.80 45.92 10.43
N ASP E 288 -10.65 46.31 10.96
CA ASP E 288 -10.50 47.70 11.38
C ASP E 288 -10.08 48.63 10.25
N HIS E 289 -9.65 48.10 9.11
CA HIS E 289 -9.29 48.89 7.93
C HIS E 289 -10.15 48.48 6.75
N GLU E 290 -10.72 49.46 6.07
CA GLU E 290 -11.49 49.15 4.89
C GLU E 290 -10.58 48.63 3.78
N VAL E 291 -11.18 47.91 2.83
CA VAL E 291 -10.46 47.33 1.70
C VAL E 291 -11.20 47.69 0.42
N GLY E 292 -10.45 48.10 -0.60
CA GLY E 292 -11.03 48.43 -1.88
C GLY E 292 -11.51 47.20 -2.63
N ASP E 293 -12.47 47.45 -3.54
CA ASP E 293 -12.99 46.40 -4.40
C ASP E 293 -11.91 45.76 -5.25
N ASP E 294 -10.88 46.53 -5.62
CA ASP E 294 -9.78 45.99 -6.40
C ASP E 294 -8.86 45.10 -5.59
N GLU E 295 -9.19 44.81 -4.33
CA GLU E 295 -8.33 43.96 -3.53
C GLU E 295 -9.13 43.06 -2.59
N GLU E 296 -10.43 42.95 -2.77
CA GLU E 296 -11.26 42.09 -1.93
C GLU E 296 -11.83 40.96 -2.77
N ALA E 297 -11.65 39.72 -2.30
CA ALA E 297 -11.93 38.54 -3.10
C ALA E 297 -13.35 38.52 -3.65
N SER E 298 -14.35 38.82 -2.82
CA SER E 298 -15.71 38.59 -3.25
C SER E 298 -16.15 39.60 -4.31
N LYS E 299 -15.46 40.74 -4.40
CA LYS E 299 -15.65 41.75 -5.43
C LYS E 299 -14.84 41.44 -6.67
N LEU E 300 -13.62 40.94 -6.48
CA LEU E 300 -12.80 40.50 -7.60
C LEU E 300 -13.44 39.31 -8.30
N TYR E 301 -14.08 38.42 -7.54
CA TYR E 301 -14.65 37.18 -8.06
C TYR E 301 -16.08 37.08 -7.58
N PRO E 302 -16.97 37.90 -8.14
CA PRO E 302 -18.36 37.93 -7.66
C PRO E 302 -19.14 36.70 -8.02
N ASP E 303 -18.63 35.90 -8.93
CA ASP E 303 -19.30 34.67 -9.32
C ASP E 303 -19.18 33.57 -8.27
N VAL E 304 -18.27 33.71 -7.31
CA VAL E 304 -18.18 32.75 -6.21
C VAL E 304 -19.31 33.06 -5.23
N LYS E 305 -20.30 32.16 -5.16
CA LYS E 305 -21.42 32.39 -4.24
C LYS E 305 -21.01 31.80 -2.92
N TYR E 306 -20.35 32.62 -2.12
CA TYR E 306 -19.74 32.14 -0.90
C TYR E 306 -20.79 31.68 0.08
N THR E 307 -20.41 30.74 0.92
CA THR E 307 -21.33 30.20 1.90
C THR E 307 -21.55 31.22 3.00
N ARG E 308 -22.80 31.58 3.23
CA ARG E 308 -23.17 32.44 4.35
C ARG E 308 -23.17 31.61 5.63
N MET E 309 -23.00 32.28 6.76
CA MET E 309 -22.82 31.54 8.00
C MET E 309 -24.11 30.92 8.50
N ASP E 310 -25.27 31.41 8.08
CA ASP E 310 -26.48 30.71 8.46
C ASP E 310 -26.58 29.38 7.72
N GLU E 311 -26.17 29.37 6.45
CA GLU E 311 -26.07 28.13 5.71
C GLU E 311 -24.98 27.22 6.28
N TYR E 312 -23.80 27.78 6.59
CA TYR E 312 -22.71 26.96 7.08
C TYR E 312 -23.09 26.22 8.36
N LEU E 313 -23.79 26.88 9.27
CA LEU E 313 -24.10 26.31 10.57
C LEU E 313 -25.20 25.27 10.51
N LYS E 314 -25.95 25.18 9.41
CA LYS E 314 -27.08 24.25 9.39
C LYS E 314 -26.61 22.80 9.50
N ILE E 315 -25.40 22.50 9.05
CA ILE E 315 -24.93 21.13 9.10
C ILE E 315 -24.90 20.60 10.52
N PHE E 316 -24.83 21.48 11.54
CA PHE E 316 -24.73 21.02 12.92
C PHE E 316 -26.08 20.90 13.62
N LEU E 317 -27.17 21.23 12.94
CA LEU E 317 -28.48 21.26 13.61
C LEU E 317 -28.97 19.88 14.06
N SER F 6 56.59 -28.58 26.32
CA SER F 6 55.83 -29.74 26.80
C SER F 6 54.57 -29.28 27.56
N GLY F 7 54.80 -28.53 28.63
CA GLY F 7 53.72 -28.04 29.46
C GLY F 7 53.84 -26.55 29.68
N GLU F 8 54.65 -25.89 28.86
CA GLU F 8 54.70 -24.44 28.84
C GLU F 8 53.71 -23.84 27.85
N LYS F 9 52.90 -24.67 27.20
CA LYS F 9 51.88 -24.17 26.29
C LYS F 9 50.80 -23.40 27.04
N THR F 10 50.31 -22.33 26.41
CA THR F 10 49.04 -21.74 26.82
C THR F 10 47.92 -22.75 26.53
N ARG F 11 46.99 -22.91 27.47
CA ARG F 11 45.82 -23.77 27.28
C ARG F 11 44.63 -22.92 26.85
N VAL F 12 44.17 -23.12 25.61
CA VAL F 12 43.13 -22.31 24.99
C VAL F 12 41.86 -23.15 24.87
N LEU F 13 40.73 -22.56 25.25
CA LEU F 13 39.42 -23.13 25.01
C LEU F 13 38.75 -22.33 23.90
N VAL F 14 38.35 -23.03 22.83
CA VAL F 14 37.68 -22.39 21.70
C VAL F 14 36.19 -22.67 21.80
N VAL F 15 35.40 -21.60 21.77
CA VAL F 15 33.94 -21.66 21.84
C VAL F 15 33.41 -21.28 20.47
N GLY F 16 32.53 -22.12 19.91
CA GLY F 16 32.16 -22.03 18.51
C GLY F 16 33.17 -22.68 17.59
N GLY F 17 33.76 -23.80 18.01
CA GLY F 17 34.86 -24.40 17.25
C GLY F 17 34.47 -25.10 15.94
N THR F 18 33.19 -25.31 15.67
CA THR F 18 32.76 -25.87 14.39
C THR F 18 32.28 -24.80 13.43
N GLY F 19 32.41 -23.52 13.78
CA GLY F 19 31.98 -22.49 12.86
C GLY F 19 33.02 -22.19 11.82
N THR F 20 32.63 -21.32 10.87
CA THR F 20 33.52 -20.96 9.77
C THR F 20 34.87 -20.50 10.28
N MET F 21 34.86 -19.43 11.08
CA MET F 21 36.10 -18.91 11.65
C MET F 21 36.59 -19.80 12.77
N GLY F 22 35.66 -20.37 13.52
CA GLY F 22 36.04 -21.16 14.68
C GLY F 22 36.95 -22.33 14.35
N ARG F 23 36.59 -23.11 13.31
CA ARG F 23 37.40 -24.26 12.95
C ARG F 23 38.82 -23.81 12.60
N ARG F 24 38.94 -22.66 11.96
CA ARG F 24 40.25 -22.14 11.62
C ARG F 24 41.03 -21.77 12.87
N ILE F 25 40.33 -21.26 13.89
CA ILE F 25 41.00 -20.93 15.13
C ILE F 25 41.47 -22.19 15.84
N VAL F 26 40.59 -23.20 15.93
CA VAL F 26 41.01 -24.47 16.50
C VAL F 26 42.33 -24.91 15.89
N ARG F 27 42.42 -24.87 14.57
CA ARG F 27 43.61 -25.40 13.90
C ARG F 27 44.80 -24.45 14.03
N ALA F 28 44.56 -23.15 13.95
CA ALA F 28 45.66 -22.21 14.14
C ALA F 28 46.26 -22.33 15.54
N CYS F 29 45.43 -22.59 16.55
CA CYS F 29 45.97 -22.75 17.89
C CYS F 29 46.84 -23.99 17.98
N LEU F 30 46.37 -25.12 17.45
CA LEU F 30 47.21 -26.30 17.40
C LEU F 30 48.54 -25.99 16.72
N ALA F 31 48.47 -25.40 15.53
CA ALA F 31 49.68 -25.14 14.77
C ALA F 31 50.63 -24.22 15.51
N GLU F 32 50.14 -23.48 16.49
CA GLU F 32 50.95 -22.57 17.26
C GLU F 32 51.54 -23.24 18.49
N GLY F 33 51.21 -24.50 18.74
CA GLY F 33 51.70 -25.17 19.90
C GLY F 33 50.85 -25.02 21.15
N HIS F 34 49.68 -24.41 21.05
CA HIS F 34 48.81 -24.32 22.20
C HIS F 34 48.15 -25.66 22.48
N GLU F 35 47.98 -25.98 23.75
CA GLU F 35 47.15 -27.10 24.15
C GLU F 35 45.70 -26.66 23.99
N THR F 36 45.03 -27.21 22.99
CA THR F 36 43.76 -26.68 22.49
C THR F 36 42.59 -27.52 22.95
N TYR F 37 41.58 -26.87 23.49
CA TYR F 37 40.36 -27.47 24.01
C TYR F 37 39.20 -26.87 23.25
N VAL F 38 38.23 -27.71 22.88
CA VAL F 38 37.11 -27.26 22.07
C VAL F 38 35.84 -27.54 22.85
N LEU F 39 34.95 -26.56 22.92
CA LEU F 39 33.71 -26.71 23.65
C LEU F 39 32.73 -27.56 22.85
N GLN F 40 32.21 -28.61 23.47
CA GLN F 40 31.25 -29.53 22.85
C GLN F 40 29.87 -29.30 23.47
N GLN F 41 29.00 -28.62 22.74
CA GLN F 41 27.64 -28.40 23.16
C GLN F 41 26.75 -29.61 22.87
N PRO F 42 25.74 -29.86 23.69
CA PRO F 42 24.81 -30.96 23.42
C PRO F 42 24.29 -30.90 21.99
N GLU F 43 24.21 -32.06 21.35
CA GLU F 43 23.69 -32.09 19.99
C GLU F 43 22.27 -31.57 20.00
N THR F 44 21.96 -30.69 19.06
CA THR F 44 20.60 -30.21 18.89
C THR F 44 19.93 -30.83 17.69
N ARG F 45 20.43 -31.98 17.23
CA ARG F 45 20.20 -32.44 15.87
C ARG F 45 21.11 -33.61 15.57
N VAL F 46 20.75 -34.40 14.56
CA VAL F 46 21.70 -35.33 13.94
C VAL F 46 22.49 -34.47 12.95
N ASP F 47 23.73 -34.13 13.31
CA ASP F 47 24.54 -33.18 12.54
C ASP F 47 25.88 -33.85 12.26
N ILE F 48 25.92 -34.63 11.18
CA ILE F 48 27.06 -35.50 10.93
C ILE F 48 28.31 -34.68 10.65
N GLU F 49 28.18 -33.55 9.95
CA GLU F 49 29.32 -32.70 9.65
C GLU F 49 29.89 -32.07 10.92
N LYS F 50 29.02 -31.56 11.79
CA LYS F 50 29.48 -30.97 13.04
C LYS F 50 30.19 -32.00 13.92
N VAL F 51 29.55 -33.15 14.13
CA VAL F 51 30.14 -34.15 15.00
C VAL F 51 31.50 -34.59 14.49
N GLN F 52 31.64 -34.72 13.16
CA GLN F 52 32.89 -35.26 12.66
C GLN F 52 33.98 -34.20 12.62
N LEU F 53 33.62 -32.95 12.39
CA LEU F 53 34.59 -31.88 12.54
C LEU F 53 35.14 -31.86 13.97
N LEU F 54 34.26 -31.88 14.97
CA LEU F 54 34.69 -31.90 16.35
C LEU F 54 35.65 -33.04 16.62
N TYR F 55 35.25 -34.28 16.28
CA TYR F 55 36.11 -35.40 16.61
C TYR F 55 37.37 -35.42 15.76
N SER F 56 37.34 -34.82 14.57
CA SER F 56 38.57 -34.68 13.80
C SER F 56 39.63 -33.87 14.55
N TYR F 57 39.21 -32.97 15.46
CA TYR F 57 40.19 -32.19 16.22
C TYR F 57 40.99 -33.05 17.17
N LYS F 58 40.38 -34.10 17.73
CA LYS F 58 41.13 -35.00 18.60
C LYS F 58 42.27 -35.67 17.86
N ARG F 59 42.04 -36.05 16.60
CA ARG F 59 43.13 -36.63 15.81
C ARG F 59 44.32 -35.68 15.74
N LEU F 60 44.07 -34.37 15.72
CA LEU F 60 45.16 -33.41 15.69
C LEU F 60 45.78 -33.17 17.06
N GLY F 61 45.17 -33.64 18.14
CA GLY F 61 45.68 -33.38 19.46
C GLY F 61 44.81 -32.46 20.31
N ALA F 62 43.72 -31.94 19.78
CA ALA F 62 42.79 -31.16 20.58
C ALA F 62 42.00 -32.09 21.52
N ARG F 63 41.41 -31.48 22.53
CA ARG F 63 40.55 -32.16 23.47
C ARG F 63 39.18 -31.50 23.49
N LEU F 64 38.18 -32.28 23.83
CA LEU F 64 36.80 -31.83 23.89
C LEU F 64 36.38 -31.66 25.35
N ILE F 65 35.65 -30.58 25.61
CA ILE F 65 35.03 -30.34 26.90
C ILE F 65 33.55 -30.16 26.65
N GLU F 66 32.74 -31.04 27.24
CA GLU F 66 31.32 -30.92 27.10
C GLU F 66 30.79 -29.90 28.10
N ALA F 67 29.90 -29.05 27.64
CA ALA F 67 29.27 -28.07 28.49
C ALA F 67 28.12 -27.54 27.70
N SER F 68 27.21 -26.88 28.39
CA SER F 68 25.99 -26.39 27.76
C SER F 68 25.75 -24.97 28.23
N PHE F 69 25.35 -24.11 27.28
CA PHE F 69 25.08 -22.73 27.65
C PHE F 69 23.86 -22.59 28.55
N SER F 70 23.04 -23.64 28.66
CA SER F 70 21.88 -23.63 29.54
C SER F 70 22.20 -24.26 30.89
N ASP F 71 23.47 -24.51 31.18
CA ASP F 71 23.89 -25.16 32.42
C ASP F 71 25.09 -24.37 32.95
N HIS F 72 24.80 -23.37 33.79
CA HIS F 72 25.83 -22.43 34.22
C HIS F 72 27.06 -23.11 34.79
N GLN F 73 26.85 -24.08 35.68
CA GLN F 73 28.00 -24.71 36.33
C GLN F 73 28.85 -25.51 35.36
N SER F 74 28.26 -26.08 34.30
CA SER F 74 29.08 -26.75 33.30
C SER F 74 29.96 -25.75 32.56
N LEU F 75 29.44 -24.55 32.32
CA LEU F 75 30.28 -23.48 31.77
C LEU F 75 31.42 -23.14 32.71
N VAL F 76 31.12 -22.94 33.99
CA VAL F 76 32.17 -22.62 34.97
C VAL F 76 33.19 -23.74 35.01
N SER F 77 32.71 -24.98 35.06
CA SER F 77 33.62 -26.12 35.13
C SER F 77 34.52 -26.20 33.92
N ALA F 78 34.05 -25.70 32.77
CA ALA F 78 34.84 -25.86 31.55
C ALA F 78 35.95 -24.83 31.46
N VAL F 79 35.68 -23.57 31.84
CA VAL F 79 36.71 -22.56 31.70
C VAL F 79 37.73 -22.67 32.82
N LYS F 80 37.40 -23.36 33.91
CA LYS F 80 38.41 -23.66 34.93
C LYS F 80 39.49 -24.60 34.42
N GLN F 81 39.26 -25.30 33.31
CA GLN F 81 40.23 -26.26 32.81
C GLN F 81 41.27 -25.65 31.87
N VAL F 82 41.20 -24.35 31.59
CA VAL F 82 42.06 -23.70 30.61
C VAL F 82 42.54 -22.36 31.14
N ASP F 83 43.41 -21.70 30.37
CA ASP F 83 43.96 -20.40 30.70
C ASP F 83 43.40 -19.27 29.85
N ILE F 84 43.01 -19.54 28.61
CA ILE F 84 42.54 -18.51 27.70
C ILE F 84 41.31 -19.01 26.95
N VAL F 85 40.33 -18.13 26.76
CA VAL F 85 39.10 -18.45 26.06
C VAL F 85 39.02 -17.60 24.80
N VAL F 86 38.72 -18.26 23.68
CA VAL F 86 38.41 -17.60 22.42
C VAL F 86 37.03 -18.05 21.98
N ALA F 87 36.16 -17.08 21.71
CA ALA F 87 34.80 -17.35 21.28
C ALA F 87 34.65 -16.92 19.84
N ALA F 88 33.95 -17.72 19.05
CA ALA F 88 33.70 -17.40 17.65
C ALA F 88 32.28 -17.79 17.24
N MET F 89 31.32 -17.60 18.15
CA MET F 89 29.89 -17.65 17.87
C MET F 89 29.53 -16.84 16.63
N SER F 90 28.46 -17.27 15.96
CA SER F 90 27.87 -16.52 14.86
C SER F 90 27.55 -15.09 15.25
N GLY F 91 27.73 -14.19 14.29
CA GLY F 91 27.22 -12.85 14.36
C GLY F 91 26.85 -12.42 12.96
N VAL F 92 25.62 -12.72 12.54
CA VAL F 92 25.20 -12.42 11.18
C VAL F 92 24.73 -10.97 11.07
N HIS F 93 23.91 -10.52 12.01
CA HIS F 93 23.36 -9.18 12.05
C HIS F 93 23.94 -8.42 13.23
N PHE F 94 23.82 -7.09 13.19
CA PHE F 94 24.26 -6.28 14.31
C PHE F 94 23.51 -6.64 15.58
N ARG F 95 22.20 -6.84 15.47
CA ARG F 95 21.44 -7.51 16.50
C ARG F 95 21.51 -9.00 16.24
N SER F 96 22.00 -9.76 17.22
CA SER F 96 22.25 -11.19 17.04
C SER F 96 22.21 -11.84 18.41
N HIS F 97 21.27 -12.76 18.60
CA HIS F 97 21.09 -13.39 19.90
C HIS F 97 22.27 -14.28 20.26
N SER F 98 22.92 -14.90 19.27
CA SER F 98 24.05 -15.79 19.56
C SER F 98 25.26 -15.03 20.09
N ILE F 99 25.51 -13.82 19.57
CA ILE F 99 26.56 -13.00 20.16
C ILE F 99 26.32 -12.82 21.65
N LEU F 100 25.05 -12.65 22.04
CA LEU F 100 24.74 -12.37 23.42
C LEU F 100 24.86 -13.59 24.31
N VAL F 101 24.94 -14.78 23.74
CA VAL F 101 25.22 -15.95 24.56
C VAL F 101 26.56 -15.81 25.28
N GLN F 102 27.46 -14.97 24.78
CA GLN F 102 28.75 -14.80 25.45
C GLN F 102 28.61 -14.20 26.83
N LEU F 103 27.53 -13.44 27.07
CA LEU F 103 27.29 -12.92 28.42
C LEU F 103 27.28 -14.03 29.44
N LYS F 104 26.70 -15.17 29.10
CA LYS F 104 26.73 -16.33 30.00
C LYS F 104 28.15 -16.80 30.22
N LEU F 105 28.98 -16.72 29.19
CA LEU F 105 30.37 -17.11 29.30
C LEU F 105 31.17 -16.07 30.09
N VAL F 106 30.89 -14.78 29.90
CA VAL F 106 31.50 -13.76 30.75
C VAL F 106 31.21 -14.03 32.22
N GLU F 107 29.95 -14.32 32.56
CA GLU F 107 29.63 -14.64 33.94
C GLU F 107 30.35 -15.91 34.39
N ALA F 108 30.44 -16.92 33.52
CA ALA F 108 31.17 -18.12 33.90
C ALA F 108 32.64 -17.80 34.15
N ILE F 109 33.26 -17.09 33.23
CA ILE F 109 34.66 -16.71 33.41
C ILE F 109 34.83 -15.89 34.68
N LYS F 110 33.93 -14.93 34.91
CA LYS F 110 34.03 -14.10 36.11
C LYS F 110 34.05 -14.96 37.35
N GLU F 111 33.14 -15.93 37.45
CA GLU F 111 33.09 -16.78 38.65
C GLU F 111 34.34 -17.64 38.79
N ALA F 112 34.91 -18.10 37.67
CA ALA F 112 36.03 -19.03 37.72
C ALA F 112 37.30 -18.35 38.22
N GLY F 113 37.61 -17.17 37.70
CA GLY F 113 38.71 -16.37 38.18
C GLY F 113 40.07 -16.79 37.69
N ASN F 114 40.20 -17.91 37.01
CA ASN F 114 41.49 -18.41 36.57
C ASN F 114 41.87 -17.97 35.17
N ILE F 115 41.02 -17.22 34.48
CA ILE F 115 41.22 -16.95 33.05
C ILE F 115 42.18 -15.79 32.87
N LYS F 116 43.23 -16.01 32.08
CA LYS F 116 44.21 -14.98 31.81
C LYS F 116 43.77 -14.02 30.70
N ARG F 117 42.93 -14.47 29.77
CA ARG F 117 42.52 -13.58 28.70
C ARG F 117 41.32 -14.17 27.97
N PHE F 118 40.42 -13.28 27.55
CA PHE F 118 39.23 -13.62 26.79
C PHE F 118 39.26 -12.86 25.48
N LEU F 119 39.13 -13.57 24.36
CA LEU F 119 38.91 -12.96 23.06
C LEU F 119 37.47 -13.21 22.63
N PRO F 120 36.60 -12.23 22.73
CA PRO F 120 35.20 -12.45 22.36
C PRO F 120 35.06 -12.56 20.86
N SER F 121 33.84 -12.83 20.39
CA SER F 121 33.59 -13.06 18.97
C SER F 121 33.50 -11.73 18.25
N GLU F 122 34.61 -11.34 17.62
CA GLU F 122 34.74 -10.03 17.01
C GLU F 122 35.05 -10.23 15.53
N PHE F 123 36.30 -10.10 15.12
CA PHE F 123 36.73 -10.48 13.77
C PHE F 123 36.00 -9.72 12.68
N GLY F 124 35.59 -8.49 12.93
CA GLY F 124 34.96 -7.71 11.89
C GLY F 124 35.01 -6.23 12.09
N MET F 125 33.92 -5.56 11.76
CA MET F 125 33.79 -4.14 12.04
C MET F 125 33.92 -3.89 13.54
N ASP F 126 34.52 -2.75 13.88
CA ASP F 126 34.65 -2.39 15.28
C ASP F 126 33.31 -1.91 15.83
N PRO F 127 32.75 -2.57 16.84
CA PRO F 127 31.43 -2.16 17.35
C PRO F 127 31.47 -1.01 18.34
N SER F 128 32.65 -0.53 18.73
CA SER F 128 32.74 0.75 19.41
C SER F 128 32.63 1.90 18.43
N ARG F 129 32.22 1.61 17.19
CA ARG F 129 31.91 2.61 16.18
C ARG F 129 33.20 3.20 15.63
N ASP F 142 27.62 -5.59 16.79
CA ASP F 142 27.12 -4.34 17.41
C ASP F 142 26.53 -4.54 18.81
N GLN F 143 25.76 -5.62 18.99
CA GLN F 143 25.60 -6.14 20.34
C GLN F 143 26.88 -6.78 20.83
N LYS F 144 27.90 -6.83 19.98
CA LYS F 144 29.25 -7.09 20.44
C LYS F 144 29.70 -6.03 21.44
N LEU F 145 29.17 -4.81 21.36
CA LEU F 145 29.55 -3.79 22.35
C LEU F 145 28.97 -4.12 23.71
N GLU F 146 27.75 -4.65 23.76
CA GLU F 146 27.23 -5.10 25.04
C GLU F 146 28.15 -6.14 25.67
N VAL F 147 28.74 -7.01 24.85
CA VAL F 147 29.62 -8.03 25.37
C VAL F 147 30.94 -7.41 25.85
N ARG F 148 31.46 -6.44 25.10
CA ARG F 148 32.64 -5.71 25.54
C ARG F 148 32.43 -5.04 26.90
N ASN F 149 31.25 -4.44 27.10
CA ASN F 149 31.00 -3.76 28.37
C ASN F 149 30.97 -4.77 29.53
N ALA F 150 30.38 -5.94 29.30
CA ALA F 150 30.36 -6.97 30.33
C ALA F 150 31.76 -7.50 30.63
N ILE F 151 32.60 -7.62 29.61
CA ILE F 151 33.97 -8.07 29.82
C ILE F 151 34.71 -7.09 30.71
N GLU F 152 34.64 -5.81 30.36
CA GLU F 152 35.40 -4.79 31.07
C GLU F 152 34.83 -4.55 32.45
N ALA F 153 33.50 -4.57 32.60
CA ALA F 153 32.93 -4.42 33.93
C ALA F 153 33.39 -5.55 34.85
N ALA F 154 33.48 -6.77 34.32
CA ALA F 154 33.94 -7.91 35.11
C ALA F 154 35.45 -7.88 35.35
N GLY F 155 36.17 -6.96 34.72
CA GLY F 155 37.60 -6.94 34.88
C GLY F 155 38.35 -8.07 34.20
N ILE F 156 37.74 -8.75 33.23
CA ILE F 156 38.41 -9.85 32.51
C ILE F 156 39.36 -9.26 31.47
N PRO F 157 40.63 -9.61 31.48
CA PRO F 157 41.54 -9.12 30.43
C PRO F 157 41.14 -9.69 29.07
N HIS F 158 41.47 -8.96 28.01
CA HIS F 158 40.87 -9.24 26.72
C HIS F 158 41.80 -8.80 25.59
N THR F 159 41.56 -9.38 24.39
CA THR F 159 42.03 -8.80 23.13
C THR F 159 40.85 -8.78 22.15
N TYR F 160 40.71 -7.70 21.42
CA TYR F 160 39.68 -7.57 20.39
C TYR F 160 40.37 -7.59 19.03
N VAL F 161 40.09 -8.62 18.23
CA VAL F 161 40.61 -8.76 16.88
C VAL F 161 39.56 -8.26 15.90
N VAL F 162 39.87 -7.20 15.15
CA VAL F 162 38.87 -6.48 14.39
C VAL F 162 39.48 -6.02 13.06
N GLY F 163 38.59 -5.54 12.19
CA GLY F 163 39.00 -4.63 11.14
C GLY F 163 39.29 -5.22 9.78
N ALA F 164 38.78 -6.40 9.48
CA ALA F 164 38.96 -6.94 8.13
C ALA F 164 37.66 -7.58 7.65
N CYS F 165 37.49 -7.59 6.32
CA CYS F 165 36.50 -8.41 5.65
C CYS F 165 37.06 -9.81 5.40
N PHE F 166 36.33 -10.86 5.83
CA PHE F 166 36.68 -12.22 5.42
C PHE F 166 36.73 -12.31 3.89
N ALA F 167 37.81 -12.90 3.38
CA ALA F 167 37.95 -12.98 1.92
C ALA F 167 36.84 -13.84 1.29
N ALA F 168 36.33 -14.84 2.01
CA ALA F 168 35.28 -15.67 1.41
C ALA F 168 33.97 -14.90 1.26
N TYR F 169 33.70 -13.95 2.14
CA TYR F 169 32.44 -13.24 2.08
C TYR F 169 32.50 -11.93 1.29
N PHE F 170 33.69 -11.42 0.98
CA PHE F 170 33.79 -10.11 0.32
C PHE F 170 34.76 -10.05 -0.84
N ALA F 171 35.75 -10.93 -0.92
CA ALA F 171 36.69 -10.90 -2.04
C ALA F 171 36.31 -11.89 -3.15
N GLY F 172 36.01 -13.14 -2.80
CA GLY F 172 35.75 -14.18 -3.78
C GLY F 172 34.52 -13.93 -4.62
N ASN F 173 33.62 -13.07 -4.16
CA ASN F 173 32.44 -12.66 -4.91
C ASN F 173 32.59 -11.24 -5.48
N LEU F 174 33.79 -10.66 -5.44
CA LEU F 174 33.99 -9.26 -5.85
C LEU F 174 33.04 -8.32 -5.10
N SER F 175 32.72 -8.67 -3.85
CA SER F 175 31.86 -7.88 -2.97
C SER F 175 30.42 -7.79 -3.47
N GLN F 176 30.05 -8.68 -4.38
CA GLN F 176 28.66 -8.82 -4.78
C GLN F 176 27.86 -9.56 -3.72
N MET F 177 26.58 -9.24 -3.65
CA MET F 177 25.69 -9.82 -2.66
C MET F 177 24.95 -10.99 -3.25
N GLY F 178 24.59 -11.91 -2.39
CA GLY F 178 23.85 -13.06 -2.81
C GLY F 178 24.68 -14.14 -3.47
N THR F 179 26.00 -13.98 -3.56
CA THR F 179 26.85 -15.02 -4.11
C THR F 179 28.19 -14.99 -3.41
N LEU F 180 28.91 -16.11 -3.50
CA LEU F 180 30.25 -16.25 -2.96
C LEU F 180 31.29 -16.54 -4.03
N ILE F 181 30.94 -16.44 -5.32
CA ILE F 181 31.94 -16.70 -6.35
C ILE F 181 31.90 -15.55 -7.36
N PRO F 182 32.96 -15.40 -8.14
CA PRO F 182 33.03 -14.25 -9.04
C PRO F 182 31.92 -14.28 -10.07
N PRO F 183 31.30 -13.14 -10.34
CA PRO F 183 30.29 -13.08 -11.38
C PRO F 183 30.94 -13.18 -12.75
N LYS F 184 30.14 -13.59 -13.74
CA LYS F 184 30.74 -13.88 -15.04
C LYS F 184 30.78 -12.68 -15.99
N LYS F 185 29.79 -11.79 -15.94
CA LYS F 185 29.79 -10.70 -16.91
C LYS F 185 29.54 -9.34 -16.29
N LYS F 186 28.68 -9.25 -15.27
CA LYS F 186 28.25 -8.00 -14.67
C LYS F 186 28.73 -7.87 -13.22
N VAL F 187 29.03 -6.65 -12.80
CA VAL F 187 29.43 -6.36 -11.43
C VAL F 187 28.83 -5.03 -10.97
N ASN F 188 28.26 -5.01 -9.76
CA ASN F 188 27.84 -3.78 -9.11
C ASN F 188 29.01 -3.16 -8.35
N ILE F 189 29.26 -1.87 -8.61
CA ILE F 189 30.30 -1.09 -7.93
C ILE F 189 29.62 -0.13 -6.96
N TYR F 190 30.06 -0.14 -5.71
CA TYR F 190 29.45 0.73 -4.71
C TYR F 190 30.06 2.13 -4.80
N GLY F 191 29.21 3.12 -5.08
CA GLY F 191 29.72 4.45 -5.34
C GLY F 191 30.65 4.43 -6.53
N ASP F 192 31.82 5.07 -6.38
CA ASP F 192 32.86 5.02 -7.38
C ASP F 192 33.77 3.81 -7.22
N GLY F 193 33.59 3.03 -6.16
CA GLY F 193 34.51 1.97 -5.85
C GLY F 193 35.89 2.43 -5.47
N ASN F 194 36.02 3.66 -4.92
CA ASN F 194 37.32 4.21 -4.54
C ASN F 194 37.47 4.35 -3.04
N VAL F 195 36.64 3.66 -2.28
CA VAL F 195 36.75 3.57 -0.83
C VAL F 195 37.62 2.36 -0.47
N LYS F 196 38.71 2.61 0.25
CA LYS F 196 39.57 1.54 0.71
C LYS F 196 38.85 0.59 1.64
N VAL F 197 39.01 -0.70 1.38
CA VAL F 197 38.46 -1.79 2.17
C VAL F 197 39.63 -2.71 2.55
N VAL F 198 39.41 -3.55 3.54
CA VAL F 198 40.42 -4.50 4.02
C VAL F 198 39.93 -5.92 3.73
N TYR F 199 40.63 -6.61 2.83
CA TYR F 199 40.28 -7.97 2.41
C TYR F 199 41.31 -8.97 2.95
N VAL F 200 40.87 -9.92 3.78
CA VAL F 200 41.83 -10.80 4.43
C VAL F 200 41.34 -12.23 4.45
N ASP F 201 42.21 -13.15 4.04
CA ASP F 201 42.00 -14.58 4.11
C ASP F 201 41.74 -15.02 5.55
N GLU F 202 40.61 -15.70 5.76
CA GLU F 202 40.21 -16.10 7.11
C GLU F 202 41.27 -16.94 7.78
N ASP F 203 42.08 -17.67 7.01
CA ASP F 203 43.20 -18.40 7.60
C ASP F 203 44.19 -17.46 8.28
N ASP F 204 44.51 -16.33 7.66
CA ASP F 204 45.42 -15.36 8.28
C ASP F 204 44.82 -14.76 9.54
N ILE F 205 43.54 -14.39 9.50
CA ILE F 205 42.86 -13.90 10.69
C ILE F 205 43.01 -14.88 11.83
N ALA F 206 42.77 -16.18 11.55
CA ALA F 206 42.90 -17.20 12.59
C ALA F 206 44.32 -17.34 13.09
N GLU F 207 45.30 -17.31 12.17
CA GLU F 207 46.68 -17.39 12.61
C GLU F 207 47.08 -16.17 13.44
N TYR F 208 46.77 -14.96 12.96
CA TYR F 208 47.01 -13.78 13.78
C TYR F 208 46.35 -13.93 15.15
N THR F 209 45.15 -14.49 15.19
CA THR F 209 44.47 -14.68 16.45
C THR F 209 45.22 -15.66 17.35
N ALA F 210 45.65 -16.79 16.80
CA ALA F 210 46.45 -17.74 17.58
C ALA F 210 47.75 -17.10 18.06
N LYS F 211 48.30 -16.18 17.29
CA LYS F 211 49.57 -15.58 17.69
C LYS F 211 49.36 -14.49 18.74
N THR F 212 48.27 -13.73 18.64
CA THR F 212 48.07 -12.62 19.55
C THR F 212 47.54 -13.05 20.91
N LEU F 213 46.94 -14.22 21.04
CA LEU F 213 46.13 -14.45 22.23
C LEU F 213 46.96 -14.56 23.51
N ASP F 214 48.25 -14.84 23.42
CA ASP F 214 49.13 -14.81 24.59
C ASP F 214 50.29 -13.83 24.40
N ASP F 215 50.14 -12.86 23.51
CA ASP F 215 51.18 -11.88 23.27
C ASP F 215 51.05 -10.79 24.34
N PRO F 216 52.03 -10.65 25.25
CA PRO F 216 51.93 -9.58 26.27
C PRO F 216 51.66 -8.21 25.68
N ARG F 217 52.11 -7.93 24.46
CA ARG F 217 51.93 -6.63 23.83
C ARG F 217 50.47 -6.29 23.55
N THR F 218 49.59 -7.28 23.49
CA THR F 218 48.22 -7.04 23.04
C THR F 218 47.20 -7.26 24.14
N ILE F 219 47.63 -7.42 25.37
CA ILE F 219 46.63 -7.60 26.42
C ILE F 219 45.87 -6.29 26.60
N ASN F 220 44.55 -6.41 26.73
CA ASN F 220 43.61 -5.29 26.82
C ASN F 220 43.71 -4.33 25.64
N LYS F 221 44.19 -4.77 24.50
CA LYS F 221 44.26 -3.96 23.29
C LYS F 221 43.32 -4.46 22.20
N THR F 222 42.98 -3.53 21.31
CA THR F 222 42.31 -3.84 20.06
C THR F 222 43.38 -4.09 19.01
N VAL F 223 43.40 -5.29 18.43
CA VAL F 223 44.36 -5.64 17.38
C VAL F 223 43.64 -5.53 16.04
N TYR F 224 44.16 -4.67 15.16
CA TYR F 224 43.58 -4.45 13.85
C TYR F 224 44.25 -5.36 12.84
N VAL F 225 43.47 -6.12 12.10
CA VAL F 225 44.01 -6.99 11.06
C VAL F 225 43.94 -6.24 9.75
N ARG F 226 45.08 -5.68 9.34
CA ARG F 226 45.09 -4.82 8.18
C ARG F 226 46.40 -5.04 7.41
N PRO F 227 46.62 -6.23 6.87
CA PRO F 227 47.85 -6.45 6.10
C PRO F 227 47.96 -5.41 5.00
N THR F 228 49.10 -4.72 4.96
CA THR F 228 49.21 -3.50 4.15
C THR F 228 48.77 -3.74 2.72
N GLU F 229 49.18 -4.85 2.11
CA GLU F 229 48.91 -4.99 0.70
C GLU F 229 47.48 -5.38 0.41
N ASN F 230 46.67 -5.62 1.44
CA ASN F 230 45.29 -6.04 1.23
C ASN F 230 44.30 -4.91 1.50
N VAL F 231 44.80 -3.69 1.68
CA VAL F 231 43.96 -2.51 1.77
C VAL F 231 43.64 -2.11 0.34
N LEU F 232 42.41 -2.34 -0.09
CA LEU F 232 42.08 -2.21 -1.50
C LEU F 232 40.70 -1.63 -1.66
N THR F 233 40.52 -0.85 -2.73
CA THR F 233 39.19 -0.43 -3.10
C THR F 233 38.49 -1.58 -3.84
N GLN F 234 37.16 -1.52 -3.87
CA GLN F 234 36.43 -2.52 -4.63
C GLN F 234 36.91 -2.55 -6.08
N MET F 235 37.08 -1.38 -6.69
CA MET F 235 37.59 -1.32 -8.05
C MET F 235 38.95 -1.98 -8.15
N GLU F 236 39.79 -1.81 -7.13
CA GLU F 236 41.10 -2.44 -7.19
C GLU F 236 40.96 -3.95 -7.16
N LEU F 237 40.09 -4.45 -6.29
CA LEU F 237 39.83 -5.88 -6.22
C LEU F 237 39.29 -6.39 -7.57
N VAL F 238 38.30 -5.69 -8.14
CA VAL F 238 37.76 -6.06 -9.45
C VAL F 238 38.86 -6.10 -10.50
N GLN F 239 39.78 -5.13 -10.44
CA GLN F 239 40.83 -5.05 -11.45
C GLN F 239 41.86 -6.15 -11.27
N ILE F 240 42.13 -6.57 -10.03
CA ILE F 240 42.96 -7.75 -9.82
C ILE F 240 42.34 -8.95 -10.54
N TRP F 241 41.02 -9.13 -10.37
CA TRP F 241 40.33 -10.22 -11.03
C TRP F 241 40.38 -10.08 -12.54
N GLU F 242 40.01 -8.90 -13.05
CA GLU F 242 39.99 -8.71 -14.49
C GLU F 242 41.36 -8.95 -15.09
N LYS F 243 42.42 -8.79 -14.31
CA LYS F 243 43.72 -9.07 -14.87
C LYS F 243 44.00 -10.58 -14.89
N LEU F 244 43.49 -11.30 -13.89
CA LEU F 244 43.64 -12.76 -13.89
C LEU F 244 42.86 -13.39 -15.04
N THR F 245 41.63 -12.95 -15.28
CA THR F 245 40.79 -13.53 -16.32
C THR F 245 41.03 -12.93 -17.69
N GLY F 246 41.63 -11.74 -17.76
CA GLY F 246 41.71 -11.02 -19.01
C GLY F 246 40.38 -10.61 -19.57
N LYS F 247 39.34 -10.61 -18.74
CA LYS F 247 38.00 -10.26 -19.20
C LYS F 247 37.48 -9.06 -18.41
N GLU F 248 37.04 -8.03 -19.13
CA GLU F 248 36.51 -6.85 -18.49
C GLU F 248 35.03 -7.04 -18.16
N LEU F 249 34.64 -6.62 -16.96
CA LEU F 249 33.27 -6.78 -16.49
C LEU F 249 32.48 -5.48 -16.68
N GLU F 250 31.18 -5.64 -16.93
CA GLU F 250 30.29 -4.48 -17.03
C GLU F 250 30.03 -3.93 -15.64
N LYS F 251 30.42 -2.69 -15.42
CA LYS F 251 30.26 -2.06 -14.12
C LYS F 251 29.02 -1.20 -14.11
N THR F 252 28.18 -1.41 -13.11
CA THR F 252 27.08 -0.52 -12.77
C THR F 252 27.41 0.14 -11.44
N ASN F 253 27.52 1.46 -11.44
CA ASN F 253 27.79 2.18 -10.21
C ASN F 253 26.48 2.42 -9.47
N ILE F 254 26.47 2.09 -8.19
CA ILE F 254 25.29 2.24 -7.36
C ILE F 254 25.55 3.36 -6.38
N SER F 255 24.76 4.42 -6.48
CA SER F 255 24.93 5.53 -5.57
C SER F 255 24.46 5.13 -4.18
N ALA F 256 24.95 5.83 -3.17
CA ALA F 256 24.46 5.61 -1.83
C ALA F 256 22.94 5.65 -1.80
N ASN F 257 22.34 6.65 -2.45
CA ASN F 257 20.89 6.74 -2.53
C ASN F 257 20.28 5.43 -3.03
N ASP F 258 20.75 4.94 -4.18
CA ASP F 258 20.23 3.66 -4.70
C ASP F 258 20.34 2.57 -3.65
N PHE F 259 21.43 2.56 -2.89
CA PHE F 259 21.56 1.76 -1.66
C PHE F 259 20.61 2.36 -0.61
N LEU F 260 19.31 2.09 -0.77
CA LEU F 260 18.24 2.79 -0.03
C LEU F 260 18.60 3.18 1.40
N ILE F 268 11.41 -3.73 8.31
CA ILE F 268 12.73 -3.73 8.92
C ILE F 268 13.48 -5.02 8.56
N PRO F 269 12.80 -6.19 8.56
CA PRO F 269 13.51 -7.43 8.18
C PRO F 269 14.19 -7.33 6.82
N HIS F 270 15.53 -7.29 6.84
CA HIS F 270 16.40 -7.15 5.65
C HIS F 270 17.20 -5.85 5.71
N GLN F 271 18.37 -5.90 6.35
CA GLN F 271 18.84 -7.14 6.97
C GLN F 271 20.05 -6.95 7.91
N ALA F 272 20.81 -5.88 7.71
CA ALA F 272 22.06 -5.59 8.42
C ALA F 272 23.25 -6.09 7.60
N GLY F 273 23.10 -7.18 6.86
CA GLY F 273 24.00 -7.44 5.74
C GLY F 273 24.13 -6.20 4.87
N LEU F 274 22.97 -5.63 4.50
CA LEU F 274 22.95 -4.31 3.87
C LEU F 274 23.69 -3.26 4.69
N GLY F 275 23.48 -3.28 6.02
CA GLY F 275 24.12 -2.29 6.85
C GLY F 275 25.62 -2.46 6.88
N HIS F 276 26.09 -3.70 6.97
CA HIS F 276 27.53 -3.95 6.94
C HIS F 276 28.15 -3.37 5.68
N PHE F 277 27.58 -3.71 4.51
CA PHE F 277 28.10 -3.21 3.24
C PHE F 277 28.10 -1.68 3.20
N TYR F 278 27.09 -1.04 3.79
CA TYR F 278 27.00 0.41 3.68
C TYR F 278 28.14 1.08 4.43
N HIS F 279 28.40 0.62 5.65
CA HIS F 279 29.49 1.20 6.43
C HIS F 279 30.85 0.90 5.82
N ILE F 280 31.04 -0.31 5.32
CA ILE F 280 32.34 -0.68 4.78
C ILE F 280 32.61 0.11 3.49
N PHE F 281 31.65 0.12 2.56
CA PHE F 281 31.92 0.47 1.18
C PHE F 281 31.52 1.89 0.83
N TYR F 282 30.57 2.48 1.54
CA TYR F 282 30.28 3.89 1.36
C TYR F 282 31.00 4.75 2.39
N GLU F 283 31.03 4.32 3.65
CA GLU F 283 31.63 5.11 4.72
C GLU F 283 33.12 4.83 4.94
N GLY F 284 33.64 3.69 4.47
CA GLY F 284 35.06 3.41 4.66
C GLY F 284 35.46 3.14 6.09
N CYS F 285 34.58 2.55 6.87
CA CYS F 285 34.83 2.41 8.30
C CYS F 285 36.01 1.51 8.61
N LEU F 286 36.48 0.70 7.67
CA LEU F 286 37.60 -0.18 7.98
C LEU F 286 38.93 0.52 7.81
N THR F 287 38.94 1.66 7.11
CA THR F 287 40.18 2.32 6.74
C THR F 287 40.18 3.83 7.02
N ASP F 288 39.14 4.37 7.64
CA ASP F 288 39.08 5.82 7.79
C ASP F 288 40.02 6.36 8.88
N HIS F 289 40.55 5.50 9.74
CA HIS F 289 41.52 5.89 10.76
C HIS F 289 42.79 5.09 10.57
N GLU F 290 43.93 5.73 10.73
CA GLU F 290 45.17 4.96 10.63
C GLU F 290 45.43 4.21 11.92
N VAL F 291 46.28 3.19 11.84
CA VAL F 291 46.57 2.32 12.98
C VAL F 291 48.08 2.22 13.11
N GLY F 292 48.56 2.25 14.37
CA GLY F 292 49.98 2.15 14.60
C GLY F 292 50.49 0.73 14.49
N ASP F 293 51.80 0.60 14.24
CA ASP F 293 52.39 -0.72 14.06
C ASP F 293 52.25 -1.58 15.30
N ASP F 294 52.19 -0.97 16.48
CA ASP F 294 52.02 -1.69 17.73
C ASP F 294 50.61 -2.21 17.92
N GLU F 295 49.67 -1.91 17.01
CA GLU F 295 48.30 -2.40 17.15
C GLU F 295 47.78 -3.02 15.85
N GLU F 296 48.67 -3.36 14.91
CA GLU F 296 48.29 -3.91 13.62
C GLU F 296 48.94 -5.26 13.45
N ALA F 297 48.14 -6.27 13.06
CA ALA F 297 48.55 -7.66 13.15
C ALA F 297 49.72 -7.99 12.24
N SER F 298 49.73 -7.44 11.01
CA SER F 298 50.81 -7.83 10.12
C SER F 298 52.14 -7.21 10.54
N LYS F 299 52.11 -6.15 11.35
CA LYS F 299 53.33 -5.59 11.92
C LYS F 299 53.70 -6.28 13.23
N LEU F 300 52.70 -6.59 14.06
CA LEU F 300 52.97 -7.41 15.24
C LEU F 300 53.52 -8.78 14.91
N TYR F 301 53.08 -9.38 13.81
CA TYR F 301 53.45 -10.76 13.46
C TYR F 301 53.90 -10.79 12.00
N PRO F 302 55.08 -10.23 11.72
CA PRO F 302 55.55 -10.14 10.34
C PRO F 302 55.88 -11.48 9.71
N ASP F 303 56.03 -12.54 10.49
CA ASP F 303 56.33 -13.84 9.93
C ASP F 303 55.13 -14.46 9.24
N VAL F 304 53.92 -13.96 9.47
CA VAL F 304 52.75 -14.48 8.78
C VAL F 304 52.79 -13.97 7.34
N LYS F 305 53.01 -14.87 6.39
CA LYS F 305 53.04 -14.54 4.98
C LYS F 305 51.59 -14.53 4.48
N TYR F 306 50.88 -13.44 4.79
CA TYR F 306 49.46 -13.40 4.51
C TYR F 306 49.19 -13.55 3.01
N THR F 307 48.03 -14.10 2.70
CA THR F 307 47.64 -14.33 1.33
C THR F 307 47.20 -13.02 0.69
N ARG F 308 47.85 -12.64 -0.40
CA ARG F 308 47.42 -11.47 -1.15
C ARG F 308 46.20 -11.83 -2.00
N MET F 309 45.41 -10.82 -2.33
CA MET F 309 44.16 -11.08 -3.02
C MET F 309 44.36 -11.60 -4.46
N ASP F 310 45.50 -11.34 -5.09
CA ASP F 310 45.72 -11.97 -6.38
C ASP F 310 45.99 -13.47 -6.21
N GLU F 311 46.68 -13.86 -5.15
CA GLU F 311 46.77 -15.30 -4.87
C GLU F 311 45.42 -15.86 -4.46
N TYR F 312 44.70 -15.18 -3.57
CA TYR F 312 43.44 -15.73 -3.07
C TYR F 312 42.47 -16.01 -4.20
N LEU F 313 42.37 -15.11 -5.17
CA LEU F 313 41.38 -15.23 -6.21
C LEU F 313 41.71 -16.32 -7.24
N LYS F 314 42.93 -16.87 -7.23
CA LYS F 314 43.34 -17.80 -8.28
C LYS F 314 42.51 -19.07 -8.28
N ILE F 315 42.11 -19.54 -7.10
CA ILE F 315 41.35 -20.79 -6.98
C ILE F 315 40.02 -20.72 -7.72
N PHE F 316 39.51 -19.52 -8.03
CA PHE F 316 38.24 -19.41 -8.74
C PHE F 316 38.40 -19.36 -10.26
N LEU F 317 39.62 -19.25 -10.75
CA LEU F 317 39.87 -19.12 -12.19
C LEU F 317 39.34 -20.29 -13.01
C10 GNU G . -67.62 22.06 23.25
C13 GNU G . -62.70 22.97 22.98
C15 GNU G . -62.69 23.96 22.02
C17 GNU G . -61.75 22.98 23.99
C20 GNU G . -70.72 19.87 23.18
C21 GNU G . -60.80 23.99 24.04
C22 GNU G . -70.39 20.73 20.96
C24 GNU G . -71.13 19.95 21.85
C26 GNU G . -71.28 19.03 25.46
O01 GNU G . -64.26 21.21 25.41
O02 GNU G . -65.01 19.34 23.50
O03 GNU G . -61.69 25.99 21.08
O04 GNU G . -71.49 19.08 24.06
O05 GNU G . -59.85 26.00 23.09
O06 GNU G . -72.26 19.28 21.39
C07 GNU G . -65.12 22.30 23.44
C08 GNU G . -66.27 21.35 22.98
C09 GNU G . -63.78 21.87 22.85
C11 GNU G . -64.96 22.37 24.97
C12 GNU G . -66.24 20.00 23.70
C14 GNU G . -68.84 21.32 22.71
C16 GNU G . -69.59 20.56 23.60
C18 GNU G . -69.26 21.41 21.39
C19 GNU G . -61.74 24.96 22.04
C23 GNU G . -60.80 24.98 23.07
C25 GNU G . -62.57 26.01 19.99
H101 GNU G . -67.72 22.16 24.21
H102 GNU G . -67.58 22.94 22.84
H151 GNU G . -63.31 23.94 21.33
H171 GNU G . -61.75 22.31 24.64
H211 GNU G . -60.16 24.01 24.72
H221 GNU G . -70.65 20.79 20.07
H263 GNU G . -72.09 19.31 25.92
H262 GNU G . -70.56 19.63 25.69
H261 GNU G . -71.05 18.13 25.72
H011 GNU G . -64.71 20.81 26.00
H021 GNU G . -65.15 18.50 23.38
H051 GNU G . -60.16 26.66 23.52
H061 GNU G . -72.90 19.83 21.30
H071 GNU G . -65.32 23.19 23.13
H081 GNU G . -66.18 21.20 22.03
H092 GNU G . -63.90 21.67 21.91
H091 GNU G . -63.47 21.08 23.31
H111 GNU G . -64.45 23.16 25.21
H112 GNU G . -65.83 22.39 25.39
H121 GNU G . -66.37 20.14 24.65
H122 GNU G . -66.96 19.45 23.36
H161 GNU G . -69.31 20.49 24.49
H181 GNU G . -68.77 21.92 20.79
H252 GNU G . -62.06 26.14 19.17
H251 GNU G . -63.19 26.73 20.10
H253 GNU G . -63.05 25.17 19.94
PA NDP H . -58.73 13.16 23.59
O1A NDP H . -59.91 13.10 24.55
O2A NDP H . -59.13 12.59 22.24
O5B NDP H . -57.46 12.31 24.23
C5B NDP H . -56.34 12.18 23.37
C4B NDP H . -55.21 11.46 24.12
O4B NDP H . -55.05 12.01 25.30
C3B NDP H . -55.59 10.01 24.45
O3B NDP H . -55.46 9.21 23.35
C2B NDP H . -54.59 9.69 25.59
O2B NDP H . -53.28 9.23 25.04
C1B NDP H . -54.42 10.84 26.22
N9A NDP H . -55.16 10.95 27.48
C8A NDP H . -56.39 11.31 27.86
N7A NDP H . -56.46 11.20 29.21
C5A NDP H . -55.25 10.79 29.65
C6A NDP H . -54.78 10.53 30.92
N6A NDP H . -55.36 10.58 32.26
N1A NDP H . -53.53 10.13 31.11
C2A NDP H . -52.72 9.97 30.04
N3A NDP H . -53.17 10.21 28.77
C4A NDP H . -54.44 10.64 28.58
O3 NDP H . -58.24 14.74 23.40
PN NDP H . -58.82 15.78 22.23
O1N NDP H . -58.59 15.24 20.82
O2N NDP H . -60.31 16.04 22.44
O5D NDP H . -57.97 17.21 22.39
C5D NDP H . -56.64 17.31 21.92
C4D NDP H . -56.30 18.84 21.96
O4D NDP H . -57.13 19.43 21.14
C3D NDP H . -56.55 19.47 23.35
O3D NDP H . -55.63 20.44 23.61
C2D NDP H . -57.99 20.05 23.26
O2D NDP H . -58.20 21.21 24.21
C1D NDP H . -58.07 20.44 22.01
N1N NDP H . -59.43 20.44 21.46
C2N NDP H . -59.78 21.45 20.54
C3N NDP H . -61.14 21.52 19.89
C7N NDP H . -61.52 22.85 19.18
O7N NDP H . -60.68 23.63 18.89
N7N NDP H . -62.90 23.10 18.82
C4N NDP H . -62.26 20.50 20.20
C5N NDP H . -61.90 19.64 21.46
C6N NDP H . -60.40 19.43 21.80
P2B NDP H . -53.13 7.81 24.20
O1X NDP H . -53.68 7.98 22.81
O2X NDP H . -51.67 7.44 24.08
O3X NDP H . -53.91 6.76 24.95
H51A NDP H . -56.04 13.07 23.11
H52A NDP H . -56.59 11.68 22.58
H4B NDP H . -54.37 11.49 23.62
H3B NDP H . -56.51 9.99 24.79
HO3A NDP H . -56.02 9.44 22.75
H2B NDP H . -54.97 9.03 26.19
H1B NDP H . -53.47 11.00 26.37
H8A NDP H . -57.09 11.57 27.30
H61A NDP H . -54.90 10.33 32.94
H62A NDP H . -56.16 10.86 32.36
H2A NDP H . -51.83 9.68 30.16
H51N NDP H . -56.57 16.98 21.01
H52N NDP H . -56.03 16.81 22.51
H4D NDP H . -55.38 18.99 21.68
H3D NDP H . -56.51 18.80 24.05
HO3N NDP H . -55.36 20.37 24.42
H2D NDP H . -58.64 19.35 23.44
HO2N NDP H . -57.71 21.86 23.98
H1D NDP H . -57.71 21.34 21.94
H2N NDP H . -59.15 22.11 20.33
H71N NDP H . -63.11 23.83 18.42
H72N NDP H . -63.51 22.53 19.04
H41N NDP H . -62.37 19.91 19.44
H42N NDP H . -63.09 20.97 20.36
H5N NDP H . -62.55 19.47 22.10
H6N NDP H . -60.13 18.63 22.21
C10 GNU I . 18.42 -42.85 10.02
C13 GNU I . 19.79 -44.37 5.44
C15 GNU I . 20.07 -45.71 5.64
C17 GNU I . 19.31 -43.97 4.19
C20 GNU I . 18.85 -41.25 13.47
C21 GNU I . 19.09 -44.90 3.19
C22 GNU I . 20.73 -42.71 13.07
C24 GNU I . 20.05 -41.82 13.90
C26 GNU I . 17.40 -39.33 13.81
O01 GNU I . 17.42 -42.07 5.78
O02 GNU I . 20.71 -40.87 7.86
O03 GNU I . 20.10 -47.99 4.79
O04 GNU I . 18.18 -40.37 14.34
O05 GNU I . 19.16 -47.21 2.42
O06 GNU I . 20.59 -41.50 15.15
C07 GNU I . 18.89 -42.96 7.49
C08 GNU I . 19.45 -42.62 8.90
C09 GNU I . 20.06 -43.36 6.56
C11 GNU I . 18.14 -41.74 6.93
C12 GNU I . 19.90 -41.14 8.97
C14 GNU I . 19.01 -42.50 11.39
C16 GNU I . 18.33 -41.61 12.23
C18 GNU I . 20.20 -43.04 11.82
C19 GNU I . 19.86 -46.63 4.63
C23 GNU I . 19.37 -46.23 3.40
C25 GNU I . 21.01 -48.42 5.77
H101 GNU I . 17.64 -42.30 9.85
H102 GNU I . 18.16 -43.79 10.01
H151 GNU I . 20.40 -45.99 6.46
H171 GNU I . 19.12 -43.07 4.03
H211 GNU I . 18.76 -44.62 2.37
H221 GNU I . 21.53 -43.07 13.35
H263 GNU I . 17.75 -38.48 14.09
H262 GNU I . 16.48 -39.41 14.12
H261 GNU I . 17.40 -39.39 12.84
H011 GNU I . 17.89 -41.93 5.08
H021 GNU I . 20.74 -40.02 7.73
H051 GNU I . 18.36 -47.50 2.46
H061 GNU I . 20.36 -42.08 15.73
H071 GNU I . 18.27 -43.70 7.57
H081 GNU I . 20.23 -43.18 9.07
H092 GNU I . 20.77 -43.71 7.12
H091 GNU I . 20.40 -42.54 6.16
H111 GNU I . 17.52 -41.40 7.60
H112 GNU I . 18.78 -41.04 6.70
H121 GNU I . 19.12 -40.57 8.96
H122 GNU I . 20.40 -41.00 9.79
H161 GNU I . 17.52 -41.24 11.94
H181 GNU I . 20.67 -43.63 11.27
H252 GNU I . 21.64 -49.05 5.37
H251 GNU I . 20.52 -48.86 6.48
H253 GNU I . 21.49 -47.66 6.12
PA NDP J . 23.40 -35.81 1.42
O1A NDP J . 22.23 -35.59 2.35
O2A NDP J . 24.71 -35.69 2.15
O5B NDP J . 23.26 -34.68 0.18
C5B NDP J . 24.16 -34.86 -0.86
C4B NDP J . 24.01 -33.90 -2.09
O4B NDP J . 22.93 -34.26 -2.72
C3B NDP J . 23.75 -32.40 -1.85
O3B NDP J . 24.85 -31.65 -1.51
C2B NDP J . 23.25 -32.01 -3.26
O2B NDP J . 24.33 -31.97 -4.30
C1B NDP J . 22.49 -33.01 -3.62
N9A NDP J . 21.08 -32.86 -3.34
C8A NDP J . 20.28 -33.08 -2.30
N7A NDP J . 19.04 -32.78 -2.68
C5A NDP J . 19.07 -32.39 -3.96
C6A NDP J . 18.06 -31.99 -4.80
N6A NDP J . 16.61 -31.83 -4.61
N1A NDP J . 18.33 -31.64 -6.06
C2A NDP J . 19.61 -31.69 -6.49
N3A NDP J . 20.62 -32.09 -5.67
C4A NDP J . 20.34 -32.44 -4.39
O3 NDP J . 23.34 -37.35 0.85
PN NDP J . 24.01 -38.65 1.63
O1N NDP J . 25.52 -38.65 1.48
O2N NDP J . 23.60 -38.71 3.08
O5D NDP J . 23.36 -39.93 0.85
C5D NDP J . 24.00 -40.37 -0.32
C4D NDP J . 23.50 -41.82 -0.52
O4D NDP J . 23.86 -42.54 0.50
C3D NDP J . 21.96 -41.83 -0.58
O3D NDP J . 21.55 -42.61 -1.63
C2D NDP J . 21.52 -42.37 0.80
O2D NDP J . 20.24 -43.14 0.77
C1D NDP J . 22.52 -43.14 1.18
N1N NDP J . 22.73 -43.16 2.61
C2N NDP J . 22.80 -44.42 3.26
C3N NDP J . 23.28 -44.52 4.68
C7N NDP J . 23.51 -45.91 5.29
O7N NDP J . 23.61 -46.87 4.58
N7N NDP J . 23.63 -46.01 6.73
C4N NDP J . 23.23 -43.30 5.65
C5N NDP J . 22.86 -41.98 4.91
C6N NDP J . 22.88 -41.95 3.36
P2B NDP J . 25.61 -30.97 -4.29
O1X NDP J . 26.66 -31.50 -3.37
O2X NDP J . 26.20 -30.77 -5.64
O3X NDP J . 25.11 -29.62 -3.82
H51A NDP J . 24.08 -35.77 -1.18
H52A NDP J . 25.05 -34.75 -0.51
H4B NDP J . 24.78 -34.00 -2.68
H3B NDP J . 23.04 -32.29 -1.19
HO3A NDP J . 25.51 -32.17 -1.36
H2B NDP J . 22.75 -31.18 -3.24
H1B NDP J . 22.64 -33.22 -4.56
H8A NDP J . 20.55 -33.37 -1.47
H61A NDP J . 16.13 -31.49 -5.24
H62A NDP J . 16.25 -32.05 -3.87
H2A NDP J . 19.80 -31.45 -7.37
H51N NDP J . 24.96 -40.38 -0.19
H52N NDP J . 23.76 -39.81 -1.07
H4D NDP J . 23.86 -42.20 -1.34
H3D NDP J . 21.63 -40.92 -0.71
HO3N NDP J . 20.94 -42.21 -2.07
H2D NDP J . 21.44 -41.62 1.43
HO2N NDP J . 20.34 -43.85 0.31
H1D NDP J . 22.37 -44.04 0.86
H2N NDP J . 22.54 -45.18 2.82
H71N NDP J . 23.76 -46.78 7.09
H72N NDP J . 23.57 -45.31 7.22
H41N NDP J . 24.11 -43.20 6.06
H42N NDP J . 22.58 -43.48 6.34
H5N NDP J . 22.78 -41.18 5.38
H6N NDP J . 22.94 -41.13 2.92
C10 GNU K . 17.85 16.59 -51.92
C13 GNU K . 16.44 13.83 -48.02
C15 GNU K . 15.92 12.68 -48.62
C17 GNU K . 17.01 13.73 -46.75
C20 GNU K . 17.82 19.44 -54.51
C21 GNU K . 17.09 12.50 -46.10
C22 GNU K . 15.59 18.55 -54.31
C24 GNU K . 16.48 19.44 -54.88
C26 GNU K . 19.61 19.87 -56.04
O01 GNU K . 19.20 14.82 -48.12
O02 GNU K . 17.00 18.12 -48.62
O03 GNU K . 15.51 10.29 -48.53
O04 GNU K . 18.69 20.38 -55.11
O05 GNU K . 16.66 10.13 -46.09
O06 GNU K . 16.01 20.35 -55.84
C07 GNU K . 17.50 15.53 -49.68
C08 GNU K . 17.07 16.72 -50.60
C09 GNU K . 16.35 15.19 -48.72
C11 GNU K . 18.79 15.89 -48.93
C12 GNU K . 17.39 18.09 -49.98
C14 GNU K . 17.38 17.62 -52.96
C16 GNU K . 18.27 18.53 -53.54
C18 GNU K . 16.04 17.63 -53.35
C19 GNU K . 16.01 11.46 -47.96
C23 GNU K . 16.60 11.38 -46.72
C25 GNU K . 14.21 10.37 -49.07
H101 GNU K . 18.79 16.74 -51.74
H102 GNU K . 17.73 15.71 -52.28
H151 GNU K . 15.53 12.74 -49.45
H171 GNU K . 17.35 14.49 -46.34
H211 GNU K . 17.49 12.45 -45.26
H221 GNU K . 14.71 18.55 -54.56
H263 GNU K . 19.47 20.30 -56.90
H262 GNU K . 19.47 18.91 -56.15
H261 GNU K . 20.51 20.04 -55.74
H011 GNU K . 19.26 15.08 -47.31
H021 GNU K . 16.82 18.92 -48.41
H051 GNU K . 17.36 9.72 -46.34
H061 GNU K . 15.88 19.94 -56.57
H071 GNU K . 17.67 14.76 -50.24
H081 GNU K . 16.13 16.65 -50.78
H092 GNU K . 15.51 15.22 -49.22
H091 GNU K . 16.31 15.89 -48.04
H111 GNU K . 19.49 16.09 -49.56
H112 GNU K . 18.63 16.66 -48.37
H121 GNU K . 18.33 18.26 -50.05
H122 GNU K . 16.89 18.77 -50.47
H161 GNU K . 19.16 18.52 -53.29
H181 GNU K . 15.44 17.03 -52.97
H252 GNU K . 13.67 9.63 -48.74
H251 GNU K . 14.25 10.32 -50.04
H253 GNU K . 13.80 11.21 -48.80
PA NDP L . 15.53 21.50 -41.18
O1A NDP L . 16.63 21.82 -42.20
O2A NDP L . 14.25 22.22 -41.55
O5B NDP L . 16.07 21.92 -39.65
C5B NDP L . 15.19 21.53 -38.61
C4B NDP L . 15.54 22.09 -37.21
O4B NDP L . 16.51 21.36 -36.70
C3B NDP L . 16.09 23.53 -37.16
O3B NDP L . 15.10 24.47 -37.27
C2B NDP L . 16.69 23.51 -35.73
O2B NDP L . 15.60 23.33 -34.71
C1B NDP L . 17.28 22.35 -35.68
N9A NDP L . 18.66 22.34 -36.13
C8A NDP L . 19.33 22.36 -37.29
N7A NDP L . 20.64 22.29 -37.01
C5A NDP L . 20.76 22.21 -35.66
C6A NDP L . 21.89 22.09 -34.84
N6A NDP L . 23.33 22.04 -35.12
N1A NDP L . 21.75 22.03 -33.51
C2A NDP L . 20.50 22.05 -32.96
N3A NDP L . 19.39 22.15 -33.75
C4A NDP L . 19.53 22.23 -35.09
O3 NDP L . 15.24 19.85 -41.12
PN NDP L . 14.07 18.90 -41.86
O1N NDP L . 12.66 19.21 -41.37
O2N NDP L . 14.11 19.02 -43.37
O5D NDP L . 14.56 17.35 -41.44
C5D NDP L . 13.98 16.57 -40.41
C4D NDP L . 14.07 15.06 -40.87
O4D NDP L . 13.53 14.99 -42.06
C3D NDP L . 15.54 14.55 -41.03
O3D NDP L . 15.73 13.33 -40.47
C2D NDP L . 15.80 14.48 -42.55
O2D NDP L . 16.77 13.39 -42.91
C1D NDP L . 14.59 14.26 -43.04
N1N NDP L . 14.45 14.80 -44.38
C2N NDP L . 14.05 13.98 -45.46
C3N NDP L . 13.49 14.57 -46.73
C7N NDP L . 12.82 13.61 -47.74
O7N NDP L . 12.12 12.73 -47.37
N7N NDP L . 13.07 13.77 -49.16
C4N NDP L . 13.76 16.06 -47.10
C5N NDP L . 14.62 16.81 -46.03
C6N NDP L . 14.68 16.22 -44.60
P2B NDP L . 14.97 24.55 -33.85
O1X NDP L . 13.68 25.01 -34.49
O2X NDP L . 14.64 24.04 -32.47
O3X NDP L . 15.99 25.68 -33.82
H51A NDP L . 15.19 20.56 -38.56
H52A NDP L . 14.30 21.83 -38.85
H4B NDP L . 14.76 22.03 -36.62
H3B NDP L . 16.78 23.66 -37.82
HO3A NDP L . 14.47 24.28 -36.74
H2B NDP L . 17.28 24.24 -35.54
H1B NDP L . 17.23 22.00 -34.77
H8A NDP L . 18.95 22.44 -38.13
H61A NDP L . 23.90 22.05 -34.47
H62A NDP L . 23.61 22.00 -35.93
H2A NDP L . 20.40 21.99 -32.04
H51N NDP L . 13.05 16.82 -40.29
H52N NDP L . 14.47 16.69 -39.58
H4D NDP L . 13.59 14.49 -40.26
H3D NDP L . 16.15 15.19 -40.63
HO3N NDP L . 16.50 13.30 -40.10
H2D NDP L . 16.11 15.33 -42.87
HO2N NDP L . 16.42 12.64 -42.75
H1D NDP L . 14.42 13.30 -43.07
H2N NDP L . 14.15 13.04 -45.39
H71N NDP L . 12.70 13.23 -49.72
H72N NDP L . 13.58 14.41 -49.43
H41N NDP L . 12.91 16.51 -47.21
H42N NDP L . 14.24 16.08 -47.95
H5N NDP L . 14.86 17.71 -46.18
H6N NDP L . 14.86 16.78 -43.87
C10 GNU M . 0.75 -4.31 8.93
C13 GNU M . -3.70 -6.10 10.69
C15 GNU M . -3.82 -7.20 9.83
C17 GNU M . -4.32 -6.16 11.95
C20 GNU M . 3.54 -1.84 8.11
C21 GNU M . -5.04 -7.26 12.34
C22 GNU M . 2.11 -2.02 6.17
C24 GNU M . 3.22 -1.48 6.81
C26 GNU M . 5.00 -1.38 10.06
O01 GNU M . -1.32 -7.31 10.82
O02 GNU M . -1.93 -2.25 10.52
O03 GNU M . -4.75 -9.51 9.45
O04 GNU M . 4.68 -1.26 8.69
O05 GNU M . -5.89 -9.48 11.84
O06 GNU M . 4.04 -0.56 6.13
C07 GNU M . -1.53 -5.16 9.66
C08 GNU M . -0.71 -3.90 9.24
C09 GNU M . -2.87 -4.83 10.36
C11 GNU M . -0.70 -6.08 10.59
C12 GNU M . -0.66 -2.82 10.34
C14 GNU M . 1.59 -3.29 8.15
C16 GNU M . 2.72 -2.76 8.79
C18 GNU M . 1.29 -2.93 6.84
C19 GNU M . -4.57 -8.34 10.22
C23 GNU M . -5.16 -8.35 11.48
C25 GNU M . -5.21 -9.47 8.13
H101 GNU M . 1.19 -4.48 9.77
H102 GNU M . 0.72 -5.13 8.42
H151 GNU M . -3.40 -7.19 9.00
H171 GNU M . -4.24 -5.43 12.52
H211 GNU M . -5.45 -7.29 13.17
H221 GNU M . 1.90 -1.77 5.30
H263 GNU M . 5.88 -1.80 10.15
H262 GNU M . 4.33 -1.94 10.50
H261 GNU M . 5.02 -0.51 10.47
H011 GNU M . -1.64 -7.33 11.60
H021 GNU M . -1.94 -1.47 10.19
H051 GNU M . -5.36 -10.09 12.11
H061 GNU M . 4.44 -0.95 5.49
H071 GNU M . -1.74 -5.66 8.85
H081 GNU M . -1.10 -3.52 8.45
H092 GNU M . -3.40 -4.25 9.78
H091 GNU M . -2.69 -4.35 11.18
H111 GNU M . 0.16 -6.23 10.19
H112 GNU M . -0.58 -5.63 11.44
H121 GNU M . -0.37 -3.23 11.17
H122 GNU M . -0.03 -2.13 10.08
H161 GNU M . 2.92 -3.01 9.65
H181 GNU M . 0.55 -3.29 6.42
H252 GNU M . -4.50 -9.70 7.53
H251 GNU M . -5.54 -8.58 7.94
H253 GNU M . -5.94 -10.11 8.04
PA NDP N . -8.79 2.35 12.83
O1A NDP N . -7.35 2.45 13.31
O2A NDP N . -9.02 3.18 11.59
O5B NDP N . -9.84 2.85 14.04
C5B NDP N . -10.14 4.22 14.17
C4B NDP N . -11.59 4.35 14.76
O4B NDP N . -11.82 3.42 15.66
C3B NDP N . -11.66 5.71 15.48
O3B NDP N . -12.25 6.60 14.64
C2B NDP N . -12.46 5.44 16.79
O2B NDP N . -13.94 5.69 16.71
C1B NDP N . -12.33 4.15 17.02
N9A NDP N . -11.37 3.80 18.06
C8A NDP N . -10.11 3.34 18.09
N7A NDP N . -9.75 3.16 19.37
C5A NDP N . -10.79 3.51 20.16
C6A NDP N . -10.95 3.51 21.55
N6A NDP N . -10.08 3.16 22.69
N1A NDP N . -12.09 3.92 22.09
C2A NDP N . -13.11 4.30 21.28
N3A NDP N . -12.99 4.29 19.91
C4A NDP N . -11.80 3.90 19.35
O3 NDP N . -9.15 0.75 12.51
PN NDP N . -9.39 0.15 10.97
O1N NDP N . -10.63 0.77 10.35
O2N NDP N . -8.19 0.43 10.07
O5D NDP N . -9.61 -1.49 11.13
C5D NDP N . -10.83 -1.89 11.74
C4D NDP N . -10.84 -3.44 11.82
O4D NDP N . -10.25 -3.84 10.72
C3D NDP N . -10.02 -4.03 12.99
O3D NDP N . -10.69 -5.10 13.52
C2D NDP N . -8.66 -4.42 12.38
O2D NDP N . -7.99 -5.57 13.09
C1D NDP N . -8.95 -4.74 11.13
N1N NDP N . -7.85 -4.47 10.22
C2N NDP N . -7.37 -5.51 9.36
C3N NDP N . -6.38 -5.20 8.27
C7N NDP N . -6.12 -6.14 7.09
O7N NDP N . -6.70 -7.16 6.98
N7N NDP N . -5.19 -5.70 6.06
C4N NDP N . -5.55 -3.88 8.26
C5N NDP N . -5.91 -2.90 9.43
C6N NDP N . -7.26 -3.15 10.15
P2B NDP N . -14.67 6.95 15.97
O1X NDP N . -14.66 6.73 14.47
O2X NDP N . -16.12 7.03 16.41
O3X NDP N . -13.94 8.23 16.35
H51A NDP N . -10.10 4.65 13.31
H52A NDP N . -9.50 4.63 14.78
H4B NDP N . -12.24 4.31 14.05
H3B NDP N . -10.77 6.01 15.70
HO3A NDP N . -11.67 6.92 14.10
H2B NDP N . -12.06 5.95 17.51
H1B NDP N . -13.21 3.79 17.26
H8A NDP N . -9.58 3.17 17.35
H61A NDP N . -10.37 3.23 23.49
H62A NDP N . -9.28 2.88 22.55
H2A NDP N . -13.92 4.58 21.66
H51N NDP N . -11.58 -1.57 11.21
H52N NDP N . -10.89 -1.52 12.64
H4D NDP N . -11.75 -3.77 11.84
H3D NDP N . -9.89 -3.35 13.68
HO3N NDP N . -10.69 -5.04 14.36
H2D NDP N . -8.07 -3.65 12.39
HO2N NDP N . -8.47 -6.25 13.04
H1D NDP N . -9.17 -5.67 11.09
H2N NDP N . -7.71 -6.37 9.45
H71N NDP N . -5.03 -6.20 5.38
H72N NDP N . -4.79 -4.94 6.14
H41N NDP N . -5.72 -3.43 7.41
H42N NDP N . -4.61 -4.11 8.31
H5N NDP N . -5.52 -2.06 9.47
H6N NDP N . -7.71 -2.43 10.55
C10 GNU O . -7.31 28.69 17.12
C13 GNU O . -5.26 30.27 12.89
C15 GNU O . -5.91 31.50 12.69
C17 GNU O . -3.96 30.12 12.38
C20 GNU O . -8.97 25.99 19.31
C21 GNU O . -3.32 31.16 11.71
C22 GNU O . -10.59 26.86 17.78
C24 GNU O . -10.25 26.00 18.81
C26 GNU O . -8.24 25.70 21.55
O01 GNU O . -3.37 29.34 14.96
O02 GNU O . -5.73 25.98 15.04
O03 GNU O . -5.86 33.80 11.77
O04 GNU O . -8.67 25.11 20.35
O05 GNU O . -3.34 33.43 10.86
O06 GNU O . -11.22 25.16 19.33
C07 GNU O . -5.77 29.01 15.15
C08 GNU O . -6.83 28.07 15.78
C09 GNU O . -5.95 29.10 13.62
C11 GNU O . -4.37 28.55 15.54
C12 GNU O . -6.36 26.62 16.10
C14 GNU O . -8.35 27.73 17.73
C16 GNU O . -8.01 26.85 18.77
C18 GNU O . -9.65 27.73 17.24
C19 GNU O . -5.27 32.54 12.00
C23 GNU O . -3.98 32.37 11.53
C25 GNU O . -7.24 33.88 11.48
H101 GNU O . -6.55 28.79 17.72
H102 GNU O . -7.72 29.55 16.95
H151 GNU O . -6.78 31.62 13.00
H171 GNU O . -3.51 29.31 12.51
H211 GNU O . -2.46 31.05 11.40
H221 GNU O . -11.46 26.87 17.44
H263 GNU O . -8.83 25.45 22.27
H262 GNU O . -8.24 26.66 21.45
H261 GNU O . -7.34 25.39 21.75
H011 GNU O . -2.85 28.84 14.50
H021 GNU O . -5.75 25.14 15.17
H051 GNU O . -3.06 34.00 11.42
H061 GNU O . -11.65 25.56 19.93
H071 GNU O . -5.91 29.91 15.52
H081 GNU O . -7.59 28.01 15.18
H092 GNU O . -6.91 29.15 13.44
H091 GNU O . -5.63 28.26 13.24
H111 GNU O . -4.28 28.60 16.51
H112 GNU O . -4.25 27.63 15.25
H121 GNU O . -5.74 26.68 16.85
H122 GNU O . -7.13 26.10 16.37
H161 GNU O . -7.15 26.85 19.11
H181 GNU O . -9.88 28.30 16.54
H252 GNU O . -7.37 34.43 10.70
H251 GNU O . -7.71 34.27 12.23
H253 GNU O . -7.59 32.99 11.31
PA NDP P . -2.00 21.64 8.12
O1A NDP P . -1.80 21.59 9.62
O2A NDP P . -3.31 20.98 7.72
O5B NDP P . -0.71 20.90 7.38
C5B NDP P . -0.67 21.11 5.99
C4B NDP P . 0.58 20.44 5.35
O4B NDP P . 1.68 21.07 5.70
C3B NDP P . 0.87 19.02 5.86
O3B NDP P . -0.04 18.14 5.34
C2B NDP P . 2.29 18.85 5.28
O2B NDP P . 2.22 18.76 3.79
C1B NDP P . 2.89 20.00 5.50
N9A NDP P . 3.69 20.12 6.71
C8A NDP P . 3.44 20.35 8.00
N7A NDP P . 4.60 20.38 8.66
C5A NDP P . 5.58 20.17 7.77
C6A NDP P . 6.95 20.11 7.95
N6A NDP P . 7.81 20.25 9.14
N1A NDP P . 7.75 19.89 6.91
C2A NDP P . 7.20 19.72 5.67
N3A NDP P . 5.85 19.78 5.48
C4A NDP P . 5.03 20.01 6.54
O3 NDP P . -2.06 23.24 7.66
PN NDP P . -3.45 24.14 7.72
O1N NDP P . -4.37 23.79 6.56
O2N NDP P . -4.14 23.93 9.06
O5D NDP P . -2.97 25.72 7.57
C5D NDP P . -2.39 26.09 6.33
C4D NDP P . -2.34 27.65 6.30
O4D NDP P . -3.53 28.06 6.64
C3D NDP P . -1.37 28.26 7.35
O3D NDP P . -0.77 29.39 6.87
C2D NDP P . -2.26 28.60 8.57
O2D NDP P . -1.68 29.74 9.38
C1D NDP P . -3.39 28.95 8.00
N1N NDP P . -4.54 28.72 8.83
C2N NDP P . -5.41 29.81 9.08
C3N NDP P . -6.79 29.57 9.63
C7N NDP P . -7.71 30.79 9.76
O7N NDP P . -7.58 31.73 9.04
N7N NDP P . -8.75 30.79 10.78
C4N NDP P . -7.06 28.35 10.54
C5N NDP P . -5.94 27.26 10.45
C6N NDP P . -4.84 27.41 9.38
P2B NDP P . 1.93 17.38 2.96
O1X NDP P . 0.53 17.43 2.44
O2X NDP P . 2.88 17.32 1.80
O3X NDP P . 2.16 16.21 3.88
H51A NDP P . -0.64 22.06 5.81
H52A NDP P . -1.46 20.73 5.58
H4B NDP P . 0.51 20.43 4.38
H3B NDP P . 0.88 18.99 6.83
HO3A NDP P . -0.16 18.32 4.52
H2B NDP P . 2.77 18.11 5.68
H1B NDP P . 3.41 20.25 4.72
H8A NDP P . 2.59 20.47 8.38
H61A NDP P . 8.66 20.16 9.06
H62A NDP P . 7.46 20.43 9.90
H2A NDP P . 7.76 19.57 4.94
H51N NDP P . -2.95 25.77 5.60
H52N NDP P . -1.50 25.73 6.26
H4D NDP P . -2.11 27.97 5.41
H3D NDP P . -0.70 27.60 7.60
HO3N NDP P . 0.07 29.37 7.05
H2D NDP P . -2.38 27.81 9.12
HO2N NDP P . -1.57 30.42 8.88
H1D NDP P . -3.34 29.88 7.76
H2N NDP P . -5.13 30.67 8.91
H71N NDP P . -9.27 31.47 10.86
H72N NDP P . -8.85 30.11 11.29
H41N NDP P . -7.91 27.95 10.27
H42N NDP P . -7.13 28.66 11.45
H5N NDP P . -6.07 26.43 10.87
H6N NDP P . -4.31 26.68 9.14
C10 GNU Q . 27.47 -9.90 4.33
C13 GNU Q . 30.09 -9.78 8.51
C15 GNU Q . 31.04 -8.81 8.23
C17 GNU Q . 29.66 -9.92 9.82
C20 GNU Q . 26.11 -11.52 1.16
C21 GNU Q . 30.16 -9.10 10.84
C22 GNU Q . 28.50 -11.42 0.98
C24 GNU Q . 27.26 -11.77 0.45
C26 GNU Q . 23.66 -11.61 1.09
O01 GNU Q . 26.86 -10.08 8.76
O02 GNU Q . 27.50 -13.01 6.18
O03 GNU Q . 32.51 -6.97 9.01
O04 GNU Q . 24.91 -11.92 0.54
O05 GNU Q . 31.62 -7.29 11.55
O06 GNU Q . 27.21 -12.34 -0.81
C07 GNU Q . 28.19 -10.27 6.75
C08 GNU Q . 28.11 -10.87 5.32
C09 GNU Q . 29.56 -10.68 7.37
C11 GNU Q . 27.04 -10.80 7.61
C12 GNU Q . 27.21 -12.11 5.19
C14 GNU Q . 27.42 -10.57 2.94
C16 GNU Q . 26.20 -10.94 2.40
C18 GNU Q . 28.58 -10.82 2.23
C19 GNU Q . 31.55 -7.98 9.24
C23 GNU Q . 31.11 -8.13 10.55
C25 GNU Q . 33.29 -7.01 7.86
H101 GNU Q . 26.58 -9.67 4.61
H102 GNU Q . 28.01 -9.09 4.28
H151 GNU Q . 31.34 -8.69 7.35
H171 GNU Q . 29.02 -10.57 10.03
H211 GNU Q . 29.85 -9.21 11.71
H221 GNU Q . 29.28 -11.58 0.49
H263 GNU Q . 23.15 -11.10 0.43
H262 GNU Q . 23.77 -11.08 1.89
H261 GNU Q . 23.19 -12.43 1.30
H011 GNU Q . 26.74 -10.61 9.41
H021 GNU Q . 27.09 -13.74 6.04
H051 GNU Q . 31.18 -6.56 11.55
H061 GNU Q . 27.25 -11.74 -1.41
H071 GNU Q . 28.14 -9.30 6.70
H081 GNU Q . 29.00 -11.10 5.01
H092 GNU Q . 30.22 -10.68 6.65
H091 GNU Q . 29.47 -11.58 7.71
H111 GNU Q . 26.23 -10.78 7.10
H112 GNU Q . 27.23 -11.72 7.85
H121 GNU Q . 26.27 -11.84 5.27
H122 GNU Q . 27.35 -12.53 4.33
H161 GNU Q . 25.42 -10.76 2.88
H181 GNU Q . 29.41 -10.58 2.58
H252 GNU Q . 34.23 -6.89 8.10
H251 GNU Q . 33.02 -6.30 7.27
H253 GNU Q . 33.18 -7.86 7.42
PA NDP R . 29.26 -19.36 12.44
O1A NDP R . 28.05 -18.80 11.74
O2A NDP R . 30.10 -20.24 11.57
O5B NDP R . 28.70 -20.10 13.82
C5B NDP R . 29.76 -20.53 14.63
C4B NDP R . 29.32 -21.26 15.93
O4B NDP R . 28.61 -20.45 16.66
C3B NDP R . 28.38 -22.47 15.76
O3B NDP R . 29.05 -23.59 15.36
C2B NDP R . 27.90 -22.66 17.22
O2B NDP R . 28.92 -23.30 18.09
C1B NDP R . 27.80 -21.41 17.66
N9A NDP R . 26.50 -20.79 17.58
C8A NDP R . 25.79 -20.15 16.66
N7A NDP R . 24.64 -19.77 17.21
C5A NDP R . 24.67 -20.18 18.50
C6A NDP R . 23.74 -20.02 19.51
N6A NDP R . 22.42 -19.39 19.55
N1A NDP R . 23.98 -20.52 20.72
C2A NDP R . 25.16 -21.17 20.95
N3A NDP R . 26.09 -21.30 19.96
C4A NDP R . 25.82 -20.80 18.74
O3 NDP R . 30.25 -18.13 12.91
PN NDP R . 31.15 -17.19 11.89
O1N NDP R . 32.48 -17.85 11.62
O2N NDP R . 30.43 -16.89 10.60
O5D NDP R . 31.32 -15.77 12.70
C5D NDP R . 32.09 -15.75 13.89
C4D NDP R . 32.51 -14.27 14.10
O4D NDP R . 33.02 -13.86 12.97
C3D NDP R . 31.29 -13.37 14.40
O3D NDP R . 31.62 -12.40 15.29
C2D NDP R . 30.95 -12.78 13.02
O2D NDP R . 30.13 -11.53 13.12
C1D NDP R . 32.14 -12.59 12.52
N1N NDP R . 32.14 -12.55 11.07
C2N NDP R . 32.72 -11.46 10.39
C3N NDP R . 33.17 -11.67 8.96
C7N NDP R . 34.02 -10.59 8.30
O7N NDP R . 34.80 -9.93 8.91
N7N NDP R . 33.79 -10.41 6.88
C4N NDP R . 32.35 -12.55 8.01
C5N NDP R . 31.53 -13.60 8.80
C6N NDP R . 31.58 -13.64 10.33
P2B NDP R . 29.45 -24.85 18.02
O1X NDP R . 30.65 -24.94 17.14
O2X NDP R . 29.85 -25.35 19.36
O3X NDP R . 28.35 -25.75 17.54
H51A NDP R . 30.28 -19.74 14.89
H52A NDP R . 30.33 -21.11 14.12
H4B NDP R . 30.10 -21.54 16.43
H3B NDP R . 27.64 -22.27 15.17
HO3A NDP R . 29.89 -23.46 15.43
H2B NDP R . 27.04 -23.11 17.26
H1B NDP R . 28.16 -21.34 18.56
H8A NDP R . 26.05 -20.00 15.77
H61A NDP R . 21.95 -19.41 20.27
H62A NDP R . 22.11 -18.99 18.85
H2A NDP R . 25.34 -21.51 21.80
H51N NDP R . 32.88 -16.32 13.79
H52N NDP R . 31.55 -16.06 14.64
H4D NDP R . 33.17 -14.20 14.82
H3D NDP R . 30.55 -13.91 14.72
HO3N NDP R . 31.05 -12.40 15.93
H2D NDP R . 30.47 -13.45 12.50
HO2N NDP R . 30.63 -10.88 13.33
H1D NDP R . 32.52 -11.77 12.87
H2N NDP R . 32.97 -10.69 10.84
H71N NDP R . 34.24 -9.82 6.45
H72N NDP R . 33.22 -10.91 6.48
H41N NDP R . 32.95 -13.00 7.39
H42N NDP R . 31.74 -11.99 7.50
H5N NDP R . 31.01 -14.22 8.34
H6N NDP R . 31.24 -14.38 10.79
#